data_5S91
# 
_entry.id   5S91 
# 
_audit_conform.dict_name       mmcif_pdbx.dic 
_audit_conform.dict_version    5.387 
_audit_conform.dict_location   http://mmcif.pdb.org/dictionaries/ascii/mmcif_pdbx.dic 
# 
loop_
_database_2.database_id 
_database_2.database_code 
_database_2.pdbx_database_accession 
_database_2.pdbx_DOI 
PDB   5S91         pdb_00005s91 10.2210/pdb5s91/pdb 
WWPDB D_1001404210 ?            ?                   
# 
loop_
_pdbx_audit_revision_history.ordinal 
_pdbx_audit_revision_history.data_content_type 
_pdbx_audit_revision_history.major_revision 
_pdbx_audit_revision_history.minor_revision 
_pdbx_audit_revision_history.revision_date 
1 'Structure model' 1 0 2021-02-17 
2 'Structure model' 1 1 2024-03-06 
# 
_pdbx_audit_revision_details.ordinal             1 
_pdbx_audit_revision_details.revision_ordinal    1 
_pdbx_audit_revision_details.data_content_type   'Structure model' 
_pdbx_audit_revision_details.provider            repository 
_pdbx_audit_revision_details.type                'Initial release' 
_pdbx_audit_revision_details.description         ? 
_pdbx_audit_revision_details.details             ? 
# 
loop_
_pdbx_audit_revision_group.ordinal 
_pdbx_audit_revision_group.revision_ordinal 
_pdbx_audit_revision_group.data_content_type 
_pdbx_audit_revision_group.group 
1 2 'Structure model' 'Data collection'     
2 2 'Structure model' 'Database references' 
# 
loop_
_pdbx_audit_revision_category.ordinal 
_pdbx_audit_revision_category.revision_ordinal 
_pdbx_audit_revision_category.data_content_type 
_pdbx_audit_revision_category.category 
1 2 'Structure model' chem_comp_atom 
2 2 'Structure model' chem_comp_bond 
3 2 'Structure model' database_2     
# 
loop_
_pdbx_audit_revision_item.ordinal 
_pdbx_audit_revision_item.revision_ordinal 
_pdbx_audit_revision_item.data_content_type 
_pdbx_audit_revision_item.item 
1 2 'Structure model' '_database_2.pdbx_DOI'                
2 2 'Structure model' '_database_2.pdbx_database_accession' 
# 
_pdbx_database_status.entry_id                        5S91 
_pdbx_database_status.status_code                     REL 
_pdbx_database_status.status_code_sf                  REL 
_pdbx_database_status.status_code_mr                  ? 
_pdbx_database_status.status_code_cs                  ? 
_pdbx_database_status.recvd_initial_deposition_date   2021-01-22 
_pdbx_database_status.status_code_nmr_data            ? 
_pdbx_database_status.deposit_site                    RCSB 
_pdbx_database_status.process_site                    RCSB 
_pdbx_database_status.SG_entry                        ? 
_pdbx_database_status.pdb_format_compatible           Y 
_pdbx_database_status.methods_development_category    ? 
# 
loop_
_audit_author.name 
_audit_author.pdbx_ordinal 
_audit_author.identifier_ORCID 
'Grosjean, H.'     1  ? 
'Aimon, A.'        2  ? 
'Hassel-Hart , S.' 3  ? 
'Krojer, T.'       4  ? 
'Talon, R.'        5  ? 
'Douangamath, A.'  6  ? 
'Koekemoer, L.'    7  ? 
'Biggin, P.C.'     8  ? 
'Spencer, J.'      9  ? 
'von Delft, F.'    10 ? 
# 
_citation.id                        primary 
_citation.title                     
;Crystal Structures of the second bromodomain of Pleckstrin homology domain interacting protein (PHIP) in space group C2 soaked with crude reaction mixtures
;
_citation.journal_abbrev            'To Be Published' 
_citation.journal_volume            ? 
_citation.page_first                ? 
_citation.page_last                 ? 
_citation.year                      ? 
_citation.journal_id_ASTM           ? 
_citation.country                   ? 
_citation.journal_id_ISSN           ? 
_citation.journal_id_CSD            0353 
_citation.book_publisher            ? 
_citation.pdbx_database_id_PubMed   ? 
_citation.pdbx_database_id_DOI      ? 
# 
loop_
_citation_author.citation_id 
_citation_author.name 
_citation_author.identifier_ORCID 
_citation_author.ordinal 
primary 'Grosjean, H.'    ? 1  
primary 'Aimon, A.'       ? 2  
primary 'Hart , S.'       ? 3  
primary 'Krojer, T.'      ? 4  
primary 'Talon, R.'       ? 5  
primary 'Douangamath, A.' ? 6  
primary 'Koekemoer, L.'   ? 7  
primary 'Biggin, P.C.'    ? 8  
primary 'Spencer, J.'     ? 9  
primary 'von Delft, F.'   ? 10 
# 
loop_
_entity.id 
_entity.type 
_entity.src_method 
_entity.pdbx_description 
_entity.formula_weight 
_entity.pdbx_number_of_molecules 
_entity.pdbx_ec 
_entity.pdbx_mutation 
_entity.pdbx_fragment 
_entity.details 
1 polymer     man 'PH-interacting protein'                                                17627.859 1   ? ? ? ? 
2 non-polymer syn '4-(furan-2-carbonyl)-N-(2,2,2-trifluoroethyl)piperazine-1-carboxamide' 305.253   1   ? ? ? ? 
3 water       nat water                                                                   18.015    192 ? ? ? ? 
# 
_entity_name_com.entity_id   1 
_entity_name_com.name        
'PHIP,DDB1- and CUL4-associated factor 14,IRS-1 PH domain-binding protein,WD repeat-containing protein 11' 
# 
_entity_poly.entity_id                      1 
_entity_poly.type                           'polypeptide(L)' 
_entity_poly.nstd_linkage                   no 
_entity_poly.nstd_monomer                   no 
_entity_poly.pdbx_seq_one_letter_code       
;MHHHHHHSSGVDLGTENLYFQSMSYDIQAWKKQCEELLNLIFQCEDSEPFRQPVDLLEYPDYRDIIDTPMDFATVRETLE
AGNYESPMELCKDVRLIFSNSKAYTPSKRSRIYSMSLRLSAFFEEHISSVLSDYKSALRFHKRNTITKR
;
_entity_poly.pdbx_seq_one_letter_code_can   
;MHHHHHHSSGVDLGTENLYFQSMSYDIQAWKKQCEELLNLIFQCEDSEPFRQPVDLLEYPDYRDIIDTPMDFATVRETLE
AGNYESPMELCKDVRLIFSNSKAYTPSKRSRIYSMSLRLSAFFEEHISSVLSDYKSALRFHKRNTITKR
;
_entity_poly.pdbx_strand_id                 A 
_entity_poly.pdbx_target_identifier         ? 
# 
loop_
_pdbx_entity_nonpoly.entity_id 
_pdbx_entity_nonpoly.name 
_pdbx_entity_nonpoly.comp_id 
2 '4-(furan-2-carbonyl)-N-(2,2,2-trifluoroethyl)piperazine-1-carboxamide' Y1S 
3 water                                                                   HOH 
# 
loop_
_entity_poly_seq.entity_id 
_entity_poly_seq.num 
_entity_poly_seq.mon_id 
_entity_poly_seq.hetero 
1 1   MET n 
1 2   HIS n 
1 3   HIS n 
1 4   HIS n 
1 5   HIS n 
1 6   HIS n 
1 7   HIS n 
1 8   SER n 
1 9   SER n 
1 10  GLY n 
1 11  VAL n 
1 12  ASP n 
1 13  LEU n 
1 14  GLY n 
1 15  THR n 
1 16  GLU n 
1 17  ASN n 
1 18  LEU n 
1 19  TYR n 
1 20  PHE n 
1 21  GLN n 
1 22  SER n 
1 23  MET n 
1 24  SER n 
1 25  TYR n 
1 26  ASP n 
1 27  ILE n 
1 28  GLN n 
1 29  ALA n 
1 30  TRP n 
1 31  LYS n 
1 32  LYS n 
1 33  GLN n 
1 34  CYS n 
1 35  GLU n 
1 36  GLU n 
1 37  LEU n 
1 38  LEU n 
1 39  ASN n 
1 40  LEU n 
1 41  ILE n 
1 42  PHE n 
1 43  GLN n 
1 44  CYS n 
1 45  GLU n 
1 46  ASP n 
1 47  SER n 
1 48  GLU n 
1 49  PRO n 
1 50  PHE n 
1 51  ARG n 
1 52  GLN n 
1 53  PRO n 
1 54  VAL n 
1 55  ASP n 
1 56  LEU n 
1 57  LEU n 
1 58  GLU n 
1 59  TYR n 
1 60  PRO n 
1 61  ASP n 
1 62  TYR n 
1 63  ARG n 
1 64  ASP n 
1 65  ILE n 
1 66  ILE n 
1 67  ASP n 
1 68  THR n 
1 69  PRO n 
1 70  MET n 
1 71  ASP n 
1 72  PHE n 
1 73  ALA n 
1 74  THR n 
1 75  VAL n 
1 76  ARG n 
1 77  GLU n 
1 78  THR n 
1 79  LEU n 
1 80  GLU n 
1 81  ALA n 
1 82  GLY n 
1 83  ASN n 
1 84  TYR n 
1 85  GLU n 
1 86  SER n 
1 87  PRO n 
1 88  MET n 
1 89  GLU n 
1 90  LEU n 
1 91  CYS n 
1 92  LYS n 
1 93  ASP n 
1 94  VAL n 
1 95  ARG n 
1 96  LEU n 
1 97  ILE n 
1 98  PHE n 
1 99  SER n 
1 100 ASN n 
1 101 SER n 
1 102 LYS n 
1 103 ALA n 
1 104 TYR n 
1 105 THR n 
1 106 PRO n 
1 107 SER n 
1 108 LYS n 
1 109 ARG n 
1 110 SER n 
1 111 ARG n 
1 112 ILE n 
1 113 TYR n 
1 114 SER n 
1 115 MET n 
1 116 SER n 
1 117 LEU n 
1 118 ARG n 
1 119 LEU n 
1 120 SER n 
1 121 ALA n 
1 122 PHE n 
1 123 PHE n 
1 124 GLU n 
1 125 GLU n 
1 126 HIS n 
1 127 ILE n 
1 128 SER n 
1 129 SER n 
1 130 VAL n 
1 131 LEU n 
1 132 SER n 
1 133 ASP n 
1 134 TYR n 
1 135 LYS n 
1 136 SER n 
1 137 ALA n 
1 138 LEU n 
1 139 ARG n 
1 140 PHE n 
1 141 HIS n 
1 142 LYS n 
1 143 ARG n 
1 144 ASN n 
1 145 THR n 
1 146 ILE n 
1 147 THR n 
1 148 LYS n 
1 149 ARG n 
# 
_entity_src_gen.entity_id                          1 
_entity_src_gen.pdbx_src_id                        1 
_entity_src_gen.pdbx_alt_source_flag               sample 
_entity_src_gen.pdbx_seq_type                      'Biological sequence' 
_entity_src_gen.pdbx_beg_seq_num                   1 
_entity_src_gen.pdbx_end_seq_num                   149 
_entity_src_gen.gene_src_common_name               Human 
_entity_src_gen.gene_src_genus                     ? 
_entity_src_gen.pdbx_gene_src_gene                 'PHIP, DCAF14, WDR11' 
_entity_src_gen.gene_src_species                   ? 
_entity_src_gen.gene_src_strain                    ? 
_entity_src_gen.gene_src_tissue                    ? 
_entity_src_gen.gene_src_tissue_fraction           ? 
_entity_src_gen.gene_src_details                   ? 
_entity_src_gen.pdbx_gene_src_fragment             ? 
_entity_src_gen.pdbx_gene_src_scientific_name      'Homo sapiens' 
_entity_src_gen.pdbx_gene_src_ncbi_taxonomy_id     9606 
_entity_src_gen.pdbx_gene_src_variant              ? 
_entity_src_gen.pdbx_gene_src_cell_line            ? 
_entity_src_gen.pdbx_gene_src_atcc                 ? 
_entity_src_gen.pdbx_gene_src_organ                ? 
_entity_src_gen.pdbx_gene_src_organelle            ? 
_entity_src_gen.pdbx_gene_src_cell                 ? 
_entity_src_gen.pdbx_gene_src_cellular_location    ? 
_entity_src_gen.host_org_common_name               ? 
_entity_src_gen.pdbx_host_org_scientific_name      'Escherichia coli' 
_entity_src_gen.pdbx_host_org_ncbi_taxonomy_id     562 
_entity_src_gen.host_org_genus                     ? 
_entity_src_gen.pdbx_host_org_gene                 ? 
_entity_src_gen.pdbx_host_org_organ                ? 
_entity_src_gen.host_org_species                   ? 
_entity_src_gen.pdbx_host_org_tissue               ? 
_entity_src_gen.pdbx_host_org_tissue_fraction      ? 
_entity_src_gen.pdbx_host_org_strain               ? 
_entity_src_gen.pdbx_host_org_variant              ? 
_entity_src_gen.pdbx_host_org_cell_line            ? 
_entity_src_gen.pdbx_host_org_atcc                 ? 
_entity_src_gen.pdbx_host_org_culture_collection   ? 
_entity_src_gen.pdbx_host_org_cell                 ? 
_entity_src_gen.pdbx_host_org_organelle            ? 
_entity_src_gen.pdbx_host_org_cellular_location    ? 
_entity_src_gen.pdbx_host_org_vector_type          ? 
_entity_src_gen.pdbx_host_org_vector               ? 
_entity_src_gen.host_org_details                   ? 
_entity_src_gen.expression_system_id               ? 
_entity_src_gen.plasmid_name                       ? 
_entity_src_gen.plasmid_details                    ? 
_entity_src_gen.pdbx_description                   ? 
# 
loop_
_chem_comp.id 
_chem_comp.type 
_chem_comp.mon_nstd_flag 
_chem_comp.name 
_chem_comp.pdbx_synonyms 
_chem_comp.formula 
_chem_comp.formula_weight 
ALA 'L-peptide linking' y ALANINE                                                                 ? 'C3 H7 N O2'       89.093  
ARG 'L-peptide linking' y ARGININE                                                                ? 'C6 H15 N4 O2 1'   175.209 
ASN 'L-peptide linking' y ASPARAGINE                                                              ? 'C4 H8 N2 O3'      132.118 
ASP 'L-peptide linking' y 'ASPARTIC ACID'                                                         ? 'C4 H7 N O4'       133.103 
CYS 'L-peptide linking' y CYSTEINE                                                                ? 'C3 H7 N O2 S'     121.158 
GLN 'L-peptide linking' y GLUTAMINE                                                               ? 'C5 H10 N2 O3'     146.144 
GLU 'L-peptide linking' y 'GLUTAMIC ACID'                                                         ? 'C5 H9 N O4'       147.129 
GLY 'peptide linking'   y GLYCINE                                                                 ? 'C2 H5 N O2'       75.067  
HIS 'L-peptide linking' y HISTIDINE                                                               ? 'C6 H10 N3 O2 1'   156.162 
HOH non-polymer         . WATER                                                                   ? 'H2 O'             18.015  
ILE 'L-peptide linking' y ISOLEUCINE                                                              ? 'C6 H13 N O2'      131.173 
LEU 'L-peptide linking' y LEUCINE                                                                 ? 'C6 H13 N O2'      131.173 
LYS 'L-peptide linking' y LYSINE                                                                  ? 'C6 H15 N2 O2 1'   147.195 
MET 'L-peptide linking' y METHIONINE                                                              ? 'C5 H11 N O2 S'    149.211 
PHE 'L-peptide linking' y PHENYLALANINE                                                           ? 'C9 H11 N O2'      165.189 
PRO 'L-peptide linking' y PROLINE                                                                 ? 'C5 H9 N O2'       115.130 
SER 'L-peptide linking' y SERINE                                                                  ? 'C3 H7 N O3'       105.093 
THR 'L-peptide linking' y THREONINE                                                               ? 'C4 H9 N O3'       119.119 
TRP 'L-peptide linking' y TRYPTOPHAN                                                              ? 'C11 H12 N2 O2'    204.225 
TYR 'L-peptide linking' y TYROSINE                                                                ? 'C9 H11 N O3'      181.189 
VAL 'L-peptide linking' y VALINE                                                                  ? 'C5 H11 N O2'      117.146 
Y1S non-polymer         . '4-(furan-2-carbonyl)-N-(2,2,2-trifluoroethyl)piperazine-1-carboxamide' ? 'C12 H14 F3 N3 O3' 305.253 
# 
loop_
_pdbx_poly_seq_scheme.asym_id 
_pdbx_poly_seq_scheme.entity_id 
_pdbx_poly_seq_scheme.seq_id 
_pdbx_poly_seq_scheme.mon_id 
_pdbx_poly_seq_scheme.ndb_seq_num 
_pdbx_poly_seq_scheme.pdb_seq_num 
_pdbx_poly_seq_scheme.auth_seq_num 
_pdbx_poly_seq_scheme.pdb_mon_id 
_pdbx_poly_seq_scheme.auth_mon_id 
_pdbx_poly_seq_scheme.pdb_strand_id 
_pdbx_poly_seq_scheme.pdb_ins_code 
_pdbx_poly_seq_scheme.hetero 
A 1 1   MET 1   1292 ?    ?   ?   A . n 
A 1 2   HIS 2   1293 ?    ?   ?   A . n 
A 1 3   HIS 3   1294 ?    ?   ?   A . n 
A 1 4   HIS 4   1295 ?    ?   ?   A . n 
A 1 5   HIS 5   1296 ?    ?   ?   A . n 
A 1 6   HIS 6   1297 ?    ?   ?   A . n 
A 1 7   HIS 7   1298 ?    ?   ?   A . n 
A 1 8   SER 8   1299 ?    ?   ?   A . n 
A 1 9   SER 9   1300 ?    ?   ?   A . n 
A 1 10  GLY 10  1301 ?    ?   ?   A . n 
A 1 11  VAL 11  1302 ?    ?   ?   A . n 
A 1 12  ASP 12  1303 ?    ?   ?   A . n 
A 1 13  LEU 13  1304 ?    ?   ?   A . n 
A 1 14  GLY 14  1305 ?    ?   ?   A . n 
A 1 15  THR 15  1306 ?    ?   ?   A . n 
A 1 16  GLU 16  1307 ?    ?   ?   A . n 
A 1 17  ASN 17  1308 ?    ?   ?   A . n 
A 1 18  LEU 18  1309 ?    ?   ?   A . n 
A 1 19  TYR 19  1310 ?    ?   ?   A . n 
A 1 20  PHE 20  1311 ?    ?   ?   A . n 
A 1 21  GLN 21  1312 ?    ?   ?   A . n 
A 1 22  SER 22  1313 ?    ?   ?   A . n 
A 1 23  MET 23  1314 ?    ?   ?   A . n 
A 1 24  SER 24  1315 ?    ?   ?   A . n 
A 1 25  TYR 25  1316 1316 TYR TYR A . n 
A 1 26  ASP 26  1317 1317 ASP ASP A . n 
A 1 27  ILE 27  1318 1318 ILE ILE A . n 
A 1 28  GLN 28  1319 1319 GLN GLN A . n 
A 1 29  ALA 29  1320 1320 ALA ALA A . n 
A 1 30  TRP 30  1321 1321 TRP TRP A . n 
A 1 31  LYS 31  1322 1322 LYS LYS A . n 
A 1 32  LYS 32  1323 1323 LYS LYS A . n 
A 1 33  GLN 33  1324 1324 GLN GLN A . n 
A 1 34  CYS 34  1325 1325 CYS CYS A . n 
A 1 35  GLU 35  1326 1326 GLU GLU A . n 
A 1 36  GLU 36  1327 1327 GLU GLU A . n 
A 1 37  LEU 37  1328 1328 LEU LEU A . n 
A 1 38  LEU 38  1329 1329 LEU LEU A . n 
A 1 39  ASN 39  1330 1330 ASN ASN A . n 
A 1 40  LEU 40  1331 1331 LEU LEU A . n 
A 1 41  ILE 41  1332 1332 ILE ILE A . n 
A 1 42  PHE 42  1333 1333 PHE PHE A . n 
A 1 43  GLN 43  1334 1334 GLN GLN A . n 
A 1 44  CYS 44  1335 1335 CYS CYS A . n 
A 1 45  GLU 45  1336 1336 GLU GLU A . n 
A 1 46  ASP 46  1337 1337 ASP ASP A . n 
A 1 47  SER 47  1338 1338 SER SER A . n 
A 1 48  GLU 48  1339 1339 GLU GLU A . n 
A 1 49  PRO 49  1340 1340 PRO PRO A . n 
A 1 50  PHE 50  1341 1341 PHE PHE A . n 
A 1 51  ARG 51  1342 1342 ARG ARG A . n 
A 1 52  GLN 52  1343 1343 GLN GLN A . n 
A 1 53  PRO 53  1344 1344 PRO PRO A . n 
A 1 54  VAL 54  1345 1345 VAL VAL A . n 
A 1 55  ASP 55  1346 1346 ASP ASP A . n 
A 1 56  LEU 56  1347 1347 LEU LEU A . n 
A 1 57  LEU 57  1348 1348 LEU LEU A . n 
A 1 58  GLU 58  1349 1349 GLU GLU A . n 
A 1 59  TYR 59  1350 1350 TYR TYR A . n 
A 1 60  PRO 60  1351 1351 PRO PRO A . n 
A 1 61  ASP 61  1352 1352 ASP ASP A . n 
A 1 62  TYR 62  1353 1353 TYR TYR A . n 
A 1 63  ARG 63  1354 1354 ARG ARG A . n 
A 1 64  ASP 64  1355 1355 ASP ASP A . n 
A 1 65  ILE 65  1356 1356 ILE ILE A . n 
A 1 66  ILE 66  1357 1357 ILE ILE A . n 
A 1 67  ASP 67  1358 1358 ASP ASP A . n 
A 1 68  THR 68  1359 1359 THR THR A . n 
A 1 69  PRO 69  1360 1360 PRO PRO A . n 
A 1 70  MET 70  1361 1361 MET MET A . n 
A 1 71  ASP 71  1362 1362 ASP ASP A . n 
A 1 72  PHE 72  1363 1363 PHE PHE A . n 
A 1 73  ALA 73  1364 1364 ALA ALA A . n 
A 1 74  THR 74  1365 1365 THR THR A . n 
A 1 75  VAL 75  1366 1366 VAL VAL A . n 
A 1 76  ARG 76  1367 1367 ARG ARG A . n 
A 1 77  GLU 77  1368 1368 GLU GLU A . n 
A 1 78  THR 78  1369 1369 THR THR A . n 
A 1 79  LEU 79  1370 1370 LEU LEU A . n 
A 1 80  GLU 80  1371 1371 GLU GLU A . n 
A 1 81  ALA 81  1372 1372 ALA ALA A . n 
A 1 82  GLY 82  1373 1373 GLY GLY A . n 
A 1 83  ASN 83  1374 1374 ASN ASN A . n 
A 1 84  TYR 84  1375 1375 TYR TYR A . n 
A 1 85  GLU 85  1376 1376 GLU GLU A . n 
A 1 86  SER 86  1377 1377 SER SER A . n 
A 1 87  PRO 87  1378 1378 PRO PRO A . n 
A 1 88  MET 88  1379 1379 MET MET A . n 
A 1 89  GLU 89  1380 1380 GLU GLU A . n 
A 1 90  LEU 90  1381 1381 LEU LEU A . n 
A 1 91  CYS 91  1382 1382 CYS CYS A . n 
A 1 92  LYS 92  1383 1383 LYS LYS A . n 
A 1 93  ASP 93  1384 1384 ASP ASP A . n 
A 1 94  VAL 94  1385 1385 VAL VAL A . n 
A 1 95  ARG 95  1386 1386 ARG ARG A . n 
A 1 96  LEU 96  1387 1387 LEU LEU A . n 
A 1 97  ILE 97  1388 1388 ILE ILE A . n 
A 1 98  PHE 98  1389 1389 PHE PHE A . n 
A 1 99  SER 99  1390 1390 SER SER A . n 
A 1 100 ASN 100 1391 1391 ASN ASN A . n 
A 1 101 SER 101 1392 1392 SER SER A . n 
A 1 102 LYS 102 1393 1393 LYS LYS A . n 
A 1 103 ALA 103 1394 1394 ALA ALA A . n 
A 1 104 TYR 104 1395 1395 TYR TYR A . n 
A 1 105 THR 105 1396 1396 THR THR A . n 
A 1 106 PRO 106 1397 1397 PRO PRO A . n 
A 1 107 SER 107 1398 1398 SER SER A . n 
A 1 108 LYS 108 1399 1399 LYS LYS A . n 
A 1 109 ARG 109 1400 1400 ARG ARG A . n 
A 1 110 SER 110 1401 1401 SER SER A . n 
A 1 111 ARG 111 1402 1402 ARG ARG A . n 
A 1 112 ILE 112 1403 1403 ILE ILE A . n 
A 1 113 TYR 113 1404 1404 TYR TYR A . n 
A 1 114 SER 114 1405 1405 SER SER A . n 
A 1 115 MET 115 1406 1406 MET MET A . n 
A 1 116 SER 116 1407 1407 SER SER A . n 
A 1 117 LEU 117 1408 1408 LEU LEU A . n 
A 1 118 ARG 118 1409 1409 ARG ARG A . n 
A 1 119 LEU 119 1410 1410 LEU LEU A . n 
A 1 120 SER 120 1411 1411 SER SER A . n 
A 1 121 ALA 121 1412 1412 ALA ALA A . n 
A 1 122 PHE 122 1413 1413 PHE PHE A . n 
A 1 123 PHE 123 1414 1414 PHE PHE A . n 
A 1 124 GLU 124 1415 1415 GLU GLU A . n 
A 1 125 GLU 125 1416 1416 GLU GLU A . n 
A 1 126 HIS 126 1417 1417 HIS HIS A . n 
A 1 127 ILE 127 1418 1418 ILE ILE A . n 
A 1 128 SER 128 1419 1419 SER SER A . n 
A 1 129 SER 129 1420 1420 SER SER A . n 
A 1 130 VAL 130 1421 1421 VAL VAL A . n 
A 1 131 LEU 131 1422 1422 LEU LEU A . n 
A 1 132 SER 132 1423 1423 SER SER A . n 
A 1 133 ASP 133 1424 1424 ASP ASP A . n 
A 1 134 TYR 134 1425 1425 TYR TYR A . n 
A 1 135 LYS 135 1426 1426 LYS LYS A . n 
A 1 136 SER 136 1427 1427 SER SER A . n 
A 1 137 ALA 137 1428 1428 ALA ALA A . n 
A 1 138 LEU 138 1429 1429 LEU LEU A . n 
A 1 139 ARG 139 1430 1430 ARG ARG A . n 
A 1 140 PHE 140 1431 1431 PHE PHE A . n 
A 1 141 HIS 141 1432 1432 HIS HIS A . n 
A 1 142 LYS 142 1433 1433 LYS LYS A . n 
A 1 143 ARG 143 1434 1434 ARG ARG A . n 
A 1 144 ASN 144 1435 ?    ?   ?   A . n 
A 1 145 THR 145 1436 ?    ?   ?   A . n 
A 1 146 ILE 146 1437 ?    ?   ?   A . n 
A 1 147 THR 147 1438 ?    ?   ?   A . n 
A 1 148 LYS 148 1439 ?    ?   ?   A . n 
A 1 149 ARG 149 1440 ?    ?   ?   A . n 
# 
loop_
_pdbx_nonpoly_scheme.asym_id 
_pdbx_nonpoly_scheme.entity_id 
_pdbx_nonpoly_scheme.mon_id 
_pdbx_nonpoly_scheme.ndb_seq_num 
_pdbx_nonpoly_scheme.pdb_seq_num 
_pdbx_nonpoly_scheme.auth_seq_num 
_pdbx_nonpoly_scheme.pdb_mon_id 
_pdbx_nonpoly_scheme.auth_mon_id 
_pdbx_nonpoly_scheme.pdb_strand_id 
_pdbx_nonpoly_scheme.pdb_ins_code 
B 2 Y1S 1   1501 1501 Y1S LIG A . 
C 3 HOH 1   1601 197  HOH HOH A . 
C 3 HOH 2   1602 151  HOH HOH A . 
C 3 HOH 3   1603 85   HOH HOH A . 
C 3 HOH 4   1604 26   HOH HOH A . 
C 3 HOH 5   1605 89   HOH HOH A . 
C 3 HOH 6   1606 141  HOH HOH A . 
C 3 HOH 7   1607 129  HOH HOH A . 
C 3 HOH 8   1608 187  HOH HOH A . 
C 3 HOH 9   1609 159  HOH HOH A . 
C 3 HOH 10  1610 184  HOH HOH A . 
C 3 HOH 11  1611 144  HOH HOH A . 
C 3 HOH 12  1612 172  HOH HOH A . 
C 3 HOH 13  1613 55   HOH HOH A . 
C 3 HOH 14  1614 41   HOH HOH A . 
C 3 HOH 15  1615 106  HOH HOH A . 
C 3 HOH 16  1616 7    HOH HOH A . 
C 3 HOH 17  1617 139  HOH HOH A . 
C 3 HOH 18  1618 121  HOH HOH A . 
C 3 HOH 19  1619 20   HOH HOH A . 
C 3 HOH 20  1620 25   HOH HOH A . 
C 3 HOH 21  1621 52   HOH HOH A . 
C 3 HOH 22  1622 179  HOH HOH A . 
C 3 HOH 23  1623 130  HOH HOH A . 
C 3 HOH 24  1624 74   HOH HOH A . 
C 3 HOH 25  1625 162  HOH HOH A . 
C 3 HOH 26  1626 31   HOH HOH A . 
C 3 HOH 27  1627 10   HOH HOH A . 
C 3 HOH 28  1628 33   HOH HOH A . 
C 3 HOH 29  1629 70   HOH HOH A . 
C 3 HOH 30  1630 204  HOH HOH A . 
C 3 HOH 31  1631 21   HOH HOH A . 
C 3 HOH 32  1632 56   HOH HOH A . 
C 3 HOH 33  1633 157  HOH HOH A . 
C 3 HOH 34  1634 54   HOH HOH A . 
C 3 HOH 35  1635 180  HOH HOH A . 
C 3 HOH 36  1636 75   HOH HOH A . 
C 3 HOH 37  1637 76   HOH HOH A . 
C 3 HOH 38  1638 161  HOH HOH A . 
C 3 HOH 39  1639 174  HOH HOH A . 
C 3 HOH 40  1640 17   HOH HOH A . 
C 3 HOH 41  1641 83   HOH HOH A . 
C 3 HOH 42  1642 96   HOH HOH A . 
C 3 HOH 43  1643 62   HOH HOH A . 
C 3 HOH 44  1644 9    HOH HOH A . 
C 3 HOH 45  1645 182  HOH HOH A . 
C 3 HOH 46  1646 64   HOH HOH A . 
C 3 HOH 47  1647 16   HOH HOH A . 
C 3 HOH 48  1648 82   HOH HOH A . 
C 3 HOH 49  1649 28   HOH HOH A . 
C 3 HOH 50  1650 19   HOH HOH A . 
C 3 HOH 51  1651 166  HOH HOH A . 
C 3 HOH 52  1652 3    HOH HOH A . 
C 3 HOH 53  1653 14   HOH HOH A . 
C 3 HOH 54  1654 77   HOH HOH A . 
C 3 HOH 55  1655 195  HOH HOH A . 
C 3 HOH 56  1656 183  HOH HOH A . 
C 3 HOH 57  1657 39   HOH HOH A . 
C 3 HOH 58  1658 60   HOH HOH A . 
C 3 HOH 59  1659 98   HOH HOH A . 
C 3 HOH 60  1660 1    HOH HOH A . 
C 3 HOH 61  1661 5    HOH HOH A . 
C 3 HOH 62  1662 65   HOH HOH A . 
C 3 HOH 63  1663 92   HOH HOH A . 
C 3 HOH 64  1664 124  HOH HOH A . 
C 3 HOH 65  1665 11   HOH HOH A . 
C 3 HOH 66  1666 4    HOH HOH A . 
C 3 HOH 67  1667 6    HOH HOH A . 
C 3 HOH 68  1668 105  HOH HOH A . 
C 3 HOH 69  1669 42   HOH HOH A . 
C 3 HOH 70  1670 50   HOH HOH A . 
C 3 HOH 71  1671 167  HOH HOH A . 
C 3 HOH 72  1672 38   HOH HOH A . 
C 3 HOH 73  1673 152  HOH HOH A . 
C 3 HOH 74  1674 71   HOH HOH A . 
C 3 HOH 75  1675 138  HOH HOH A . 
C 3 HOH 76  1676 158  HOH HOH A . 
C 3 HOH 77  1677 72   HOH HOH A . 
C 3 HOH 78  1678 123  HOH HOH A . 
C 3 HOH 79  1679 88   HOH HOH A . 
C 3 HOH 80  1680 45   HOH HOH A . 
C 3 HOH 81  1681 27   HOH HOH A . 
C 3 HOH 82  1682 101  HOH HOH A . 
C 3 HOH 83  1683 40   HOH HOH A . 
C 3 HOH 84  1684 135  HOH HOH A . 
C 3 HOH 85  1685 84   HOH HOH A . 
C 3 HOH 86  1686 63   HOH HOH A . 
C 3 HOH 87  1687 69   HOH HOH A . 
C 3 HOH 88  1688 86   HOH HOH A . 
C 3 HOH 89  1689 35   HOH HOH A . 
C 3 HOH 90  1690 59   HOH HOH A . 
C 3 HOH 91  1691 145  HOH HOH A . 
C 3 HOH 92  1692 80   HOH HOH A . 
C 3 HOH 93  1693 23   HOH HOH A . 
C 3 HOH 94  1694 29   HOH HOH A . 
C 3 HOH 95  1695 140  HOH HOH A . 
C 3 HOH 96  1696 116  HOH HOH A . 
C 3 HOH 97  1697 67   HOH HOH A . 
C 3 HOH 98  1698 113  HOH HOH A . 
C 3 HOH 99  1699 181  HOH HOH A . 
C 3 HOH 100 1700 191  HOH HOH A . 
C 3 HOH 101 1701 13   HOH HOH A . 
C 3 HOH 102 1702 133  HOH HOH A . 
C 3 HOH 103 1703 36   HOH HOH A . 
C 3 HOH 104 1704 122  HOH HOH A . 
C 3 HOH 105 1705 119  HOH HOH A . 
C 3 HOH 106 1706 94   HOH HOH A . 
C 3 HOH 107 1707 178  HOH HOH A . 
C 3 HOH 108 1708 91   HOH HOH A . 
C 3 HOH 109 1709 131  HOH HOH A . 
C 3 HOH 110 1710 108  HOH HOH A . 
C 3 HOH 111 1711 12   HOH HOH A . 
C 3 HOH 112 1712 53   HOH HOH A . 
C 3 HOH 113 1713 120  HOH HOH A . 
C 3 HOH 114 1714 15   HOH HOH A . 
C 3 HOH 115 1715 49   HOH HOH A . 
C 3 HOH 116 1716 90   HOH HOH A . 
C 3 HOH 117 1717 205  HOH HOH A . 
C 3 HOH 118 1718 48   HOH HOH A . 
C 3 HOH 119 1719 127  HOH HOH A . 
C 3 HOH 120 1720 22   HOH HOH A . 
C 3 HOH 121 1721 34   HOH HOH A . 
C 3 HOH 122 1722 117  HOH HOH A . 
C 3 HOH 123 1723 44   HOH HOH A . 
C 3 HOH 124 1724 146  HOH HOH A . 
C 3 HOH 125 1725 136  HOH HOH A . 
C 3 HOH 126 1726 155  HOH HOH A . 
C 3 HOH 127 1727 2    HOH HOH A . 
C 3 HOH 128 1728 81   HOH HOH A . 
C 3 HOH 129 1729 57   HOH HOH A . 
C 3 HOH 130 1730 125  HOH HOH A . 
C 3 HOH 131 1731 153  HOH HOH A . 
C 3 HOH 132 1732 134  HOH HOH A . 
C 3 HOH 133 1733 150  HOH HOH A . 
C 3 HOH 134 1734 95   HOH HOH A . 
C 3 HOH 135 1735 194  HOH HOH A . 
C 3 HOH 136 1736 109  HOH HOH A . 
C 3 HOH 137 1737 160  HOH HOH A . 
C 3 HOH 138 1738 176  HOH HOH A . 
C 3 HOH 139 1739 118  HOH HOH A . 
C 3 HOH 140 1740 126  HOH HOH A . 
C 3 HOH 141 1741 165  HOH HOH A . 
C 3 HOH 142 1742 107  HOH HOH A . 
C 3 HOH 143 1743 137  HOH HOH A . 
C 3 HOH 144 1744 99   HOH HOH A . 
C 3 HOH 145 1745 198  HOH HOH A . 
C 3 HOH 146 1746 164  HOH HOH A . 
C 3 HOH 147 1747 66   HOH HOH A . 
C 3 HOH 148 1748 114  HOH HOH A . 
C 3 HOH 149 1749 202  HOH HOH A . 
C 3 HOH 150 1750 115  HOH HOH A . 
C 3 HOH 151 1751 8    HOH HOH A . 
C 3 HOH 152 1752 177  HOH HOH A . 
C 3 HOH 153 1753 30   HOH HOH A . 
C 3 HOH 154 1754 93   HOH HOH A . 
C 3 HOH 155 1755 185  HOH HOH A . 
C 3 HOH 156 1756 112  HOH HOH A . 
C 3 HOH 157 1757 186  HOH HOH A . 
C 3 HOH 158 1758 61   HOH HOH A . 
C 3 HOH 159 1759 199  HOH HOH A . 
C 3 HOH 160 1760 104  HOH HOH A . 
C 3 HOH 161 1761 110  HOH HOH A . 
C 3 HOH 162 1762 37   HOH HOH A . 
C 3 HOH 163 1763 163  HOH HOH A . 
C 3 HOH 164 1764 175  HOH HOH A . 
C 3 HOH 165 1765 143  HOH HOH A . 
C 3 HOH 166 1766 193  HOH HOH A . 
C 3 HOH 167 1767 190  HOH HOH A . 
C 3 HOH 168 1768 188  HOH HOH A . 
C 3 HOH 169 1769 51   HOH HOH A . 
C 3 HOH 170 1770 154  HOH HOH A . 
C 3 HOH 171 1771 78   HOH HOH A . 
C 3 HOH 172 1772 168  HOH HOH A . 
C 3 HOH 173 1773 201  HOH HOH A . 
C 3 HOH 174 1774 170  HOH HOH A . 
C 3 HOH 175 1775 132  HOH HOH A . 
C 3 HOH 176 1776 73   HOH HOH A . 
C 3 HOH 177 1777 102  HOH HOH A . 
C 3 HOH 178 1778 68   HOH HOH A . 
C 3 HOH 179 1779 46   HOH HOH A . 
C 3 HOH 180 1780 196  HOH HOH A . 
C 3 HOH 181 1781 149  HOH HOH A . 
C 3 HOH 182 1782 100  HOH HOH A . 
C 3 HOH 183 1783 87   HOH HOH A . 
C 3 HOH 184 1784 111  HOH HOH A . 
C 3 HOH 185 1785 103  HOH HOH A . 
C 3 HOH 186 1786 156  HOH HOH A . 
C 3 HOH 187 1787 200  HOH HOH A . 
C 3 HOH 188 1788 97   HOH HOH A . 
C 3 HOH 189 1789 189  HOH HOH A . 
C 3 HOH 190 1790 192  HOH HOH A . 
C 3 HOH 191 1791 203  HOH HOH A . 
C 3 HOH 192 1792 79   HOH HOH A . 
# 
loop_
_pdbx_unobs_or_zero_occ_atoms.id 
_pdbx_unobs_or_zero_occ_atoms.PDB_model_num 
_pdbx_unobs_or_zero_occ_atoms.polymer_flag 
_pdbx_unobs_or_zero_occ_atoms.occupancy_flag 
_pdbx_unobs_or_zero_occ_atoms.auth_asym_id 
_pdbx_unobs_or_zero_occ_atoms.auth_comp_id 
_pdbx_unobs_or_zero_occ_atoms.auth_seq_id 
_pdbx_unobs_or_zero_occ_atoms.PDB_ins_code 
_pdbx_unobs_or_zero_occ_atoms.auth_atom_id 
_pdbx_unobs_or_zero_occ_atoms.label_alt_id 
_pdbx_unobs_or_zero_occ_atoms.label_asym_id 
_pdbx_unobs_or_zero_occ_atoms.label_comp_id 
_pdbx_unobs_or_zero_occ_atoms.label_seq_id 
_pdbx_unobs_or_zero_occ_atoms.label_atom_id 
1 1 Y 1 A LYS 1323 ? CE ? A LYS 32 CE 
2 1 Y 1 A LYS 1323 ? NZ ? A LYS 32 NZ 
# 
loop_
_software.pdbx_ordinal 
_software.name 
_software.version 
_software.date 
_software.type 
_software.contact_author 
_software.contact_author_email 
_software.classification 
_software.location 
_software.language 
_software.citation_id 
1 REFMAC      5.8.0267 ?               program 'Garib N. Murshudov' garib@ysbl.york.ac.uk    refinement        
http://www.ccp4.ac.uk/dist/html/refmac5.html        Fortran_77 ? 
2 Aimless     0.7.4    13/12/18        program 'Phil Evans'         ?                        'data scaling'    
http://www.mrc-lmb.cam.ac.uk/harry/pre/aimless.html ?          ? 
3 PDB_EXTRACT 3.23     'SEP. 23, 2016' package PDB                  deposit@deposit.rcsb.org 'data extraction' 
http://sw-tools.pdb.org/apps/PDB_EXTRACT/           C++        ? 
4 XDS         .        ?               program ?                    ?                        'data reduction'  ? ?          ? 
5 REFMAC      .        ?               program ?                    ?                        phasing           ? ?          ? 
# 
_cell.entry_id           5S91 
_cell.length_a           81.299 
_cell.length_b           26.852 
_cell.length_c           55.669 
_cell.angle_alpha        90.000 
_cell.angle_beta         100.930 
_cell.angle_gamma        90.000 
_cell.Z_PDB              4 
_cell.pdbx_unique_axis   ? 
# 
_symmetry.entry_id                         5S91 
_symmetry.space_group_name_H-M             'C 1 2 1' 
_symmetry.pdbx_full_space_group_name_H-M   ? 
_symmetry.cell_setting                     ? 
_symmetry.Int_Tables_number                5 
# 
_exptl.crystals_number   1 
_exptl.entry_id          5S91 
_exptl.method            'X-RAY DIFFRACTION' 
# 
_exptl_crystal.id                    1 
_exptl_crystal.pdbx_mosaicity        0.000 
_exptl_crystal.pdbx_mosaicity_esd    ? 
_exptl_crystal.density_Matthews      1.69 
_exptl_crystal.density_diffrn        ? 
_exptl_crystal.density_meas          ? 
_exptl_crystal.density_meas_temp     ? 
_exptl_crystal.density_percent_sol   27.32 
_exptl_crystal.size_max              ? 
_exptl_crystal.size_mid              ? 
_exptl_crystal.size_min              ? 
_exptl_crystal.size_rad              ? 
_exptl_crystal.description           ? 
_exptl_crystal.preparation           ? 
# 
_exptl_crystal_grow.crystal_id      1 
_exptl_crystal_grow.method          'VAPOR DIFFUSION, SITTING DROP' 
_exptl_crystal_grow.pH              5.6 
_exptl_crystal_grow.temp            277 
_exptl_crystal_grow.pdbx_details    '20% PEG 8000, 0.04M POTASSIUM PHOSPHATE' 
_exptl_crystal_grow.temp_details    ? 
_exptl_crystal_grow.pdbx_pH_range   ? 
# 
_diffrn.id                               1 
_diffrn.ambient_temp                     100 
_diffrn.crystal_id                       1 
_diffrn.ambient_temp_details             ? 
_diffrn.pdbx_serial_crystal_experiment   ? 
# 
_diffrn_detector.detector               PIXEL 
_diffrn_detector.type                   'DECTRIS PILATUS 6M' 
_diffrn_detector.pdbx_collection_date   2020-08-10 
_diffrn_detector.diffrn_id              1 
_diffrn_detector.details                ? 
# 
_diffrn_radiation.diffrn_id                        1 
_diffrn_radiation.wavelength_id                    1 
_diffrn_radiation.pdbx_diffrn_protocol             'SINGLE WAVELENGTH' 
_diffrn_radiation.pdbx_monochromatic_or_laue_m_l   ? 
_diffrn_radiation.monochromator                    ? 
_diffrn_radiation.pdbx_scattering_type             x-ray 
# 
_diffrn_radiation_wavelength.id           1 
_diffrn_radiation_wavelength.wavelength   0.9126 
_diffrn_radiation_wavelength.wt           1.0 
# 
_diffrn_source.diffrn_id                   1 
_diffrn_source.source                      SYNCHROTRON 
_diffrn_source.type                        'DIAMOND BEAMLINE I04-1' 
_diffrn_source.pdbx_wavelength_list        0.9126 
_diffrn_source.pdbx_synchrotron_site       Diamond 
_diffrn_source.pdbx_synchrotron_beamline   I04-1 
_diffrn_source.pdbx_wavelength             ? 
# 
_reflns.entry_id                     5S91 
_reflns.pdbx_diffrn_id               1 
_reflns.pdbx_ordinal                 1 
_reflns.observed_criterion_sigma_I   ? 
_reflns.observed_criterion_sigma_F   ? 
_reflns.d_resolution_low             39.910 
_reflns.d_resolution_high            1.290 
_reflns.number_obs                   29272 
_reflns.number_all                   ? 
_reflns.percent_possible_obs         97.500 
_reflns.pdbx_Rmerge_I_obs            0.036 
_reflns.pdbx_Rsym_value              ? 
_reflns.pdbx_netI_over_sigmaI        12.500 
_reflns.B_iso_Wilson_estimate        ? 
_reflns.pdbx_redundancy              2.800 
_reflns.pdbx_Rrim_I_all              0.043 
_reflns.pdbx_Rpim_I_all              0.025 
_reflns.pdbx_CC_half                 0.996 
_reflns.pdbx_netI_over_av_sigmaI     ? 
_reflns.pdbx_number_measured_all     81122 
_reflns.pdbx_scaling_rejects         67 
_reflns.pdbx_chi_squared             ? 
_reflns.Rmerge_F_all                 ? 
_reflns.Rmerge_F_obs                 ? 
_reflns.observed_criterion_F_max     ? 
_reflns.observed_criterion_F_min     ? 
_reflns.observed_criterion_I_max     ? 
_reflns.observed_criterion_I_min     ? 
_reflns.pdbx_d_res_high_opt          ? 
_reflns.pdbx_d_res_low_opt           ? 
_reflns.details                      ? 
_reflns.pdbx_CC_star                 ? 
# 
loop_
_reflns_shell.pdbx_diffrn_id 
_reflns_shell.pdbx_ordinal 
_reflns_shell.d_res_high 
_reflns_shell.d_res_low 
_reflns_shell.number_measured_obs 
_reflns_shell.number_measured_all 
_reflns_shell.number_unique_obs 
_reflns_shell.pdbx_rejects 
_reflns_shell.Rmerge_I_obs 
_reflns_shell.meanI_over_sigI_obs 
_reflns_shell.pdbx_Rsym_value 
_reflns_shell.pdbx_chi_squared 
_reflns_shell.pdbx_redundancy 
_reflns_shell.percent_possible_obs 
_reflns_shell.pdbx_netI_over_sigmaI_obs 
_reflns_shell.number_possible 
_reflns_shell.number_unique_all 
_reflns_shell.Rmerge_F_all 
_reflns_shell.Rmerge_F_obs 
_reflns_shell.Rmerge_I_all 
_reflns_shell.meanI_over_sigI_all 
_reflns_shell.percent_possible_all 
_reflns_shell.pdbx_Rrim_I_all 
_reflns_shell.pdbx_Rpim_I_all 
_reflns_shell.pdbx_CC_half 
_reflns_shell.pdbx_CC_star 
1 1 1.290 1.310  ? 2452 ? ? 0.543 ? ? ? 1.900 ? 1.300  ? 1287 ? ? ? ? 89.200 0.738 0.496 0.418 ? 
1 2 7.070 39.910 ? 628  ? ? 0.025 ? ? ? 3.000 ? 40.700 ? 206  ? ? ? ? 99.400 0.030 0.017 0.999 ? 
# 
_refine.entry_id                                 5S91 
_refine.pdbx_refine_id                           'X-RAY DIFFRACTION' 
_refine.ls_d_res_high                            1.2900 
_refine.ls_d_res_low                             39.9400 
_refine.pdbx_ls_sigma_F                          0.000 
_refine.pdbx_data_cutoff_high_absF               ? 
_refine.pdbx_data_cutoff_low_absF                ? 
_refine.ls_percent_reflns_obs                    97.1100 
_refine.ls_number_reflns_obs                     27807 
_refine.ls_number_reflns_all                     ? 
_refine.pdbx_ls_cross_valid_method               THROUGHOUT 
_refine.ls_matrix_type                           ? 
_refine.pdbx_R_Free_selection_details            RANDOM 
_refine.details                                  
'HYDROGENS HAVE BEEN ADDED IN THE RIDING POSITIONS U VALUES      : REFINED INDIVIDUALLY' 
_refine.ls_R_factor_all                          ? 
_refine.ls_R_factor_obs                          0.1836 
_refine.ls_R_factor_R_work                       0.1822 
_refine.ls_wR_factor_R_work                      ? 
_refine.ls_R_factor_R_free                       0.2111 
_refine.ls_wR_factor_R_free                      ? 
_refine.ls_percent_reflns_R_free                 5.0000 
_refine.ls_number_reflns_R_free                  1463 
_refine.ls_number_reflns_R_work                  ? 
_refine.ls_R_factor_R_free_error                 ? 
_refine.B_iso_mean                               20.4620 
_refine.solvent_model_param_bsol                 ? 
_refine.solvent_model_param_ksol                 ? 
_refine.pdbx_isotropic_thermal_model             ? 
_refine.aniso_B[1][1]                            -0.0300 
_refine.aniso_B[2][2]                            -0.1600 
_refine.aniso_B[3][3]                            -0.2700 
_refine.aniso_B[1][2]                            -0.0000 
_refine.aniso_B[1][3]                            1.2300 
_refine.aniso_B[2][3]                            -0.0000 
_refine.correlation_coeff_Fo_to_Fc               0.9720 
_refine.correlation_coeff_Fo_to_Fc_free          0.9590 
_refine.overall_SU_R_Cruickshank_DPI             ? 
_refine.pdbx_overall_SU_R_free_Cruickshank_DPI   ? 
_refine.pdbx_overall_SU_R_Blow_DPI               ? 
_refine.pdbx_overall_SU_R_free_Blow_DPI          ? 
_refine.overall_SU_R_free                        ? 
_refine.pdbx_overall_ESU_R                       0.0820 
_refine.pdbx_overall_ESU_R_Free                  0.0780 
_refine.overall_SU_ML                            0.0750 
_refine.overall_SU_B                             1.8800 
_refine.solvent_model_details                    MASK 
_refine.pdbx_solvent_vdw_probe_radii             1.2000 
_refine.pdbx_solvent_ion_probe_radii             0.8000 
_refine.pdbx_solvent_shrinkage_radii             0.8000 
_refine.ls_number_parameters                     ? 
_refine.ls_number_restraints                     ? 
_refine.pdbx_starting_model                      5RJI 
_refine.pdbx_method_to_determine_struct          'FOURIER SYNTHESIS' 
_refine.pdbx_stereochemistry_target_values       'MAXIMUM LIKELIHOOD' 
_refine.pdbx_stereochem_target_val_spec_case     ? 
_refine.overall_FOM_work_R_set                   ? 
_refine.B_iso_max                                69.000 
_refine.B_iso_min                                11.700 
_refine.pdbx_overall_phase_error                 ? 
_refine.occupancy_max                            ? 
_refine.occupancy_min                            ? 
_refine.pdbx_diffrn_id                           1 
_refine.pdbx_TLS_residual_ADP_flag               ? 
_refine.pdbx_ls_sigma_I                          ? 
_refine.pdbx_data_cutoff_high_rms_absF           ? 
_refine.ls_R_factor_R_free_error_details         ? 
# 
_refine_hist.cycle_id                         final 
_refine_hist.pdbx_refine_id                   'X-RAY DIFFRACTION' 
_refine_hist.d_res_high                       1.2900 
_refine_hist.d_res_low                        39.9400 
_refine_hist.pdbx_number_atoms_ligand         21 
_refine_hist.number_atoms_solvent             192 
_refine_hist.number_atoms_total               1203 
_refine_hist.pdbx_number_residues_total       119 
_refine_hist.pdbx_B_iso_mean_ligand           14.66 
_refine_hist.pdbx_B_iso_mean_solvent          33.45 
_refine_hist.pdbx_number_atoms_protein        990 
_refine_hist.pdbx_number_atoms_nucleic_acid   0 
# 
loop_
_refine_ls_restr.pdbx_refine_id 
_refine_ls_restr.type 
_refine_ls_restr.number 
_refine_ls_restr.dev_ideal 
_refine_ls_restr.dev_ideal_target 
_refine_ls_restr.weight 
_refine_ls_restr.pdbx_restraint_function 
'X-RAY DIFFRACTION' r_bond_refined_d       2663 0.010  0.015  ? ? 
'X-RAY DIFFRACTION' r_bond_other_d         1774 0.001  0.017  ? ? 
'X-RAY DIFFRACTION' r_angle_refined_deg    2777 1.552  1.665  ? ? 
'X-RAY DIFFRACTION' r_angle_other_deg      4157 1.491  1.603  ? ? 
'X-RAY DIFFRACTION' r_dihedral_angle_1_deg 253  5.830  5.000  ? ? 
'X-RAY DIFFRACTION' r_dihedral_angle_2_deg 125  27.429 22.160 ? ? 
'X-RAY DIFFRACTION' r_dihedral_angle_3_deg 342  13.815 15.000 ? ? 
'X-RAY DIFFRACTION' r_dihedral_angle_4_deg 18   13.704 15.000 ? ? 
'X-RAY DIFFRACTION' r_chiral_restr         254  0.080  0.200  ? ? 
'X-RAY DIFFRACTION' r_gen_planes_refined   2443 0.007  0.020  ? ? 
'X-RAY DIFFRACTION' r_gen_planes_other     465  0.002  0.020  ? ? 
'X-RAY DIFFRACTION' r_mcbond_it            1260 1.043  1.959  ? ? 
'X-RAY DIFFRACTION' r_mcbond_other         1243 1.050  1.940  ? ? 
'X-RAY DIFFRACTION' r_mcangle_it           1221 1.809  2.870  ? ? 
# 
_refine_ls_shell.d_res_high                       1.2900 
_refine_ls_shell.d_res_low                        1.3240 
_refine_ls_shell.pdbx_total_number_of_bins_used   20 
_refine_ls_shell.percent_reflns_obs               88.7800 
_refine_ls_shell.number_reflns_R_work             1828 
_refine_ls_shell.R_factor_all                     ? 
_refine_ls_shell.R_factor_R_work                  0.3360 
_refine_ls_shell.R_factor_R_free                  0.3570 
_refine_ls_shell.percent_reflns_R_free            ? 
_refine_ls_shell.number_reflns_R_free             94 
_refine_ls_shell.R_factor_R_free_error            ? 
_refine_ls_shell.number_reflns_all                1922 
_refine_ls_shell.number_reflns_obs                ? 
_refine_ls_shell.pdbx_refine_id                   'X-RAY DIFFRACTION' 
_refine_ls_shell.R_factor_obs                     ? 
# 
_struct.entry_id                  5S91 
_struct.title                     
'PanDDA analysis group deposition -- Crystal Structure of PHIP in complex with Z198194396 synthetic derivative' 
_struct.pdbx_model_details        ? 
_struct.pdbx_CASP_flag            ? 
_struct.pdbx_model_type_details   ? 
# 
_struct_keywords.entry_id        5S91 
_struct_keywords.text            
;SGC - Diamond I04-1 fragment screening, PanDDA, XChemExplorer, Robotic chemistry, Crystal soaking, Reaction crudes, SIGNALING PROTEIN
;
_struct_keywords.pdbx_keywords   'SIGNALING PROTEIN' 
# 
loop_
_struct_asym.id 
_struct_asym.pdbx_blank_PDB_chainid_flag 
_struct_asym.pdbx_modified 
_struct_asym.entity_id 
_struct_asym.details 
A N N 1 ? 
B N N 2 ? 
C N N 3 ? 
# 
_struct_ref.id                         1 
_struct_ref.db_name                    UNP 
_struct_ref.db_code                    PHIP_HUMAN 
_struct_ref.pdbx_db_accession          Q8WWQ0 
_struct_ref.pdbx_db_isoform            ? 
_struct_ref.entity_id                  1 
_struct_ref.pdbx_seq_one_letter_code   
;SYDIQAWKKQCEELLNLIFQCEDSEPFRQPVDLLEYPDYRDIIDTPMDFATVRETLEAGNYESPMELCKDVRLIFSNSKA
YTPSKRSRIYSMSLRLSAFFEEHISSVLSDYKSALRFHKRNTITKR
;
_struct_ref.pdbx_align_begin           1315 
# 
_struct_ref_seq.align_id                      1 
_struct_ref_seq.ref_id                        1 
_struct_ref_seq.pdbx_PDB_id_code              5S91 
_struct_ref_seq.pdbx_strand_id                A 
_struct_ref_seq.seq_align_beg                 24 
_struct_ref_seq.pdbx_seq_align_beg_ins_code   ? 
_struct_ref_seq.seq_align_end                 149 
_struct_ref_seq.pdbx_seq_align_end_ins_code   ? 
_struct_ref_seq.pdbx_db_accession             Q8WWQ0 
_struct_ref_seq.db_align_beg                  1315 
_struct_ref_seq.pdbx_db_align_beg_ins_code    ? 
_struct_ref_seq.db_align_end                  1440 
_struct_ref_seq.pdbx_db_align_end_ins_code    ? 
_struct_ref_seq.pdbx_auth_seq_align_beg       1315 
_struct_ref_seq.pdbx_auth_seq_align_end       1440 
# 
loop_
_struct_ref_seq_dif.align_id 
_struct_ref_seq_dif.pdbx_pdb_id_code 
_struct_ref_seq_dif.mon_id 
_struct_ref_seq_dif.pdbx_pdb_strand_id 
_struct_ref_seq_dif.seq_num 
_struct_ref_seq_dif.pdbx_pdb_ins_code 
_struct_ref_seq_dif.pdbx_seq_db_name 
_struct_ref_seq_dif.pdbx_seq_db_accession_code 
_struct_ref_seq_dif.db_mon_id 
_struct_ref_seq_dif.pdbx_seq_db_seq_num 
_struct_ref_seq_dif.details 
_struct_ref_seq_dif.pdbx_auth_seq_num 
_struct_ref_seq_dif.pdbx_ordinal 
1 5S91 MET A 1  ? UNP Q8WWQ0 ? ? 'initiating methionine' 1292 1  
1 5S91 HIS A 2  ? UNP Q8WWQ0 ? ? 'expression tag'        1293 2  
1 5S91 HIS A 3  ? UNP Q8WWQ0 ? ? 'expression tag'        1294 3  
1 5S91 HIS A 4  ? UNP Q8WWQ0 ? ? 'expression tag'        1295 4  
1 5S91 HIS A 5  ? UNP Q8WWQ0 ? ? 'expression tag'        1296 5  
1 5S91 HIS A 6  ? UNP Q8WWQ0 ? ? 'expression tag'        1297 6  
1 5S91 HIS A 7  ? UNP Q8WWQ0 ? ? 'expression tag'        1298 7  
1 5S91 SER A 8  ? UNP Q8WWQ0 ? ? 'expression tag'        1299 8  
1 5S91 SER A 9  ? UNP Q8WWQ0 ? ? 'expression tag'        1300 9  
1 5S91 GLY A 10 ? UNP Q8WWQ0 ? ? 'expression tag'        1301 10 
1 5S91 VAL A 11 ? UNP Q8WWQ0 ? ? 'expression tag'        1302 11 
1 5S91 ASP A 12 ? UNP Q8WWQ0 ? ? 'expression tag'        1303 12 
1 5S91 LEU A 13 ? UNP Q8WWQ0 ? ? 'expression tag'        1304 13 
1 5S91 GLY A 14 ? UNP Q8WWQ0 ? ? 'expression tag'        1305 14 
1 5S91 THR A 15 ? UNP Q8WWQ0 ? ? 'expression tag'        1306 15 
1 5S91 GLU A 16 ? UNP Q8WWQ0 ? ? 'expression tag'        1307 16 
1 5S91 ASN A 17 ? UNP Q8WWQ0 ? ? 'expression tag'        1308 17 
1 5S91 LEU A 18 ? UNP Q8WWQ0 ? ? 'expression tag'        1309 18 
1 5S91 TYR A 19 ? UNP Q8WWQ0 ? ? 'expression tag'        1310 19 
1 5S91 PHE A 20 ? UNP Q8WWQ0 ? ? 'expression tag'        1311 20 
1 5S91 GLN A 21 ? UNP Q8WWQ0 ? ? 'expression tag'        1312 21 
1 5S91 SER A 22 ? UNP Q8WWQ0 ? ? 'expression tag'        1313 22 
1 5S91 MET A 23 ? UNP Q8WWQ0 ? ? 'expression tag'        1314 23 
# 
_pdbx_struct_assembly.id                   1 
_pdbx_struct_assembly.details              author_and_software_defined_assembly 
_pdbx_struct_assembly.method_details       PISA 
_pdbx_struct_assembly.oligomeric_details   monomeric 
_pdbx_struct_assembly.oligomeric_count     1 
# 
_pdbx_struct_assembly_gen.assembly_id       1 
_pdbx_struct_assembly_gen.oper_expression   1 
_pdbx_struct_assembly_gen.asym_id_list      A,B,C 
# 
_pdbx_struct_oper_list.id                   1 
_pdbx_struct_oper_list.type                 'identity operation' 
_pdbx_struct_oper_list.name                 1_555 
_pdbx_struct_oper_list.symmetry_operation   x,y,z 
_pdbx_struct_oper_list.matrix[1][1]         1.0000000000 
_pdbx_struct_oper_list.matrix[1][2]         0.0000000000 
_pdbx_struct_oper_list.matrix[1][3]         0.0000000000 
_pdbx_struct_oper_list.vector[1]            0.0000000000 
_pdbx_struct_oper_list.matrix[2][1]         0.0000000000 
_pdbx_struct_oper_list.matrix[2][2]         1.0000000000 
_pdbx_struct_oper_list.matrix[2][3]         0.0000000000 
_pdbx_struct_oper_list.vector[2]            0.0000000000 
_pdbx_struct_oper_list.matrix[3][1]         0.0000000000 
_pdbx_struct_oper_list.matrix[3][2]         0.0000000000 
_pdbx_struct_oper_list.matrix[3][3]         1.0000000000 
_pdbx_struct_oper_list.vector[3]            0.0000000000 
# 
loop_
_struct_conf.conf_type_id 
_struct_conf.id 
_struct_conf.pdbx_PDB_helix_id 
_struct_conf.beg_label_comp_id 
_struct_conf.beg_label_asym_id 
_struct_conf.beg_label_seq_id 
_struct_conf.pdbx_beg_PDB_ins_code 
_struct_conf.end_label_comp_id 
_struct_conf.end_label_asym_id 
_struct_conf.end_label_seq_id 
_struct_conf.pdbx_end_PDB_ins_code 
_struct_conf.beg_auth_comp_id 
_struct_conf.beg_auth_asym_id 
_struct_conf.beg_auth_seq_id 
_struct_conf.end_auth_comp_id 
_struct_conf.end_auth_asym_id 
_struct_conf.end_auth_seq_id 
_struct_conf.pdbx_PDB_helix_class 
_struct_conf.details 
_struct_conf.pdbx_PDB_helix_length 
HELX_P HELX_P1 AA1 ALA A 29  ? CYS A 44  ? ALA A 1320 CYS A 1335 1 ? 16 
HELX_P HELX_P2 AA2 GLU A 45  ? ARG A 51  ? GLU A 1336 ARG A 1342 5 ? 7  
HELX_P HELX_P3 AA3 ASP A 61  ? ILE A 66  ? ASP A 1352 ILE A 1357 1 ? 6  
HELX_P HELX_P4 AA4 ASP A 71  ? ALA A 81  ? ASP A 1362 ALA A 1372 1 ? 11 
HELX_P HELX_P5 AA5 SER A 86  ? THR A 105 ? SER A 1377 THR A 1396 1 ? 20 
HELX_P HELX_P6 AA6 SER A 110 ? ARG A 143 ? SER A 1401 ARG A 1434 1 ? 34 
# 
_struct_conf_type.id          HELX_P 
_struct_conf_type.criteria    ? 
_struct_conf_type.reference   ? 
# 
_struct_site.id                   AC1 
_struct_site.pdbx_evidence_code   Software 
_struct_site.pdbx_auth_asym_id    A 
_struct_site.pdbx_auth_comp_id    Y1S 
_struct_site.pdbx_auth_seq_id     1501 
_struct_site.pdbx_auth_ins_code   ? 
_struct_site.pdbx_num_residues    15 
_struct_site.details              'binding site for residue Y1S A 1501' 
# 
loop_
_struct_site_gen.id 
_struct_site_gen.site_id 
_struct_site_gen.pdbx_num_res 
_struct_site_gen.label_comp_id 
_struct_site_gen.label_asym_id 
_struct_site_gen.label_seq_id 
_struct_site_gen.pdbx_auth_ins_code 
_struct_site_gen.auth_comp_id 
_struct_site_gen.auth_asym_id 
_struct_site_gen.auth_seq_id 
_struct_site_gen.label_atom_id 
_struct_site_gen.label_alt_id 
_struct_site_gen.symmetry 
_struct_site_gen.details 
1  AC1 15 GLU A 48  ? GLU A 1339 . ? 1_555 ? 
2  AC1 15 PRO A 49  ? PRO A 1340 . ? 1_555 ? 
3  AC1 15 PHE A 50  ? PHE A 1341 . ? 1_555 ? 
4  AC1 15 GLN A 52  ? GLN A 1343 . ? 1_555 ? 
5  AC1 15 PRO A 53  ? PRO A 1344 . ? 1_555 ? 
6  AC1 15 VAL A 54  ? VAL A 1345 . ? 1_555 ? 
7  AC1 15 TYR A 59  ? TYR A 1350 . ? 1_555 ? 
8  AC1 15 SER A 101 ? SER A 1392 . ? 1_555 ? 
9  AC1 15 TYR A 104 ? TYR A 1395 . ? 1_555 ? 
10 AC1 15 THR A 105 ? THR A 1396 . ? 1_555 ? 
11 AC1 15 ILE A 112 ? ILE A 1403 . ? 1_555 ? 
12 AC1 15 HOH C .   ? HOH A 1630 . ? 1_555 ? 
13 AC1 15 HOH C .   ? HOH A 1640 . ? 1_555 ? 
14 AC1 15 HOH C .   ? HOH A 1735 . ? 4_456 ? 
15 AC1 15 HOH C .   ? HOH A 1747 . ? 4_456 ? 
# 
loop_
_pdbx_validate_close_contact.id 
_pdbx_validate_close_contact.PDB_model_num 
_pdbx_validate_close_contact.auth_atom_id_1 
_pdbx_validate_close_contact.auth_asym_id_1 
_pdbx_validate_close_contact.auth_comp_id_1 
_pdbx_validate_close_contact.auth_seq_id_1 
_pdbx_validate_close_contact.PDB_ins_code_1 
_pdbx_validate_close_contact.label_alt_id_1 
_pdbx_validate_close_contact.auth_atom_id_2 
_pdbx_validate_close_contact.auth_asym_id_2 
_pdbx_validate_close_contact.auth_comp_id_2 
_pdbx_validate_close_contact.auth_seq_id_2 
_pdbx_validate_close_contact.PDB_ins_code_2 
_pdbx_validate_close_contact.label_alt_id_2 
_pdbx_validate_close_contact.dist 
1 1 O A HOH 1675 ? ? O A HOH 1700 ? ? 1.79 
2 1 O A HOH 1669 ? ? O A HOH 1744 ? ? 1.89 
3 1 O A HOH 1716 ? ? O A HOH 1766 ? ? 1.99 
4 1 O A HOH 1726 ? ? O A HOH 1729 ? ? 2.01 
5 1 O A HOH 1638 ? ? O A HOH 1651 ? ? 2.04 
6 1 O A HOH 1624 ? ? O A HOH 1772 ? ? 2.10 
7 1 O A HOH 1750 ? ? O A HOH 1759 ? ? 2.10 
8 1 O A HOH 1710 ? ? O A HOH 1732 ? ? 2.16 
# 
_pdbx_struct_special_symmetry.id              1 
_pdbx_struct_special_symmetry.PDB_model_num   1 
_pdbx_struct_special_symmetry.auth_asym_id    A 
_pdbx_struct_special_symmetry.auth_comp_id    HOH 
_pdbx_struct_special_symmetry.auth_seq_id     1784 
_pdbx_struct_special_symmetry.PDB_ins_code    ? 
_pdbx_struct_special_symmetry.label_asym_id   C 
_pdbx_struct_special_symmetry.label_comp_id   HOH 
_pdbx_struct_special_symmetry.label_seq_id    . 
# 
_phasing.method   MR 
# 
loop_
_pdbx_unobs_or_zero_occ_residues.id 
_pdbx_unobs_or_zero_occ_residues.PDB_model_num 
_pdbx_unobs_or_zero_occ_residues.polymer_flag 
_pdbx_unobs_or_zero_occ_residues.occupancy_flag 
_pdbx_unobs_or_zero_occ_residues.auth_asym_id 
_pdbx_unobs_or_zero_occ_residues.auth_comp_id 
_pdbx_unobs_or_zero_occ_residues.auth_seq_id 
_pdbx_unobs_or_zero_occ_residues.PDB_ins_code 
_pdbx_unobs_or_zero_occ_residues.label_asym_id 
_pdbx_unobs_or_zero_occ_residues.label_comp_id 
_pdbx_unobs_or_zero_occ_residues.label_seq_id 
1  1 Y 1 A MET 1292 ? A MET 1   
2  1 Y 1 A HIS 1293 ? A HIS 2   
3  1 Y 1 A HIS 1294 ? A HIS 3   
4  1 Y 1 A HIS 1295 ? A HIS 4   
5  1 Y 1 A HIS 1296 ? A HIS 5   
6  1 Y 1 A HIS 1297 ? A HIS 6   
7  1 Y 1 A HIS 1298 ? A HIS 7   
8  1 Y 1 A SER 1299 ? A SER 8   
9  1 Y 1 A SER 1300 ? A SER 9   
10 1 Y 1 A GLY 1301 ? A GLY 10  
11 1 Y 1 A VAL 1302 ? A VAL 11  
12 1 Y 1 A ASP 1303 ? A ASP 12  
13 1 Y 1 A LEU 1304 ? A LEU 13  
14 1 Y 1 A GLY 1305 ? A GLY 14  
15 1 Y 1 A THR 1306 ? A THR 15  
16 1 Y 1 A GLU 1307 ? A GLU 16  
17 1 Y 1 A ASN 1308 ? A ASN 17  
18 1 Y 1 A LEU 1309 ? A LEU 18  
19 1 Y 1 A TYR 1310 ? A TYR 19  
20 1 Y 1 A PHE 1311 ? A PHE 20  
21 1 Y 1 A GLN 1312 ? A GLN 21  
22 1 Y 1 A SER 1313 ? A SER 22  
23 1 Y 1 A MET 1314 ? A MET 23  
24 1 Y 1 A SER 1315 ? A SER 24  
25 1 Y 1 A ASN 1435 ? A ASN 144 
26 1 Y 1 A THR 1436 ? A THR 145 
27 1 Y 1 A ILE 1437 ? A ILE 146 
28 1 Y 1 A THR 1438 ? A THR 147 
29 1 Y 1 A LYS 1439 ? A LYS 148 
30 1 Y 1 A ARG 1440 ? A ARG 149 
# 
loop_
_chem_comp_atom.comp_id 
_chem_comp_atom.atom_id 
_chem_comp_atom.type_symbol 
_chem_comp_atom.pdbx_aromatic_flag 
_chem_comp_atom.pdbx_stereo_config 
_chem_comp_atom.pdbx_ordinal 
ALA N    N N N 1   
ALA CA   C N S 2   
ALA C    C N N 3   
ALA O    O N N 4   
ALA CB   C N N 5   
ALA OXT  O N N 6   
ALA H    H N N 7   
ALA H2   H N N 8   
ALA HA   H N N 9   
ALA HB1  H N N 10  
ALA HB2  H N N 11  
ALA HB3  H N N 12  
ALA HXT  H N N 13  
ARG N    N N N 14  
ARG CA   C N S 15  
ARG C    C N N 16  
ARG O    O N N 17  
ARG CB   C N N 18  
ARG CG   C N N 19  
ARG CD   C N N 20  
ARG NE   N N N 21  
ARG CZ   C N N 22  
ARG NH1  N N N 23  
ARG NH2  N N N 24  
ARG OXT  O N N 25  
ARG H    H N N 26  
ARG H2   H N N 27  
ARG HA   H N N 28  
ARG HB2  H N N 29  
ARG HB3  H N N 30  
ARG HG2  H N N 31  
ARG HG3  H N N 32  
ARG HD2  H N N 33  
ARG HD3  H N N 34  
ARG HE   H N N 35  
ARG HH11 H N N 36  
ARG HH12 H N N 37  
ARG HH21 H N N 38  
ARG HH22 H N N 39  
ARG HXT  H N N 40  
ASN N    N N N 41  
ASN CA   C N S 42  
ASN C    C N N 43  
ASN O    O N N 44  
ASN CB   C N N 45  
ASN CG   C N N 46  
ASN OD1  O N N 47  
ASN ND2  N N N 48  
ASN OXT  O N N 49  
ASN H    H N N 50  
ASN H2   H N N 51  
ASN HA   H N N 52  
ASN HB2  H N N 53  
ASN HB3  H N N 54  
ASN HD21 H N N 55  
ASN HD22 H N N 56  
ASN HXT  H N N 57  
ASP N    N N N 58  
ASP CA   C N S 59  
ASP C    C N N 60  
ASP O    O N N 61  
ASP CB   C N N 62  
ASP CG   C N N 63  
ASP OD1  O N N 64  
ASP OD2  O N N 65  
ASP OXT  O N N 66  
ASP H    H N N 67  
ASP H2   H N N 68  
ASP HA   H N N 69  
ASP HB2  H N N 70  
ASP HB3  H N N 71  
ASP HD2  H N N 72  
ASP HXT  H N N 73  
CYS N    N N N 74  
CYS CA   C N R 75  
CYS C    C N N 76  
CYS O    O N N 77  
CYS CB   C N N 78  
CYS SG   S N N 79  
CYS OXT  O N N 80  
CYS H    H N N 81  
CYS H2   H N N 82  
CYS HA   H N N 83  
CYS HB2  H N N 84  
CYS HB3  H N N 85  
CYS HG   H N N 86  
CYS HXT  H N N 87  
GLN N    N N N 88  
GLN CA   C N S 89  
GLN C    C N N 90  
GLN O    O N N 91  
GLN CB   C N N 92  
GLN CG   C N N 93  
GLN CD   C N N 94  
GLN OE1  O N N 95  
GLN NE2  N N N 96  
GLN OXT  O N N 97  
GLN H    H N N 98  
GLN H2   H N N 99  
GLN HA   H N N 100 
GLN HB2  H N N 101 
GLN HB3  H N N 102 
GLN HG2  H N N 103 
GLN HG3  H N N 104 
GLN HE21 H N N 105 
GLN HE22 H N N 106 
GLN HXT  H N N 107 
GLU N    N N N 108 
GLU CA   C N S 109 
GLU C    C N N 110 
GLU O    O N N 111 
GLU CB   C N N 112 
GLU CG   C N N 113 
GLU CD   C N N 114 
GLU OE1  O N N 115 
GLU OE2  O N N 116 
GLU OXT  O N N 117 
GLU H    H N N 118 
GLU H2   H N N 119 
GLU HA   H N N 120 
GLU HB2  H N N 121 
GLU HB3  H N N 122 
GLU HG2  H N N 123 
GLU HG3  H N N 124 
GLU HE2  H N N 125 
GLU HXT  H N N 126 
GLY N    N N N 127 
GLY CA   C N N 128 
GLY C    C N N 129 
GLY O    O N N 130 
GLY OXT  O N N 131 
GLY H    H N N 132 
GLY H2   H N N 133 
GLY HA2  H N N 134 
GLY HA3  H N N 135 
GLY HXT  H N N 136 
HIS N    N N N 137 
HIS CA   C N S 138 
HIS C    C N N 139 
HIS O    O N N 140 
HIS CB   C N N 141 
HIS CG   C Y N 142 
HIS ND1  N Y N 143 
HIS CD2  C Y N 144 
HIS CE1  C Y N 145 
HIS NE2  N Y N 146 
HIS OXT  O N N 147 
HIS H    H N N 148 
HIS H2   H N N 149 
HIS HA   H N N 150 
HIS HB2  H N N 151 
HIS HB3  H N N 152 
HIS HD1  H N N 153 
HIS HD2  H N N 154 
HIS HE1  H N N 155 
HIS HE2  H N N 156 
HIS HXT  H N N 157 
HOH O    O N N 158 
HOH H1   H N N 159 
HOH H2   H N N 160 
ILE N    N N N 161 
ILE CA   C N S 162 
ILE C    C N N 163 
ILE O    O N N 164 
ILE CB   C N S 165 
ILE CG1  C N N 166 
ILE CG2  C N N 167 
ILE CD1  C N N 168 
ILE OXT  O N N 169 
ILE H    H N N 170 
ILE H2   H N N 171 
ILE HA   H N N 172 
ILE HB   H N N 173 
ILE HG12 H N N 174 
ILE HG13 H N N 175 
ILE HG21 H N N 176 
ILE HG22 H N N 177 
ILE HG23 H N N 178 
ILE HD11 H N N 179 
ILE HD12 H N N 180 
ILE HD13 H N N 181 
ILE HXT  H N N 182 
LEU N    N N N 183 
LEU CA   C N S 184 
LEU C    C N N 185 
LEU O    O N N 186 
LEU CB   C N N 187 
LEU CG   C N N 188 
LEU CD1  C N N 189 
LEU CD2  C N N 190 
LEU OXT  O N N 191 
LEU H    H N N 192 
LEU H2   H N N 193 
LEU HA   H N N 194 
LEU HB2  H N N 195 
LEU HB3  H N N 196 
LEU HG   H N N 197 
LEU HD11 H N N 198 
LEU HD12 H N N 199 
LEU HD13 H N N 200 
LEU HD21 H N N 201 
LEU HD22 H N N 202 
LEU HD23 H N N 203 
LEU HXT  H N N 204 
LYS N    N N N 205 
LYS CA   C N S 206 
LYS C    C N N 207 
LYS O    O N N 208 
LYS CB   C N N 209 
LYS CG   C N N 210 
LYS CD   C N N 211 
LYS CE   C N N 212 
LYS NZ   N N N 213 
LYS OXT  O N N 214 
LYS H    H N N 215 
LYS H2   H N N 216 
LYS HA   H N N 217 
LYS HB2  H N N 218 
LYS HB3  H N N 219 
LYS HG2  H N N 220 
LYS HG3  H N N 221 
LYS HD2  H N N 222 
LYS HD3  H N N 223 
LYS HE2  H N N 224 
LYS HE3  H N N 225 
LYS HZ1  H N N 226 
LYS HZ2  H N N 227 
LYS HZ3  H N N 228 
LYS HXT  H N N 229 
MET N    N N N 230 
MET CA   C N S 231 
MET C    C N N 232 
MET O    O N N 233 
MET CB   C N N 234 
MET CG   C N N 235 
MET SD   S N N 236 
MET CE   C N N 237 
MET OXT  O N N 238 
MET H    H N N 239 
MET H2   H N N 240 
MET HA   H N N 241 
MET HB2  H N N 242 
MET HB3  H N N 243 
MET HG2  H N N 244 
MET HG3  H N N 245 
MET HE1  H N N 246 
MET HE2  H N N 247 
MET HE3  H N N 248 
MET HXT  H N N 249 
PHE N    N N N 250 
PHE CA   C N S 251 
PHE C    C N N 252 
PHE O    O N N 253 
PHE CB   C N N 254 
PHE CG   C Y N 255 
PHE CD1  C Y N 256 
PHE CD2  C Y N 257 
PHE CE1  C Y N 258 
PHE CE2  C Y N 259 
PHE CZ   C Y N 260 
PHE OXT  O N N 261 
PHE H    H N N 262 
PHE H2   H N N 263 
PHE HA   H N N 264 
PHE HB2  H N N 265 
PHE HB3  H N N 266 
PHE HD1  H N N 267 
PHE HD2  H N N 268 
PHE HE1  H N N 269 
PHE HE2  H N N 270 
PHE HZ   H N N 271 
PHE HXT  H N N 272 
PRO N    N N N 273 
PRO CA   C N S 274 
PRO C    C N N 275 
PRO O    O N N 276 
PRO CB   C N N 277 
PRO CG   C N N 278 
PRO CD   C N N 279 
PRO OXT  O N N 280 
PRO H    H N N 281 
PRO HA   H N N 282 
PRO HB2  H N N 283 
PRO HB3  H N N 284 
PRO HG2  H N N 285 
PRO HG3  H N N 286 
PRO HD2  H N N 287 
PRO HD3  H N N 288 
PRO HXT  H N N 289 
SER N    N N N 290 
SER CA   C N S 291 
SER C    C N N 292 
SER O    O N N 293 
SER CB   C N N 294 
SER OG   O N N 295 
SER OXT  O N N 296 
SER H    H N N 297 
SER H2   H N N 298 
SER HA   H N N 299 
SER HB2  H N N 300 
SER HB3  H N N 301 
SER HG   H N N 302 
SER HXT  H N N 303 
THR N    N N N 304 
THR CA   C N S 305 
THR C    C N N 306 
THR O    O N N 307 
THR CB   C N R 308 
THR OG1  O N N 309 
THR CG2  C N N 310 
THR OXT  O N N 311 
THR H    H N N 312 
THR H2   H N N 313 
THR HA   H N N 314 
THR HB   H N N 315 
THR HG1  H N N 316 
THR HG21 H N N 317 
THR HG22 H N N 318 
THR HG23 H N N 319 
THR HXT  H N N 320 
TRP N    N N N 321 
TRP CA   C N S 322 
TRP C    C N N 323 
TRP O    O N N 324 
TRP CB   C N N 325 
TRP CG   C Y N 326 
TRP CD1  C Y N 327 
TRP CD2  C Y N 328 
TRP NE1  N Y N 329 
TRP CE2  C Y N 330 
TRP CE3  C Y N 331 
TRP CZ2  C Y N 332 
TRP CZ3  C Y N 333 
TRP CH2  C Y N 334 
TRP OXT  O N N 335 
TRP H    H N N 336 
TRP H2   H N N 337 
TRP HA   H N N 338 
TRP HB2  H N N 339 
TRP HB3  H N N 340 
TRP HD1  H N N 341 
TRP HE1  H N N 342 
TRP HE3  H N N 343 
TRP HZ2  H N N 344 
TRP HZ3  H N N 345 
TRP HH2  H N N 346 
TRP HXT  H N N 347 
TYR N    N N N 348 
TYR CA   C N S 349 
TYR C    C N N 350 
TYR O    O N N 351 
TYR CB   C N N 352 
TYR CG   C Y N 353 
TYR CD1  C Y N 354 
TYR CD2  C Y N 355 
TYR CE1  C Y N 356 
TYR CE2  C Y N 357 
TYR CZ   C Y N 358 
TYR OH   O N N 359 
TYR OXT  O N N 360 
TYR H    H N N 361 
TYR H2   H N N 362 
TYR HA   H N N 363 
TYR HB2  H N N 364 
TYR HB3  H N N 365 
TYR HD1  H N N 366 
TYR HD2  H N N 367 
TYR HE1  H N N 368 
TYR HE2  H N N 369 
TYR HH   H N N 370 
TYR HXT  H N N 371 
VAL N    N N N 372 
VAL CA   C N S 373 
VAL C    C N N 374 
VAL O    O N N 375 
VAL CB   C N N 376 
VAL CG1  C N N 377 
VAL CG2  C N N 378 
VAL OXT  O N N 379 
VAL H    H N N 380 
VAL H2   H N N 381 
VAL HA   H N N 382 
VAL HB   H N N 383 
VAL HG11 H N N 384 
VAL HG12 H N N 385 
VAL HG13 H N N 386 
VAL HG21 H N N 387 
VAL HG22 H N N 388 
VAL HG23 H N N 389 
VAL HXT  H N N 390 
Y1S N1   N N N 391 
Y1S C4   C N N 392 
Y1S C5   C N N 393 
Y1S C6   C Y N 394 
Y1S C7   C Y N 395 
Y1S C8   C Y N 396 
Y1S C10  C N N 397 
Y1S N    N N N 398 
Y1S C    C N N 399 
Y1S O    O N N 400 
Y1S C1   C N N 401 
Y1S C11  C N N 402 
Y1S C2   C N N 403 
Y1S C3   C N N 404 
Y1S C9   C Y N 405 
Y1S F    F N N 406 
Y1S F1   F N N 407 
Y1S F2   F N N 408 
Y1S N2   N N N 409 
Y1S O1   O N N 410 
Y1S O2   O Y N 411 
Y1S H6   H N N 412 
Y1S H5   H N N 413 
Y1S H7   H N N 414 
Y1S H8   H N N 415 
Y1S H10  H N N 416 
Y1S H11  H N N 417 
Y1S H    H N N 418 
Y1S H1   H N N 419 
Y1S H2   H N N 420 
Y1S H13  H N N 421 
Y1S H12  H N N 422 
Y1S H3   H N N 423 
Y1S H4   H N N 424 
Y1S H9   H N N 425 
# 
loop_
_chem_comp_bond.comp_id 
_chem_comp_bond.atom_id_1 
_chem_comp_bond.atom_id_2 
_chem_comp_bond.value_order 
_chem_comp_bond.pdbx_aromatic_flag 
_chem_comp_bond.pdbx_stereo_config 
_chem_comp_bond.pdbx_ordinal 
ALA N   CA   sing N N 1   
ALA N   H    sing N N 2   
ALA N   H2   sing N N 3   
ALA CA  C    sing N N 4   
ALA CA  CB   sing N N 5   
ALA CA  HA   sing N N 6   
ALA C   O    doub N N 7   
ALA C   OXT  sing N N 8   
ALA CB  HB1  sing N N 9   
ALA CB  HB2  sing N N 10  
ALA CB  HB3  sing N N 11  
ALA OXT HXT  sing N N 12  
ARG N   CA   sing N N 13  
ARG N   H    sing N N 14  
ARG N   H2   sing N N 15  
ARG CA  C    sing N N 16  
ARG CA  CB   sing N N 17  
ARG CA  HA   sing N N 18  
ARG C   O    doub N N 19  
ARG C   OXT  sing N N 20  
ARG CB  CG   sing N N 21  
ARG CB  HB2  sing N N 22  
ARG CB  HB3  sing N N 23  
ARG CG  CD   sing N N 24  
ARG CG  HG2  sing N N 25  
ARG CG  HG3  sing N N 26  
ARG CD  NE   sing N N 27  
ARG CD  HD2  sing N N 28  
ARG CD  HD3  sing N N 29  
ARG NE  CZ   sing N N 30  
ARG NE  HE   sing N N 31  
ARG CZ  NH1  sing N N 32  
ARG CZ  NH2  doub N N 33  
ARG NH1 HH11 sing N N 34  
ARG NH1 HH12 sing N N 35  
ARG NH2 HH21 sing N N 36  
ARG NH2 HH22 sing N N 37  
ARG OXT HXT  sing N N 38  
ASN N   CA   sing N N 39  
ASN N   H    sing N N 40  
ASN N   H2   sing N N 41  
ASN CA  C    sing N N 42  
ASN CA  CB   sing N N 43  
ASN CA  HA   sing N N 44  
ASN C   O    doub N N 45  
ASN C   OXT  sing N N 46  
ASN CB  CG   sing N N 47  
ASN CB  HB2  sing N N 48  
ASN CB  HB3  sing N N 49  
ASN CG  OD1  doub N N 50  
ASN CG  ND2  sing N N 51  
ASN ND2 HD21 sing N N 52  
ASN ND2 HD22 sing N N 53  
ASN OXT HXT  sing N N 54  
ASP N   CA   sing N N 55  
ASP N   H    sing N N 56  
ASP N   H2   sing N N 57  
ASP CA  C    sing N N 58  
ASP CA  CB   sing N N 59  
ASP CA  HA   sing N N 60  
ASP C   O    doub N N 61  
ASP C   OXT  sing N N 62  
ASP CB  CG   sing N N 63  
ASP CB  HB2  sing N N 64  
ASP CB  HB3  sing N N 65  
ASP CG  OD1  doub N N 66  
ASP CG  OD2  sing N N 67  
ASP OD2 HD2  sing N N 68  
ASP OXT HXT  sing N N 69  
CYS N   CA   sing N N 70  
CYS N   H    sing N N 71  
CYS N   H2   sing N N 72  
CYS CA  C    sing N N 73  
CYS CA  CB   sing N N 74  
CYS CA  HA   sing N N 75  
CYS C   O    doub N N 76  
CYS C   OXT  sing N N 77  
CYS CB  SG   sing N N 78  
CYS CB  HB2  sing N N 79  
CYS CB  HB3  sing N N 80  
CYS SG  HG   sing N N 81  
CYS OXT HXT  sing N N 82  
GLN N   CA   sing N N 83  
GLN N   H    sing N N 84  
GLN N   H2   sing N N 85  
GLN CA  C    sing N N 86  
GLN CA  CB   sing N N 87  
GLN CA  HA   sing N N 88  
GLN C   O    doub N N 89  
GLN C   OXT  sing N N 90  
GLN CB  CG   sing N N 91  
GLN CB  HB2  sing N N 92  
GLN CB  HB3  sing N N 93  
GLN CG  CD   sing N N 94  
GLN CG  HG2  sing N N 95  
GLN CG  HG3  sing N N 96  
GLN CD  OE1  doub N N 97  
GLN CD  NE2  sing N N 98  
GLN NE2 HE21 sing N N 99  
GLN NE2 HE22 sing N N 100 
GLN OXT HXT  sing N N 101 
GLU N   CA   sing N N 102 
GLU N   H    sing N N 103 
GLU N   H2   sing N N 104 
GLU CA  C    sing N N 105 
GLU CA  CB   sing N N 106 
GLU CA  HA   sing N N 107 
GLU C   O    doub N N 108 
GLU C   OXT  sing N N 109 
GLU CB  CG   sing N N 110 
GLU CB  HB2  sing N N 111 
GLU CB  HB3  sing N N 112 
GLU CG  CD   sing N N 113 
GLU CG  HG2  sing N N 114 
GLU CG  HG3  sing N N 115 
GLU CD  OE1  doub N N 116 
GLU CD  OE2  sing N N 117 
GLU OE2 HE2  sing N N 118 
GLU OXT HXT  sing N N 119 
GLY N   CA   sing N N 120 
GLY N   H    sing N N 121 
GLY N   H2   sing N N 122 
GLY CA  C    sing N N 123 
GLY CA  HA2  sing N N 124 
GLY CA  HA3  sing N N 125 
GLY C   O    doub N N 126 
GLY C   OXT  sing N N 127 
GLY OXT HXT  sing N N 128 
HIS N   CA   sing N N 129 
HIS N   H    sing N N 130 
HIS N   H2   sing N N 131 
HIS CA  C    sing N N 132 
HIS CA  CB   sing N N 133 
HIS CA  HA   sing N N 134 
HIS C   O    doub N N 135 
HIS C   OXT  sing N N 136 
HIS CB  CG   sing N N 137 
HIS CB  HB2  sing N N 138 
HIS CB  HB3  sing N N 139 
HIS CG  ND1  sing Y N 140 
HIS CG  CD2  doub Y N 141 
HIS ND1 CE1  doub Y N 142 
HIS ND1 HD1  sing N N 143 
HIS CD2 NE2  sing Y N 144 
HIS CD2 HD2  sing N N 145 
HIS CE1 NE2  sing Y N 146 
HIS CE1 HE1  sing N N 147 
HIS NE2 HE2  sing N N 148 
HIS OXT HXT  sing N N 149 
HOH O   H1   sing N N 150 
HOH O   H2   sing N N 151 
ILE N   CA   sing N N 152 
ILE N   H    sing N N 153 
ILE N   H2   sing N N 154 
ILE CA  C    sing N N 155 
ILE CA  CB   sing N N 156 
ILE CA  HA   sing N N 157 
ILE C   O    doub N N 158 
ILE C   OXT  sing N N 159 
ILE CB  CG1  sing N N 160 
ILE CB  CG2  sing N N 161 
ILE CB  HB   sing N N 162 
ILE CG1 CD1  sing N N 163 
ILE CG1 HG12 sing N N 164 
ILE CG1 HG13 sing N N 165 
ILE CG2 HG21 sing N N 166 
ILE CG2 HG22 sing N N 167 
ILE CG2 HG23 sing N N 168 
ILE CD1 HD11 sing N N 169 
ILE CD1 HD12 sing N N 170 
ILE CD1 HD13 sing N N 171 
ILE OXT HXT  sing N N 172 
LEU N   CA   sing N N 173 
LEU N   H    sing N N 174 
LEU N   H2   sing N N 175 
LEU CA  C    sing N N 176 
LEU CA  CB   sing N N 177 
LEU CA  HA   sing N N 178 
LEU C   O    doub N N 179 
LEU C   OXT  sing N N 180 
LEU CB  CG   sing N N 181 
LEU CB  HB2  sing N N 182 
LEU CB  HB3  sing N N 183 
LEU CG  CD1  sing N N 184 
LEU CG  CD2  sing N N 185 
LEU CG  HG   sing N N 186 
LEU CD1 HD11 sing N N 187 
LEU CD1 HD12 sing N N 188 
LEU CD1 HD13 sing N N 189 
LEU CD2 HD21 sing N N 190 
LEU CD2 HD22 sing N N 191 
LEU CD2 HD23 sing N N 192 
LEU OXT HXT  sing N N 193 
LYS N   CA   sing N N 194 
LYS N   H    sing N N 195 
LYS N   H2   sing N N 196 
LYS CA  C    sing N N 197 
LYS CA  CB   sing N N 198 
LYS CA  HA   sing N N 199 
LYS C   O    doub N N 200 
LYS C   OXT  sing N N 201 
LYS CB  CG   sing N N 202 
LYS CB  HB2  sing N N 203 
LYS CB  HB3  sing N N 204 
LYS CG  CD   sing N N 205 
LYS CG  HG2  sing N N 206 
LYS CG  HG3  sing N N 207 
LYS CD  CE   sing N N 208 
LYS CD  HD2  sing N N 209 
LYS CD  HD3  sing N N 210 
LYS CE  NZ   sing N N 211 
LYS CE  HE2  sing N N 212 
LYS CE  HE3  sing N N 213 
LYS NZ  HZ1  sing N N 214 
LYS NZ  HZ2  sing N N 215 
LYS NZ  HZ3  sing N N 216 
LYS OXT HXT  sing N N 217 
MET N   CA   sing N N 218 
MET N   H    sing N N 219 
MET N   H2   sing N N 220 
MET CA  C    sing N N 221 
MET CA  CB   sing N N 222 
MET CA  HA   sing N N 223 
MET C   O    doub N N 224 
MET C   OXT  sing N N 225 
MET CB  CG   sing N N 226 
MET CB  HB2  sing N N 227 
MET CB  HB3  sing N N 228 
MET CG  SD   sing N N 229 
MET CG  HG2  sing N N 230 
MET CG  HG3  sing N N 231 
MET SD  CE   sing N N 232 
MET CE  HE1  sing N N 233 
MET CE  HE2  sing N N 234 
MET CE  HE3  sing N N 235 
MET OXT HXT  sing N N 236 
PHE N   CA   sing N N 237 
PHE N   H    sing N N 238 
PHE N   H2   sing N N 239 
PHE CA  C    sing N N 240 
PHE CA  CB   sing N N 241 
PHE CA  HA   sing N N 242 
PHE C   O    doub N N 243 
PHE C   OXT  sing N N 244 
PHE CB  CG   sing N N 245 
PHE CB  HB2  sing N N 246 
PHE CB  HB3  sing N N 247 
PHE CG  CD1  doub Y N 248 
PHE CG  CD2  sing Y N 249 
PHE CD1 CE1  sing Y N 250 
PHE CD1 HD1  sing N N 251 
PHE CD2 CE2  doub Y N 252 
PHE CD2 HD2  sing N N 253 
PHE CE1 CZ   doub Y N 254 
PHE CE1 HE1  sing N N 255 
PHE CE2 CZ   sing Y N 256 
PHE CE2 HE2  sing N N 257 
PHE CZ  HZ   sing N N 258 
PHE OXT HXT  sing N N 259 
PRO N   CA   sing N N 260 
PRO N   CD   sing N N 261 
PRO N   H    sing N N 262 
PRO CA  C    sing N N 263 
PRO CA  CB   sing N N 264 
PRO CA  HA   sing N N 265 
PRO C   O    doub N N 266 
PRO C   OXT  sing N N 267 
PRO CB  CG   sing N N 268 
PRO CB  HB2  sing N N 269 
PRO CB  HB3  sing N N 270 
PRO CG  CD   sing N N 271 
PRO CG  HG2  sing N N 272 
PRO CG  HG3  sing N N 273 
PRO CD  HD2  sing N N 274 
PRO CD  HD3  sing N N 275 
PRO OXT HXT  sing N N 276 
SER N   CA   sing N N 277 
SER N   H    sing N N 278 
SER N   H2   sing N N 279 
SER CA  C    sing N N 280 
SER CA  CB   sing N N 281 
SER CA  HA   sing N N 282 
SER C   O    doub N N 283 
SER C   OXT  sing N N 284 
SER CB  OG   sing N N 285 
SER CB  HB2  sing N N 286 
SER CB  HB3  sing N N 287 
SER OG  HG   sing N N 288 
SER OXT HXT  sing N N 289 
THR N   CA   sing N N 290 
THR N   H    sing N N 291 
THR N   H2   sing N N 292 
THR CA  C    sing N N 293 
THR CA  CB   sing N N 294 
THR CA  HA   sing N N 295 
THR C   O    doub N N 296 
THR C   OXT  sing N N 297 
THR CB  OG1  sing N N 298 
THR CB  CG2  sing N N 299 
THR CB  HB   sing N N 300 
THR OG1 HG1  sing N N 301 
THR CG2 HG21 sing N N 302 
THR CG2 HG22 sing N N 303 
THR CG2 HG23 sing N N 304 
THR OXT HXT  sing N N 305 
TRP N   CA   sing N N 306 
TRP N   H    sing N N 307 
TRP N   H2   sing N N 308 
TRP CA  C    sing N N 309 
TRP CA  CB   sing N N 310 
TRP CA  HA   sing N N 311 
TRP C   O    doub N N 312 
TRP C   OXT  sing N N 313 
TRP CB  CG   sing N N 314 
TRP CB  HB2  sing N N 315 
TRP CB  HB3  sing N N 316 
TRP CG  CD1  doub Y N 317 
TRP CG  CD2  sing Y N 318 
TRP CD1 NE1  sing Y N 319 
TRP CD1 HD1  sing N N 320 
TRP CD2 CE2  doub Y N 321 
TRP CD2 CE3  sing Y N 322 
TRP NE1 CE2  sing Y N 323 
TRP NE1 HE1  sing N N 324 
TRP CE2 CZ2  sing Y N 325 
TRP CE3 CZ3  doub Y N 326 
TRP CE3 HE3  sing N N 327 
TRP CZ2 CH2  doub Y N 328 
TRP CZ2 HZ2  sing N N 329 
TRP CZ3 CH2  sing Y N 330 
TRP CZ3 HZ3  sing N N 331 
TRP CH2 HH2  sing N N 332 
TRP OXT HXT  sing N N 333 
TYR N   CA   sing N N 334 
TYR N   H    sing N N 335 
TYR N   H2   sing N N 336 
TYR CA  C    sing N N 337 
TYR CA  CB   sing N N 338 
TYR CA  HA   sing N N 339 
TYR C   O    doub N N 340 
TYR C   OXT  sing N N 341 
TYR CB  CG   sing N N 342 
TYR CB  HB2  sing N N 343 
TYR CB  HB3  sing N N 344 
TYR CG  CD1  doub Y N 345 
TYR CG  CD2  sing Y N 346 
TYR CD1 CE1  sing Y N 347 
TYR CD1 HD1  sing N N 348 
TYR CD2 CE2  doub Y N 349 
TYR CD2 HD2  sing N N 350 
TYR CE1 CZ   doub Y N 351 
TYR CE1 HE1  sing N N 352 
TYR CE2 CZ   sing Y N 353 
TYR CE2 HE2  sing N N 354 
TYR CZ  OH   sing N N 355 
TYR OH  HH   sing N N 356 
TYR OXT HXT  sing N N 357 
VAL N   CA   sing N N 358 
VAL N   H    sing N N 359 
VAL N   H2   sing N N 360 
VAL CA  C    sing N N 361 
VAL CA  CB   sing N N 362 
VAL CA  HA   sing N N 363 
VAL C   O    doub N N 364 
VAL C   OXT  sing N N 365 
VAL CB  CG1  sing N N 366 
VAL CB  CG2  sing N N 367 
VAL CB  HB   sing N N 368 
VAL CG1 HG11 sing N N 369 
VAL CG1 HG12 sing N N 370 
VAL CG1 HG13 sing N N 371 
VAL CG2 HG21 sing N N 372 
VAL CG2 HG22 sing N N 373 
VAL CG2 HG23 sing N N 374 
VAL OXT HXT  sing N N 375 
Y1S O   C    doub N N 376 
Y1S N   C    sing N N 377 
Y1S C1  N    sing N N 378 
Y1S C2  C1   sing N N 379 
Y1S F   C2   sing N N 380 
Y1S F1  C2   sing N N 381 
Y1S F2  C2   sing N N 382 
Y1S C   N1   sing N N 383 
Y1S N1  C3   sing N N 384 
Y1S C3  C4   sing N N 385 
Y1S C4  N2   sing N N 386 
Y1S N2  C5   sing N N 387 
Y1S C5  O1   doub N N 388 
Y1S C6  C5   sing N N 389 
Y1S C6  C7   doub Y N 390 
Y1S C7  C8   sing Y N 391 
Y1S C8  C9   doub Y N 392 
Y1S C9  O2   sing Y N 393 
Y1S O2  C6   sing Y N 394 
Y1S C10 N2   sing N N 395 
Y1S C11 C10  sing N N 396 
Y1S N1  C11  sing N N 397 
Y1S C4  H6   sing N N 398 
Y1S C4  H5   sing N N 399 
Y1S C7  H7   sing N N 400 
Y1S C8  H8   sing N N 401 
Y1S C10 H10  sing N N 402 
Y1S C10 H11  sing N N 403 
Y1S N   H    sing N N 404 
Y1S C1  H1   sing N N 405 
Y1S C1  H2   sing N N 406 
Y1S C11 H13  sing N N 407 
Y1S C11 H12  sing N N 408 
Y1S C3  H3   sing N N 409 
Y1S C3  H4   sing N N 410 
Y1S C9  H9   sing N N 411 
# 
_pdbx_deposit_group.group_id            G_1002190 
_pdbx_deposit_group.group_description   
;XDomainX of XOrganismX PHIP screened against crude reaction mixtures by X-ray Crystallography at the XChem facility of Diamond Light Source beamline I04-1
;
_pdbx_deposit_group.group_title         'PanDDA analysis group deposition' 
_pdbx_deposit_group.group_type          'changed state' 
# 
_atom_sites.entry_id                    5S91 
_atom_sites.fract_transf_matrix[1][1]   0.00600007 
_atom_sites.fract_transf_matrix[1][2]   0.00951715 
_atom_sites.fract_transf_matrix[1][3]   -0.00550941 
_atom_sites.fract_transf_matrix[2][1]   0.01376591 
_atom_sites.fract_transf_matrix[2][2]   -0.02342331 
_atom_sites.fract_transf_matrix[2][3]   -0.02547038 
_atom_sites.fract_transf_matrix[3][1]   -0.01264127 
_atom_sites.fract_transf_matrix[3][2]   0.00559922 
_atom_sites.fract_transf_matrix[3][3]   -0.01198140 
_atom_sites.fract_transf_vector[1]      -0.145177 
_atom_sites.fract_transf_vector[2]      0.457351 
_atom_sites.fract_transf_vector[3]      0.234374 
# 
loop_
_atom_type.symbol 
C 
F 
N 
O 
S 
# 
loop_
_atom_site.group_PDB 
_atom_site.id 
_atom_site.type_symbol 
_atom_site.label_atom_id 
_atom_site.label_alt_id 
_atom_site.label_comp_id 
_atom_site.label_asym_id 
_atom_site.label_entity_id 
_atom_site.label_seq_id 
_atom_site.pdbx_PDB_ins_code 
_atom_site.Cartn_x 
_atom_site.Cartn_y 
_atom_site.Cartn_z 
_atom_site.occupancy 
_atom_site.B_iso_or_equiv 
_atom_site.pdbx_formal_charge 
_atom_site.auth_seq_id 
_atom_site.auth_comp_id 
_atom_site.auth_asym_id 
_atom_site.auth_atom_id 
_atom_site.pdbx_PDB_model_num 
ATOM   1    N N   . TYR A 1 25  ? 19.771  -2.495  13.596  1.00 28.99 ? 1316 TYR A N   1 
ATOM   2    C CA  . TYR A 1 25  ? 19.670  -1.040  13.891  1.00 25.43 ? 1316 TYR A CA  1 
ATOM   3    C C   . TYR A 1 25  ? 20.040  -0.223  12.643  1.00 18.92 ? 1316 TYR A C   1 
ATOM   4    O O   . TYR A 1 25  ? 20.389  0.963   12.781  1.00 18.75 ? 1316 TYR A O   1 
ATOM   5    C CB  . TYR A 1 25  ? 20.542  -0.605  15.059  1.00 28.41 ? 1316 TYR A CB  1 
ATOM   6    C CG  . TYR A 1 25  ? 20.311  -1.340  16.348  1.00 28.43 ? 1316 TYR A CG  1 
ATOM   7    C CD1 . TYR A 1 25  ? 19.043  -1.464  16.907  1.00 27.26 ? 1316 TYR A CD1 1 
ATOM   8    C CD2 . TYR A 1 25  ? 21.392  -1.910  17.003  1.00 31.81 ? 1316 TYR A CD2 1 
ATOM   9    C CE1 . TYR A 1 25  ? 18.855  -2.141  18.107  1.00 28.14 ? 1316 TYR A CE1 1 
ATOM   10   C CE2 . TYR A 1 25  ? 21.224  -2.585  18.196  1.00 29.45 ? 1316 TYR A CE2 1 
ATOM   11   C CZ  . TYR A 1 25  ? 19.961  -2.699  18.741  1.00 29.54 ? 1316 TYR A CZ  1 
ATOM   12   O OH  . TYR A 1 25  ? 19.866  -3.392  19.918  1.00 28.50 ? 1316 TYR A OH  1 
ATOM   13   N N   . ASP A 1 26  ? 19.833  -0.793  11.481  1.00 18.31 ? 1317 ASP A N   1 
ATOM   14   C CA  . ASP A 1 26  ? 20.032  -0.122  10.183  1.00 17.42 ? 1317 ASP A CA  1 
ATOM   15   C C   . ASP A 1 26  ? 18.831  0.782   9.915   1.00 18.48 ? 1317 ASP A C   1 
ATOM   16   O O   . ASP A 1 26  ? 17.763  0.255   9.601   1.00 18.54 ? 1317 ASP A O   1 
ATOM   17   C CB  . ASP A 1 26  ? 20.255  -1.113  9.064   1.00 18.84 ? 1317 ASP A CB  1 
ATOM   18   C CG  . ASP A 1 26  ? 20.569  -0.517  7.719   1.00 18.26 ? 1317 ASP A CG  1 
ATOM   19   O OD1 . ASP A 1 26  ? 20.229  0.644   7.514   1.00 18.65 ? 1317 ASP A OD1 1 
ATOM   20   O OD2 . ASP A 1 26  ? 21.142  -1.237  6.907   1.00 21.87 ? 1317 ASP A OD2 1 
ATOM   21   N N   . ILE A 1 27  ? 19.012  2.081   9.973   1.00 16.06 ? 1318 ILE A N   1 
ATOM   22   C CA  . ILE A 1 27  ? 17.937  3.093   9.818   1.00 16.63 ? 1318 ILE A CA  1 
ATOM   23   C C   . ILE A 1 27  ? 17.472  3.092   8.375   1.00 17.05 ? 1318 ILE A C   1 
ATOM   24   O O   . ILE A 1 27  ? 16.357  3.519   8.177   1.00 18.60 ? 1318 ILE A O   1 
ATOM   25   C CB  . ILE A 1 27  ? 18.496  4.465   10.218  1.00 17.90 ? 1318 ILE A CB  1 
ATOM   26   C CG1 . ILE A 1 27  ? 18.878  4.499   11.694  1.00 18.03 ? 1318 ILE A CG1 1 
ATOM   27   C CG2 . ILE A 1 27  ? 17.548  5.587   9.848   1.00 19.56 ? 1318 ILE A CG2 1 
ATOM   28   C CD1 . ILE A 1 27  ? 19.729  5.706   12.099  1.00 20.53 ? 1318 ILE A CD1 1 
ATOM   29   N N   . GLN A 1 28  ? 18.275  2.616   7.430   1.00 16.12 ? 1319 GLN A N   1 
ATOM   30   C CA  . GLN A 1 28  ? 17.893  2.708   6.003   1.00 16.69 ? 1319 GLN A CA  1 
ATOM   31   C C   . GLN A 1 28  ? 17.281  1.406   5.486   1.00 16.89 ? 1319 GLN A C   1 
ATOM   32   O O   . GLN A 1 28  ? 16.828  1.391   4.341   1.00 17.22 ? 1319 GLN A O   1 
ATOM   33   C CB  . GLN A 1 28  ? 19.118  3.095   5.176   1.00 19.17 ? 1319 GLN A CB  1 
ATOM   34   C CG  . GLN A 1 28  ? 19.437  4.588   5.290   1.00 18.50 ? 1319 GLN A CG  1 
ATOM   35   C CD  . GLN A 1 28  ? 20.489  4.930   6.316   1.00 17.60 ? 1319 GLN A CD  1 
ATOM   36   O OE1 . GLN A 1 28  ? 21.519  4.231   6.433   1.00 19.07 ? 1319 GLN A OE1 1 
ATOM   37   N NE2 . GLN A 1 28  ? 20.220  5.939   7.113   1.00 19.57 ? 1319 GLN A NE2 1 
ATOM   38   N N   . ALA A 1 29  ? 17.311  0.312   6.276   1.00 17.72 ? 1320 ALA A N   1 
ATOM   39   C CA  . ALA A 1 29  ? 17.010  -1.050  5.769   1.00 18.65 ? 1320 ALA A CA  1 
ATOM   40   C C   . ALA A 1 29  ? 15.552  -1.141  5.285   1.00 16.58 ? 1320 ALA A C   1 
ATOM   41   O O   . ALA A 1 29  ? 15.315  -1.916  4.359   1.00 17.91 ? 1320 ALA A O   1 
ATOM   42   C CB  . ALA A 1 29  ? 17.261  -2.090  6.840   1.00 18.87 ? 1320 ALA A CB  1 
ATOM   43   N N   . TRP A 1 30  ? 14.676  -0.287  5.786   1.00 16.71 ? 1321 TRP A N   1 
ATOM   44   C CA  . TRP A 1 30  ? 13.244  -0.376  5.458   1.00 17.14 ? 1321 TRP A CA  1 
ATOM   45   C C   . TRP A 1 30  ? 13.089  -0.204  3.960   1.00 19.04 ? 1321 TRP A C   1 
ATOM   46   O O   . TRP A 1 30  ? 12.114  -0.709  3.410   1.00 16.89 ? 1321 TRP A O   1 
ATOM   47   C CB  . TRP A 1 30  ? 12.446  0.675   6.221   1.00 17.20 ? 1321 TRP A CB  1 
ATOM   48   C CG  . TRP A 1 30  ? 12.848  2.064   5.864   1.00 17.44 ? 1321 TRP A CG  1 
ATOM   49   C CD1 . TRP A 1 30  ? 13.879  2.766   6.386   1.00 18.52 ? 1321 TRP A CD1 1 
ATOM   50   C CD2 . TRP A 1 30  ? 12.266  2.912   4.846   1.00 16.22 ? 1321 TRP A CD2 1 
ATOM   51   N NE1 . TRP A 1 30  ? 13.980  3.993   5.780   1.00 17.76 ? 1321 TRP A NE1 1 
ATOM   52   C CE2 . TRP A 1 30  ? 12.995  4.115   4.856   1.00 17.10 ? 1321 TRP A CE2 1 
ATOM   53   C CE3 . TRP A 1 30  ? 11.173  2.800   3.979   1.00 17.54 ? 1321 TRP A CE3 1 
ATOM   54   C CZ2 . TRP A 1 30  ? 12.694  5.191   4.024   1.00 18.63 ? 1321 TRP A CZ2 1 
ATOM   55   C CZ3 . TRP A 1 30  ? 10.877  3.861   3.161   1.00 17.25 ? 1321 TRP A CZ3 1 
ATOM   56   C CH2 . TRP A 1 30  ? 11.669  5.006   3.138   1.00 19.07 ? 1321 TRP A CH2 1 
ATOM   57   N N   . LYS A 1 31  ? 13.933  0.582   3.296   1.00 18.04 ? 1322 LYS A N   1 
ATOM   58   C CA  . LYS A 1 31  ? 13.633  0.917   1.897   1.00 18.96 ? 1322 LYS A CA  1 
ATOM   59   C C   . LYS A 1 31  ? 13.695  -0.328  1.015   1.00 17.54 ? 1322 LYS A C   1 
ATOM   60   O O   . LYS A 1 31  ? 12.775  -0.615  0.271   1.00 16.95 ? 1322 LYS A O   1 
ATOM   61   C CB  . LYS A 1 31  ? 14.545  2.033   1.422   1.00 19.16 ? 1322 LYS A CB  1 
ATOM   62   C CG  . LYS A 1 31  ? 14.218  2.491   0.004   1.00 17.86 ? 1322 LYS A CG  1 
ATOM   63   C CD  . LYS A 1 31  ? 14.992  3.720   -0.338  1.00 19.08 ? 1322 LYS A CD  1 
ATOM   64   C CE  . LYS A 1 31  ? 14.752  4.174   -1.744  1.00 19.27 ? 1322 LYS A CE  1 
ATOM   65   N NZ  . LYS A 1 31  ? 15.501  5.444   -1.948  1.00 20.08 ? 1322 LYS A NZ  1 
ATOM   66   N N   . LYS A 1 32  ? 14.766  -1.091  1.088   1.00 18.71 ? 1323 LYS A N   1 
ATOM   67   C CA  . LYS A 1 32  ? 14.879  -2.309  0.279   1.00 20.28 ? 1323 LYS A CA  1 
ATOM   68   C C   . LYS A 1 32  ? 13.811  -3.295  0.752   1.00 19.19 ? 1323 LYS A C   1 
ATOM   69   O O   . LYS A 1 32  ? 13.301  -4.014  -0.077  1.00 19.59 ? 1323 LYS A O   1 
ATOM   70   C CB  . LYS A 1 32  ? 16.267  -2.914  0.469   1.00 23.37 ? 1323 LYS A CB  1 
ATOM   71   C CG  . LYS A 1 32  ? 16.533  -4.073  -0.457  1.00 26.19 ? 1323 LYS A CG  1 
ATOM   72   C CD  . LYS A 1 32  ? 17.975  -4.581  -0.405  1.00 30.18 ? 1323 LYS A CD  1 
ATOM   73   N N   . GLN A 1 33  ? 13.525  -3.335  2.046   1.00 18.92 ? 1324 GLN A N   1 
ATOM   74   C CA  . GLN A 1 33  ? 12.484  -4.266  2.548   1.00 18.25 ? 1324 GLN A CA  1 
ATOM   75   C C   . GLN A 1 33  ? 11.157  -3.922  1.890   1.00 18.71 ? 1324 GLN A C   1 
ATOM   76   O O   . GLN A 1 33  ? 10.413  -4.818  1.495   1.00 17.87 ? 1324 GLN A O   1 
ATOM   77   C CB  . GLN A 1 33  ? 12.393  -4.163  4.055   1.00 17.62 ? 1324 GLN A CB  1 
ATOM   78   C CG  . GLN A 1 33  ? 13.586  -4.834  4.700   1.00 18.95 ? 1324 GLN A CG  1 
ATOM   79   C CD  . GLN A 1 33  ? 13.785  -4.411  6.118   1.00 19.62 ? 1324 GLN A CD  1 
ATOM   80   O OE1 . GLN A 1 33  ? 13.031  -3.630  6.680   1.00 20.64 ? 1324 GLN A OE1 1 
ATOM   81   N NE2 . GLN A 1 33  ? 14.861  -4.910  6.700   1.00 22.44 ? 1324 GLN A NE2 1 
ATOM   82   N N   . CYS A 1 34  ? 10.873  -2.637  1.757   1.00 17.10 ? 1325 CYS A N   1 
ATOM   83   C CA  . CYS A 1 34  ? 9.615   -2.190  1.134   1.00 15.86 ? 1325 CYS A CA  1 
ATOM   84   C C   . CYS A 1 34  ? 9.637   -2.461  -0.368  1.00 17.90 ? 1325 CYS A C   1 
ATOM   85   O O   . CYS A 1 34  ? 8.607   -2.865  -0.922  1.00 17.49 ? 1325 CYS A O   1 
ATOM   86   C CB  . CYS A 1 34  ? 9.374   -0.730  1.404   1.00 17.62 ? 1325 CYS A CB  1 
ATOM   87   S SG  . CYS A 1 34  ? 8.821   -0.385  3.096   1.00 17.68 ? 1325 CYS A SG  1 
ATOM   88   N N   . GLU A 1 35  ? 10.769  -2.295  -1.031  1.00 17.44 ? 1326 GLU A N   1 
ATOM   89   C CA  . GLU A 1 35  ? 10.883  -2.650  -2.469  1.00 19.32 ? 1326 GLU A CA  1 
ATOM   90   C C   . GLU A 1 35  ? 10.568  -4.129  -2.660  1.00 19.36 ? 1326 GLU A C   1 
ATOM   91   O O   . GLU A 1 35  ? 9.845   -4.476  -3.580  1.00 20.01 ? 1326 GLU A O   1 
ATOM   92   C CB  . GLU A 1 35  ? 12.278  -2.343  -3.010  1.00 21.75 ? 1326 GLU A CB  1 
ATOM   93   C CG  . GLU A 1 35  ? 12.617  -0.883  -3.145  1.00 24.48 ? 1326 GLU A CG  1 
ATOM   94   C CD  . GLU A 1 35  ? 14.102  -0.543  -3.317  1.00 30.26 ? 1326 GLU A CD  1 
ATOM   95   O OE1 . GLU A 1 35  ? 14.963  -1.436  -3.106  1.00 32.91 ? 1326 GLU A OE1 1 
ATOM   96   O OE2 . GLU A 1 35  ? 14.386  0.640   -3.603  1.00 31.04 ? 1326 GLU A OE2 1 
ATOM   97   N N   . GLU A 1 36  ? 11.127  -4.986  -1.803  0.50 20.50 ? 1327 GLU A N   1 
ATOM   98   C CA  . GLU A 1 36  ? 10.941  -6.451  -1.919  0.50 21.46 ? 1327 GLU A CA  1 
ATOM   99   C C   . GLU A 1 36  ? 9.479   -6.791  -1.617  0.50 20.16 ? 1327 GLU A C   1 
ATOM   100  O O   . GLU A 1 36  ? 8.924   -7.643  -2.328  0.50 19.58 ? 1327 GLU A O   1 
ATOM   101  C CB  . GLU A 1 36  ? 11.937  -7.188  -1.023  0.50 24.06 ? 1327 GLU A CB  1 
ATOM   102  C CG  . GLU A 1 36  ? 13.358  -7.135  -1.564  0.50 26.53 ? 1327 GLU A CG  1 
ATOM   103  C CD  . GLU A 1 36  ? 13.485  -7.389  -3.059  0.50 30.65 ? 1327 GLU A CD  1 
ATOM   104  O OE1 . GLU A 1 36  ? 12.833  -8.339  -3.562  0.50 31.11 ? 1327 GLU A OE1 1 
ATOM   105  O OE2 . GLU A 1 36  ? 14.225  -6.623  -3.725  0.50 32.06 ? 1327 GLU A OE2 1 
ATOM   106  N N   . LEU A 1 37  ? 8.870   -6.122  -0.635  1.00 20.05 ? 1328 LEU A N   1 
ATOM   107  C CA  . LEU A 1 37  ? 7.446   -6.366  -0.328  1.00 18.91 ? 1328 LEU A CA  1 
ATOM   108  C C   . LEU A 1 37  ? 6.586   -5.907  -1.514  1.00 18.04 ? 1328 LEU A C   1 
ATOM   109  O O   . LEU A 1 37  ? 5.657   -6.606  -1.890  1.00 18.99 ? 1328 LEU A O   1 
ATOM   110  C CB  . LEU A 1 37  ? 7.079   -5.650  0.956   1.00 18.28 ? 1328 LEU A CB  1 
ATOM   111  C CG  . LEU A 1 37  ? 5.609   -5.796  1.343   1.00 18.65 ? 1328 LEU A CG  1 
ATOM   112  C CD1 . LEU A 1 37  ? 5.137   -7.250  1.286   1.00 20.39 ? 1328 LEU A CD1 1 
ATOM   113  C CD2 . LEU A 1 37  ? 5.376   -5.221  2.721   1.00 20.86 ? 1328 LEU A CD2 1 
ATOM   114  N N   . LEU A 1 38  ? 6.923   -4.795  -2.139  1.00 18.27 ? 1329 LEU A N   1 
ATOM   115  C CA  . LEU A 1 38  ? 6.154   -4.328  -3.316  1.00 18.37 ? 1329 LEU A CA  1 
ATOM   116  C C   . LEU A 1 38  ? 6.321   -5.342  -4.440  1.00 18.93 ? 1329 LEU A C   1 
ATOM   117  O O   . LEU A 1 38  ? 5.376   -5.569  -5.176  1.00 19.45 ? 1329 LEU A O   1 
ATOM   118  C CB  . LEU A 1 38  ? 6.552   -2.920  -3.732  1.00 18.41 ? 1329 LEU A CB  1 
ATOM   119  C CG  . LEU A 1 38  ? 6.104   -1.825  -2.768  1.00 18.07 ? 1329 LEU A CG  1 
ATOM   120  C CD1 . LEU A 1 38  ? 6.821   -0.544  -3.073  1.00 19.28 ? 1329 LEU A CD1 1 
ATOM   121  C CD2 . LEU A 1 38  ? 4.601   -1.608  -2.803  1.00 18.77 ? 1329 LEU A CD2 1 
ATOM   122  N N   . ASN A 1 39  ? 7.501   -5.920  -4.597  1.00 19.56 ? 1330 ASN A N   1 
ATOM   123  C CA  . ASN A 1 39  ? 7.711   -6.945  -5.651  1.00 22.65 ? 1330 ASN A CA  1 
ATOM   124  C C   . ASN A 1 39  ? 6.752   -8.110  -5.391  1.00 19.53 ? 1330 ASN A C   1 
ATOM   125  O O   . ASN A 1 39  ? 6.134   -8.613  -6.365  1.00 22.37 ? 1330 ASN A O   1 
ATOM   126  C CB  . ASN A 1 39  ? 9.172   -7.388  -5.723  1.00 21.64 ? 1330 ASN A CB  1 
ATOM   127  C CG  . ASN A 1 39  ? 10.056  -6.328  -6.331  1.00 24.73 ? 1330 ASN A CG  1 
ATOM   128  O OD1 . ASN A 1 39  ? 9.591   -5.474  -7.074  1.00 28.93 ? 1330 ASN A OD1 1 
ATOM   129  N ND2 . ASN A 1 39  ? 11.354  -6.399  -6.055  1.00 26.43 ? 1330 ASN A ND2 1 
ATOM   130  N N   . LEU A 1 40  ? 6.657   -8.555  -4.144  1.00 19.42 ? 1331 LEU A N   1 
ATOM   131  C CA  . LEU A 1 40  ? 5.748   -9.666  -3.806  1.00 21.14 ? 1331 LEU A CA  1 
ATOM   132  C C   . LEU A 1 40  ? 4.324   -9.225  -4.153  1.00 20.53 ? 1331 LEU A C   1 
ATOM   133  O O   . LEU A 1 40  ? 3.565   -9.995  -4.733  1.00 19.40 ? 1331 LEU A O   1 
ATOM   134  C CB  . LEU A 1 40  ? 5.865   -10.044 -2.337  1.00 20.68 ? 1331 LEU A CB  1 
ATOM   135  C CG  . LEU A 1 40  ? 7.190   -10.677 -1.915  1.00 21.69 ? 1331 LEU A CG  1 
ATOM   136  C CD1 . LEU A 1 40  ? 7.195   -10.920 -0.420  1.00 22.41 ? 1331 LEU A CD1 1 
ATOM   137  C CD2 . LEU A 1 40  ? 7.439   -11.985 -2.682  1.00 24.28 ? 1331 LEU A CD2 1 
ATOM   138  N N   . ILE A 1 41  ? 3.987   -7.992  -3.826  1.00 18.35 ? 1332 ILE A N   1 
ATOM   139  C CA  . ILE A 1 41  ? 2.583   -7.560  -4.023  1.00 16.76 ? 1332 ILE A CA  1 
ATOM   140  C C   . ILE A 1 41  ? 2.313   -7.543  -5.523  1.00 18.07 ? 1332 ILE A C   1 
ATOM   141  O O   . ILE A 1 41  ? 1.232   -7.985  -5.950  1.00 17.06 ? 1332 ILE A O   1 
ATOM   142  C CB  . ILE A 1 41  ? 2.377   -6.188  -3.354  1.00 17.27 ? 1332 ILE A CB  1 
ATOM   143  C CG1 . ILE A 1 41  ? 2.305   -6.394  -1.842  1.00 19.07 ? 1332 ILE A CG1 1 
ATOM   144  C CG2 . ILE A 1 41  ? 1.132   -5.540  -3.915  1.00 17.56 ? 1332 ILE A CG2 1 
ATOM   145  C CD1 . ILE A 1 41  ? 2.309   -5.143  -1.053  1.00 20.32 ? 1332 ILE A CD1 1 
ATOM   146  N N   . PHE A 1 42  ? 3.239   -7.044  -6.320  1.00 18.87 ? 1333 PHE A N   1 
ATOM   147  C CA  . PHE A 1 42  ? 3.041   -7.002  -7.788  1.00 19.81 ? 1333 PHE A CA  1 
ATOM   148  C C   . PHE A 1 42  ? 2.963   -8.420  -8.366  1.00 20.61 ? 1333 PHE A C   1 
ATOM   149  O O   . PHE A 1 42  ? 2.246   -8.566  -9.390  1.00 25.82 ? 1333 PHE A O   1 
ATOM   150  C CB  . PHE A 1 42  ? 4.147   -6.168  -8.417  1.00 19.25 ? 1333 PHE A CB  1 
ATOM   151  C CG  . PHE A 1 42  ? 3.816   -4.708  -8.541  1.00 18.16 ? 1333 PHE A CG  1 
ATOM   152  C CD1 . PHE A 1 42  ? 4.184   -3.820  -7.539  1.00 18.63 ? 1333 PHE A CD1 1 
ATOM   153  C CD2 . PHE A 1 42  ? 3.115   -4.200  -9.627  1.00 19.01 ? 1333 PHE A CD2 1 
ATOM   154  C CE1 . PHE A 1 42  ? 3.928   -2.467  -7.684  1.00 18.01 ? 1333 PHE A CE1 1 
ATOM   155  C CE2 . PHE A 1 42  ? 2.832   -2.854  -9.744  1.00 18.66 ? 1333 PHE A CE2 1 
ATOM   156  C CZ  . PHE A 1 42  ? 3.226   -1.982  -8.749  1.00 19.36 ? 1333 PHE A CZ  1 
ATOM   157  N N   . GLN A 1 43  ? 3.530   -9.434  -7.720  1.00 23.09 ? 1334 GLN A N   1 
ATOM   158  C CA  . GLN A 1 43  ? 3.438   -10.847 -8.193  1.00 24.97 ? 1334 GLN A CA  1 
ATOM   159  C C   . GLN A 1 43  ? 2.096   -11.461 -7.843  1.00 26.24 ? 1334 GLN A C   1 
ATOM   160  O O   . GLN A 1 43  ? 1.685   -12.404 -8.502  1.00 29.59 ? 1334 GLN A O   1 
ATOM   161  C CB  . GLN A 1 43  ? 4.513   -11.726 -7.547  1.00 26.86 ? 1334 GLN A CB  1 
ATOM   162  C CG  . GLN A 1 43  ? 5.810   -11.767 -8.338  1.00 33.23 ? 1334 GLN A CG  1 
ATOM   163  C CD  . GLN A 1 43  ? 5.596   -12.056 -9.811  1.00 34.49 ? 1334 GLN A CD  1 
ATOM   164  O OE1 . GLN A 1 43  ? 4.905   -13.022 -10.200 1.00 33.18 ? 1334 GLN A OE1 1 
ATOM   165  N NE2 . GLN A 1 43  ? 6.182   -11.205 -10.651 1.00 27.72 ? 1334 GLN A NE2 1 
ATOM   166  N N   A CYS A 1 44  ? 1.451   -10.977 -6.763  0.24 23.78 ? 1335 CYS A N   1 
ATOM   167  N N   B CYS A 1 44  ? 1.422   -10.882 -6.862  0.25 22.75 ? 1335 CYS A N   1 
ATOM   168  C CA  A CYS A 1 44  ? 0.117   -11.433 -6.268  0.24 22.97 ? 1335 CYS A CA  1 
ATOM   169  C CA  B CYS A 1 44  ? 0.150   -11.389 -6.317  0.25 21.50 ? 1335 CYS A CA  1 
ATOM   170  C C   A CYS A 1 44  ? -0.961  -11.038 -7.289  0.24 20.83 ? 1335 CYS A C   1 
ATOM   171  C C   B CYS A 1 44  ? -0.998  -11.006 -7.259  0.25 19.80 ? 1335 CYS A C   1 
ATOM   172  O O   A CYS A 1 44  ? -1.075  -9.844  -7.595  0.24 18.70 ? 1335 CYS A O   1 
ATOM   173  O O   B CYS A 1 44  ? -1.186  -9.812  -7.502  0.25 17.48 ? 1335 CYS A O   1 
ATOM   174  C CB  A CYS A 1 44  ? -0.280  -10.801 -4.930  0.24 23.70 ? 1335 CYS A CB  1 
ATOM   175  C CB  B CYS A 1 44  ? -0.038  -10.801 -4.930  0.25 21.39 ? 1335 CYS A CB  1 
ATOM   176  S SG  A CYS A 1 44  ? 0.767   -11.220 -3.511  0.24 26.21 ? 1335 CYS A SG  1 
ATOM   177  S SG  B CYS A 1 44  ? -1.403  -11.597 -4.074  0.25 21.63 ? 1335 CYS A SG  1 
ATOM   178  N N   . GLU A 1 45  ? -1.781  -11.971 -7.765  0.49 20.64 ? 1336 GLU A N   1 
ATOM   179  C CA  . GLU A 1 45  ? -2.908  -11.645 -8.682  0.49 20.16 ? 1336 GLU A CA  1 
ATOM   180  C C   . GLU A 1 45  ? -3.852  -10.635 -8.022  0.49 19.44 ? 1336 GLU A C   1 
ATOM   181  O O   . GLU A 1 45  ? -4.463  -9.812  -8.740  0.49 18.96 ? 1336 GLU A O   1 
ATOM   182  C CB  . GLU A 1 45  ? -3.704  -12.902 -9.020  0.49 20.96 ? 1336 GLU A CB  1 
ATOM   183  C CG  . GLU A 1 45  ? -3.054  -13.716 -10.113 0.49 21.00 ? 1336 GLU A CG  1 
ATOM   184  C CD  . GLU A 1 45  ? -3.559  -15.141 -10.197 0.49 21.87 ? 1336 GLU A CD  1 
ATOM   185  O OE1 . GLU A 1 45  ? -4.778  -15.346 -9.994  0.49 21.94 ? 1336 GLU A OE1 1 
ATOM   186  O OE2 . GLU A 1 45  ? -2.720  -16.046 -10.455 0.49 22.01 ? 1336 GLU A OE2 1 
ATOM   187  N N   . ASP A 1 46  ? -3.962  -10.683 -6.697  0.49 18.08 ? 1337 ASP A N   1 
ATOM   188  C CA  . ASP A 1 46  ? -4.908  -9.813  -5.959  0.49 18.54 ? 1337 ASP A CA  1 
ATOM   189  C C   . ASP A 1 46  ? -4.547  -8.335  -6.147  0.49 17.97 ? 1337 ASP A C   1 
ATOM   190  O O   . ASP A 1 46  ? -5.448  -7.496  -5.981  0.49 16.41 ? 1337 ASP A O   1 
ATOM   191  C CB  . ASP A 1 46  ? -4.956  -10.192 -4.480  0.49 17.88 ? 1337 ASP A CB  1 
ATOM   192  C CG  . ASP A 1 46  ? -5.731  -11.472 -4.198  0.49 18.59 ? 1337 ASP A CG  1 
ATOM   193  O OD1 . ASP A 1 46  ? -6.459  -11.946 -5.110  0.49 18.84 ? 1337 ASP A OD1 1 
ATOM   194  O OD2 . ASP A 1 46  ? -5.599  -11.988 -3.074  0.49 20.62 ? 1337 ASP A OD2 1 
ATOM   195  N N   . SER A 1 47  ? -3.306  -7.985  -6.495  0.49 17.04 ? 1338 SER A N   1 
ATOM   196  C CA  . SER A 1 47  ? -2.913  -6.559  -6.643  0.49 17.22 ? 1338 SER A CA  1 
ATOM   197  C C   . SER A 1 47  ? -3.346  -5.985  -7.999  0.49 17.09 ? 1338 SER A C   1 
ATOM   198  O O   . SER A 1 47  ? -3.299  -4.756  -8.136  0.49 17.53 ? 1338 SER A O   1 
ATOM   199  C CB  . SER A 1 47  ? -1.441  -6.340  -6.419  0.49 16.52 ? 1338 SER A CB  1 
ATOM   200  O OG  . SER A 1 47  ? -0.670  -6.655  -7.578  0.49 16.47 ? 1338 SER A OG  1 
ATOM   201  N N   . GLU A 1 48  ? -3.762  -6.825  -8.954  0.49 18.79 ? 1339 GLU A N   1 
ATOM   202  C CA  . GLU A 1 48  ? -4.053  -6.400  -10.353 0.49 19.83 ? 1339 GLU A CA  1 
ATOM   203  C C   . GLU A 1 48  ? -4.791  -5.057  -10.351 0.49 17.62 ? 1339 GLU A C   1 
ATOM   204  O O   . GLU A 1 48  ? -4.273  -4.055  -10.870 0.49 17.32 ? 1339 GLU A O   1 
ATOM   205  C CB  . GLU A 1 48  ? -4.799  -7.517  -11.099 0.49 21.81 ? 1339 GLU A CB  1 
ATOM   206  C CG  . GLU A 1 48  ? -5.530  -7.049  -12.353 0.49 23.87 ? 1339 GLU A CG  1 
ATOM   207  C CD  . GLU A 1 48  ? -6.635  -7.948  -12.900 0.49 27.31 ? 1339 GLU A CD  1 
ATOM   208  O OE1 . GLU A 1 48  ? -7.521  -8.382  -12.129 0.49 27.80 ? 1339 GLU A OE1 1 
ATOM   209  O OE2 . GLU A 1 48  ? -6.631  -8.170  -14.115 0.49 30.05 ? 1339 GLU A OE2 1 
ATOM   210  N N   . PRO A 1 49  ? -5.990  -4.946  -9.728  0.49 16.57 ? 1340 PRO A N   1 
ATOM   211  C CA  . PRO A 1 49  ? -6.786  -3.717  -9.826  0.49 15.72 ? 1340 PRO A CA  1 
ATOM   212  C C   . PRO A 1 49  ? -6.108  -2.495  -9.196  0.49 15.34 ? 1340 PRO A C   1 
ATOM   213  O O   . PRO A 1 49  ? -6.477  -1.375  -9.510  0.49 14.85 ? 1340 PRO A O   1 
ATOM   214  C CB  . PRO A 1 49  ? -8.074  -4.025  -9.043  0.49 16.22 ? 1340 PRO A CB  1 
ATOM   215  C CG  . PRO A 1 49  ? -8.112  -5.530  -8.973  0.49 16.43 ? 1340 PRO A CG  1 
ATOM   216  C CD  . PRO A 1 49  ? -6.663  -5.958  -8.900  0.49 16.33 ? 1340 PRO A CD  1 
ATOM   217  N N   . PHE A 1 50  ? -5.143  -2.740  -8.317  0.49 15.18 ? 1341 PHE A N   1 
ATOM   218  C CA  . PHE A 1 50  ? -4.523  -1.701  -7.462  0.49 14.78 ? 1341 PHE A CA  1 
ATOM   219  C C   . PHE A 1 50  ? -3.140  -1.320  -7.987  0.49 14.99 ? 1341 PHE A C   1 
ATOM   220  O O   . PHE A 1 50  ? -2.345  -0.801  -7.198  0.49 15.12 ? 1341 PHE A O   1 
ATOM   221  C CB  . PHE A 1 50  ? -4.469  -2.214  -6.023  0.49 13.80 ? 1341 PHE A CB  1 
ATOM   222  C CG  . PHE A 1 50  ? -5.792  -2.767  -5.579  0.49 14.02 ? 1341 PHE A CG  1 
ATOM   223  C CD1 . PHE A 1 50  ? -6.888  -1.926  -5.488  0.49 14.92 ? 1341 PHE A CD1 1 
ATOM   224  C CD2 . PHE A 1 50  ? -5.959  -4.114  -5.309  0.49 14.76 ? 1341 PHE A CD2 1 
ATOM   225  C CE1 . PHE A 1 50  ? -8.124  -2.411  -5.116  0.49 14.81 ? 1341 PHE A CE1 1 
ATOM   226  C CE2 . PHE A 1 50  ? -7.200  -4.599  -4.936  0.49 14.43 ? 1341 PHE A CE2 1 
ATOM   227  C CZ  . PHE A 1 50  ? -8.278  -3.745  -4.851  0.49 14.86 ? 1341 PHE A CZ  1 
ATOM   228  N N   . ARG A 1 51  ? -2.866  -1.531  -9.275  0.49 14.49 ? 1342 ARG A N   1 
ATOM   229  C CA  . ARG A 1 51  ? -1.517  -1.264  -9.837  0.49 14.82 ? 1342 ARG A CA  1 
ATOM   230  C C   . ARG A 1 51  ? -1.518  0.066   -10.575 0.49 16.07 ? 1342 ARG A C   1 
ATOM   231  O O   . ARG A 1 51  ? -0.444  0.638   -10.693 0.49 18.68 ? 1342 ARG A O   1 
ATOM   232  C CB  . ARG A 1 51  ? -1.069  -2.393  -10.767 0.49 14.98 ? 1342 ARG A CB  1 
ATOM   233  C CG  . ARG A 1 51  ? -0.826  -3.707  -10.044 0.49 15.06 ? 1342 ARG A CG  1 
ATOM   234  C CD  . ARG A 1 51  ? -0.430  -4.829  -10.973 0.49 15.19 ? 1342 ARG A CD  1 
ATOM   235  N NE  . ARG A 1 51  ? -0.494  -6.097  -10.261 0.49 15.18 ? 1342 ARG A NE  1 
ATOM   236  C CZ  . ARG A 1 51  ? -0.579  -7.287  -10.845 0.49 15.48 ? 1342 ARG A CZ  1 
ATOM   237  N NH1 . ARG A 1 51  ? -0.568  -7.388  -12.164 0.49 15.53 ? 1342 ARG A NH1 1 
ATOM   238  N NH2 . ARG A 1 51  ? -0.681  -8.372  -10.096 0.49 15.43 ? 1342 ARG A NH2 1 
ATOM   239  N N   . GLN A 1 52  ? -2.671  0.522   -11.061 0.49 15.63 ? 1343 GLN A N   1 
ATOM   240  C CA  . GLN A 1 52  ? -2.755  1.695   -11.966 0.49 16.49 ? 1343 GLN A CA  1 
ATOM   241  C C   . GLN A 1 52  ? -4.060  2.441   -11.694 0.49 15.47 ? 1343 GLN A C   1 
ATOM   242  O O   . GLN A 1 52  ? -4.944  1.946   -10.988 0.49 15.25 ? 1343 GLN A O   1 
ATOM   243  C CB  . GLN A 1 52  ? -2.610  1.243   -13.425 0.49 17.93 ? 1343 GLN A CB  1 
ATOM   244  C CG  . GLN A 1 52  ? -1.263  0.605   -13.763 0.49 20.08 ? 1343 GLN A CG  1 
ATOM   245  C CD  . GLN A 1 52  ? -0.122  1.577   -13.968 0.49 22.42 ? 1343 GLN A CD  1 
ATOM   246  O OE1 . GLN A 1 52  ? 0.753   1.727   -13.115 0.49 24.13 ? 1343 GLN A OE1 1 
ATOM   247  N NE2 . GLN A 1 52  ? -0.105  2.245   -15.114 0.49 23.67 ? 1343 GLN A NE2 1 
ATOM   248  N N   . PRO A 1 53  ? -4.195  3.675   -12.226 0.49 16.08 ? 1344 PRO A N   1 
ATOM   249  C CA  . PRO A 1 53  ? -5.370  4.506   -11.993 0.49 16.25 ? 1344 PRO A CA  1 
ATOM   250  C C   . PRO A 1 53  ? -6.651  3.866   -12.529 0.49 16.67 ? 1344 PRO A C   1 
ATOM   251  O O   . PRO A 1 53  ? -6.606  3.002   -13.389 0.49 16.59 ? 1344 PRO A O   1 
ATOM   252  C CB  . PRO A 1 53  ? -5.114  5.803   -12.777 0.49 16.73 ? 1344 PRO A CB  1 
ATOM   253  C CG  . PRO A 1 53  ? -3.606  5.834   -12.942 0.49 16.94 ? 1344 PRO A CG  1 
ATOM   254  C CD  . PRO A 1 53  ? -3.180  4.386   -13.024 0.49 16.93 ? 1344 PRO A CD  1 
ATOM   255  N N   . VAL A 1 54  ? -7.766  4.331   -11.995 0.49 16.60 ? 1345 VAL A N   1 
ATOM   256  C CA  . VAL A 1 54  ? -9.116  3.903   -12.432 0.49 16.61 ? 1345 VAL A CA  1 
ATOM   257  C C   . VAL A 1 54  ? -9.478  4.691   -13.699 0.49 17.77 ? 1345 VAL A C   1 
ATOM   258  O O   . VAL A 1 54  ? -9.349  5.928   -13.689 0.49 18.29 ? 1345 VAL A O   1 
ATOM   259  C CB  . VAL A 1 54  ? -10.114 4.113   -11.281 0.49 15.74 ? 1345 VAL A CB  1 
ATOM   260  C CG1 . VAL A 1 54  ? -11.513 3.703   -11.696 0.49 16.54 ? 1345 VAL A CG1 1 
ATOM   261  C CG2 . VAL A 1 54  ? -9.659  3.380   -10.030 0.49 16.65 ? 1345 VAL A CG2 1 
ATOM   262  N N   . ASP A 1 55  ? -9.893  3.971   -14.740 0.49 18.99 ? 1346 ASP A N   1 
ATOM   263  C CA  . ASP A 1 55  ? -10.408 4.483   -16.037 0.49 20.49 ? 1346 ASP A CA  1 
ATOM   264  C C   . ASP A 1 55  ? -11.834 4.998   -15.807 0.49 22.53 ? 1346 ASP A C   1 
ATOM   265  O O   . ASP A 1 55  ? -12.692 4.183   -15.457 0.49 22.56 ? 1346 ASP A O   1 
ATOM   266  C CB  . ASP A 1 55  ? -10.356 3.341   -17.061 0.49 22.46 ? 1346 ASP A CB  1 
ATOM   267  C CG  . ASP A 1 55  ? -10.755 3.713   -18.478 0.49 24.78 ? 1346 ASP A CG  1 
ATOM   268  O OD1 . ASP A 1 55  ? -10.979 4.906   -18.721 0.49 26.73 ? 1346 ASP A OD1 1 
ATOM   269  O OD2 . ASP A 1 55  ? -10.849 2.783   -19.326 0.49 26.48 ? 1346 ASP A OD2 1 
ATOM   270  N N   . LEU A 1 56  ? -12.083 6.304   -15.938 0.49 26.16 ? 1347 LEU A N   1 
ATOM   271  C CA  . LEU A 1 56  ? -13.403 6.874   -15.550 0.49 26.44 ? 1347 LEU A CA  1 
ATOM   272  C C   . LEU A 1 56  ? -14.464 6.526   -16.610 0.49 27.11 ? 1347 LEU A C   1 
ATOM   273  O O   . LEU A 1 56  ? -15.625 6.833   -16.382 0.49 26.55 ? 1347 LEU A O   1 
ATOM   274  C CB  . LEU A 1 56  ? -13.275 8.384   -15.307 0.49 26.98 ? 1347 LEU A CB  1 
ATOM   275  C CG  . LEU A 1 56  ? -12.612 8.795   -13.987 0.49 27.91 ? 1347 LEU A CG  1 
ATOM   276  C CD1 . LEU A 1 56  ? -12.667 10.304  -13.805 0.49 29.01 ? 1347 LEU A CD1 1 
ATOM   277  C CD2 . LEU A 1 56  ? -13.258 8.110   -12.793 0.49 26.63 ? 1347 LEU A CD2 1 
ATOM   278  N N   . LEU A 1 57  ? -14.089 5.867   -17.711 0.49 28.36 ? 1348 LEU A N   1 
ATOM   279  C CA  . LEU A 1 57  ? -15.068 5.313   -18.688 0.49 28.93 ? 1348 LEU A CA  1 
ATOM   280  C C   . LEU A 1 57  ? -15.643 4.001   -18.140 0.49 28.64 ? 1348 LEU A C   1 
ATOM   281  O O   . LEU A 1 57  ? -16.809 3.695   -18.442 0.49 29.55 ? 1348 LEU A O   1 
ATOM   282  C CB  . LEU A 1 57  ? -14.394 5.097   -20.047 0.49 30.11 ? 1348 LEU A CB  1 
ATOM   283  C CG  . LEU A 1 57  ? -14.588 6.225   -21.058 0.49 31.74 ? 1348 LEU A CG  1 
ATOM   284  C CD1 . LEU A 1 57  ? -13.545 6.138   -22.161 0.49 32.89 ? 1348 LEU A CD1 1 
ATOM   285  C CD2 . LEU A 1 57  ? -16.002 6.198   -21.635 0.49 31.66 ? 1348 LEU A CD2 1 
ATOM   286  N N   . GLU A 1 58  ? -14.846 3.253   -17.374 0.49 27.42 ? 1349 GLU A N   1 
ATOM   287  C CA  . GLU A 1 58  ? -15.254 1.961   -16.759 0.49 27.57 ? 1349 GLU A CA  1 
ATOM   288  C C   . GLU A 1 58  ? -15.959 2.200   -15.417 0.49 26.24 ? 1349 GLU A C   1 
ATOM   289  O O   . GLU A 1 58  ? -16.896 1.439   -15.102 0.49 28.94 ? 1349 GLU A O   1 
ATOM   290  C CB  . GLU A 1 58  ? -14.021 1.083   -16.564 0.49 26.66 ? 1349 GLU A CB  1 
ATOM   291  C CG  . GLU A 1 58  ? -13.363 0.682   -17.874 0.49 26.60 ? 1349 GLU A CG  1 
ATOM   292  C CD  . GLU A 1 58  ? -12.063 -0.085  -17.705 0.49 26.58 ? 1349 GLU A CD  1 
ATOM   293  O OE1 . GLU A 1 58  ? -11.490 -0.034  -16.588 0.49 26.68 ? 1349 GLU A OE1 1 
ATOM   294  O OE2 . GLU A 1 58  ? -11.622 -0.728  -18.688 0.49 27.75 ? 1349 GLU A OE2 1 
ATOM   295  N N   . TYR A 1 59  ? -15.501 3.194   -14.651 0.49 25.81 ? 1350 TYR A N   1 
ATOM   296  C CA  . TYR A 1 59  ? -15.999 3.528   -13.288 0.49 24.96 ? 1350 TYR A CA  1 
ATOM   297  C C   . TYR A 1 59  ? -16.258 5.027   -13.193 0.49 24.71 ? 1350 TYR A C   1 
ATOM   298  O O   . TYR A 1 59  ? -15.500 5.759   -12.557 0.49 23.81 ? 1350 TYR A O   1 
ATOM   299  C CB  . TYR A 1 59  ? -14.988 3.092   -12.228 0.49 24.13 ? 1350 TYR A CB  1 
ATOM   300  C CG  . TYR A 1 59  ? -14.662 1.625   -12.261 0.49 23.82 ? 1350 TYR A CG  1 
ATOM   301  C CD1 . TYR A 1 59  ? -15.361 0.716   -11.489 0.49 22.72 ? 1350 TYR A CD1 1 
ATOM   302  C CD2 . TYR A 1 59  ? -13.665 1.139   -13.096 0.49 23.83 ? 1350 TYR A CD2 1 
ATOM   303  C CE1 . TYR A 1 59  ? -15.063 -0.638  -11.513 0.49 23.86 ? 1350 TYR A CE1 1 
ATOM   304  C CE2 . TYR A 1 59  ? -13.363 -0.211  -13.140 0.49 23.96 ? 1350 TYR A CE2 1 
ATOM   305  C CZ  . TYR A 1 59  ? -14.061 -1.102  -12.345 0.49 23.10 ? 1350 TYR A CZ  1 
ATOM   306  O OH  . TYR A 1 59  ? -13.766 -2.433  -12.348 0.49 24.38 ? 1350 TYR A OH  1 
ATOM   307  N N   . PRO A 1 60  ? -17.336 5.533   -13.825 0.49 24.50 ? 1351 PRO A N   1 
ATOM   308  C CA  . PRO A 1 60  ? -17.530 6.977   -13.957 0.49 23.71 ? 1351 PRO A CA  1 
ATOM   309  C C   . PRO A 1 60  ? -17.703 7.740   -12.633 0.49 22.13 ? 1351 PRO A C   1 
ATOM   310  O O   . PRO A 1 60  ? -17.391 8.923   -12.583 0.49 22.93 ? 1351 PRO A O   1 
ATOM   311  C CB  . PRO A 1 60  ? -18.803 7.073   -14.818 0.49 23.30 ? 1351 PRO A CB  1 
ATOM   312  C CG  . PRO A 1 60  ? -19.516 5.769   -14.590 0.49 24.35 ? 1351 PRO A CG  1 
ATOM   313  C CD  . PRO A 1 60  ? -18.403 4.748   -14.467 0.49 24.06 ? 1351 PRO A CD  1 
ATOM   314  N N   . ASP A 1 61  ? -18.168 7.052   -11.590 0.49 21.31 ? 1352 ASP A N   1 
ATOM   315  C CA  . ASP A 1 61  ? -18.457 7.668   -10.271 0.49 21.81 ? 1352 ASP A CA  1 
ATOM   316  C C   . ASP A 1 61  ? -17.229 7.597   -9.354  0.49 19.92 ? 1352 ASP A C   1 
ATOM   317  O O   . ASP A 1 61  ? -17.344 8.030   -8.202  0.49 19.37 ? 1352 ASP A O   1 
ATOM   318  C CB  . ASP A 1 61  ? -19.636 6.981   -9.583  0.49 22.39 ? 1352 ASP A CB  1 
ATOM   319  C CG  . ASP A 1 61  ? -19.363 5.529   -9.247  0.49 23.84 ? 1352 ASP A CG  1 
ATOM   320  O OD1 . ASP A 1 61  ? -18.472 4.951   -9.889  0.49 24.41 ? 1352 ASP A OD1 1 
ATOM   321  O OD2 . ASP A 1 61  ? -20.029 4.996   -8.336  0.49 26.61 ? 1352 ASP A OD2 1 
ATOM   322  N N   . TYR A 1 62  ? -16.110 7.032   -9.808  0.49 19.67 ? 1353 TYR A N   1 
ATOM   323  C CA  . TYR A 1 62  ? -14.974 6.746   -8.900  0.49 19.38 ? 1353 TYR A CA  1 
ATOM   324  C C   . TYR A 1 62  ? -14.557 8.031   -8.172  0.49 18.77 ? 1353 TYR A C   1 
ATOM   325  O O   . TYR A 1 62  ? -14.556 8.057   -6.926  0.49 19.81 ? 1353 TYR A O   1 
ATOM   326  C CB  . TYR A 1 62  ? -13.814 6.102   -9.655  0.49 18.61 ? 1353 TYR A CB  1 
ATOM   327  C CG  . TYR A 1 62  ? -12.751 5.588   -8.723  0.49 17.89 ? 1353 TYR A CG  1 
ATOM   328  C CD1 . TYR A 1 62  ? -12.972 4.455   -7.967  0.49 17.60 ? 1353 TYR A CD1 1 
ATOM   329  C CD2 . TYR A 1 62  ? -11.570 6.287   -8.536  0.49 17.47 ? 1353 TYR A CD2 1 
ATOM   330  C CE1 . TYR A 1 62  ? -12.017 3.982   -7.087  0.49 17.39 ? 1353 TYR A CE1 1 
ATOM   331  C CE2 . TYR A 1 62  ? -10.602 5.831   -7.658  0.49 16.95 ? 1353 TYR A CE2 1 
ATOM   332  C CZ  . TYR A 1 62  ? -10.830 4.676   -6.934  0.49 16.90 ? 1353 TYR A CZ  1 
ATOM   333  O OH  . TYR A 1 62  ? -9.884  4.234   -6.062  0.49 17.31 ? 1353 TYR A OH  1 
ATOM   334  N N   . ARG A 1 63  ? -14.232 9.089   -8.910  0.49 20.97 ? 1354 ARG A N   1 
ATOM   335  C CA  . ARG A 1 63  ? -13.661 10.329  -8.315  0.49 20.30 ? 1354 ARG A CA  1 
ATOM   336  C C   . ARG A 1 63  ? -14.750 11.169  -7.625  0.49 20.84 ? 1354 ARG A C   1 
ATOM   337  O O   . ARG A 1 63  ? -14.378 12.166  -6.992  0.49 21.66 ? 1354 ARG A O   1 
ATOM   338  C CB  . ARG A 1 63  ? -12.865 11.138  -9.345  0.49 21.43 ? 1354 ARG A CB  1 
ATOM   339  C CG  . ARG A 1 63  ? -11.578 10.474  -9.812  0.49 21.78 ? 1354 ARG A CG  1 
ATOM   340  C CD  . ARG A 1 63  ? -10.637 10.107  -8.672  0.49 22.11 ? 1354 ARG A CD  1 
ATOM   341  N NE  . ARG A 1 63  ? -10.205 11.268  -7.893  0.49 22.03 ? 1354 ARG A NE  1 
ATOM   342  C CZ  . ARG A 1 63  ? -9.232  12.108  -8.252  0.49 22.05 ? 1354 ARG A CZ  1 
ATOM   343  N NH1 . ARG A 1 63  ? -8.570  11.923  -9.379  0.49 22.67 ? 1354 ARG A NH1 1 
ATOM   344  N NH2 . ARG A 1 63  ? -8.909  13.125  -7.470  0.49 23.77 ? 1354 ARG A NH2 1 
ATOM   345  N N   . ASP A 1 64  ? -16.024 10.764  -7.689  0.49 21.42 ? 1355 ASP A N   1 
ATOM   346  C CA  . ASP A 1 64  ? -17.113 11.341  -6.847  0.49 21.38 ? 1355 ASP A CA  1 
ATOM   347  C C   . ASP A 1 64  ? -16.979 10.861  -5.392  0.49 22.97 ? 1355 ASP A C   1 
ATOM   348  O O   . ASP A 1 64  ? -17.249 11.654  -4.475  0.49 23.99 ? 1355 ASP A O   1 
ATOM   349  C CB  . ASP A 1 64  ? -18.502 10.959  -7.362  0.49 21.76 ? 1355 ASP A CB  1 
ATOM   350  C CG  . ASP A 1 64  ? -18.748 11.295  -8.827  0.49 21.31 ? 1355 ASP A CG  1 
ATOM   351  O OD1 . ASP A 1 64  ? -17.977 12.073  -9.396  0.49 21.76 ? 1355 ASP A OD1 1 
ATOM   352  O OD2 . ASP A 1 64  ? -19.728 10.769  -9.388  0.49 23.85 ? 1355 ASP A OD2 1 
ATOM   353  N N   A ILE A 1 65  ? -16.593 9.596   -5.198  0.24 21.14 ? 1356 ILE A N   1 
ATOM   354  N N   B ILE A 1 65  ? -16.608 9.545   -5.285  0.25 20.96 ? 1356 ILE A N   1 
ATOM   355  C CA  A ILE A 1 65  ? -16.489 8.919   -3.874  0.24 20.55 ? 1356 ILE A CA  1 
ATOM   356  C CA  B ILE A 1 65  ? -16.547 8.751   -4.023  0.25 20.62 ? 1356 ILE A CA  1 
ATOM   357  C C   A ILE A 1 65  ? -15.057 9.076   -3.363  0.24 19.67 ? 1356 ILE A C   1 
ATOM   358  C C   B ILE A 1 65  ? -15.141 8.917   -3.426  0.25 20.26 ? 1356 ILE A C   1 
ATOM   359  O O   A ILE A 1 65  ? -14.868 9.328   -2.147  0.24 19.71 ? 1356 ILE A O   1 
ATOM   360  O O   B ILE A 1 65  ? -15.038 8.992   -2.175  0.25 20.94 ? 1356 ILE A O   1 
ATOM   361  C CB  A ILE A 1 65  ? -16.909 7.443   -4.025  0.24 20.33 ? 1356 ILE A CB  1 
ATOM   362  C CB  B ILE A 1 65  ? -16.902 7.272   -4.316  0.25 19.80 ? 1356 ILE A CB  1 
ATOM   363  C CG1 A ILE A 1 65  ? -18.376 7.339   -4.450  0.24 20.71 ? 1356 ILE A CG1 1 
ATOM   364  C CG1 B ILE A 1 65  ? -18.194 7.129   -5.134  0.25 21.26 ? 1356 ILE A CG1 1 
ATOM   365  C CG2 A ILE A 1 65  ? -16.645 6.666   -2.745  0.24 19.43 ? 1356 ILE A CG2 1 
ATOM   366  C CG2 B ILE A 1 65  ? -16.969 6.451   -3.035  0.25 18.95 ? 1356 ILE A CG2 1 
ATOM   367  C CD1 A ILE A 1 65  ? -18.670 6.235   -5.438  0.24 20.64 ? 1356 ILE A CD1 1 
ATOM   368  C CD1 B ILE A 1 65  ? -19.425 7.715   -4.484  0.25 21.29 ? 1356 ILE A CD1 1 
ATOM   369  N N   . ILE A 1 66  ? -14.098 8.964   -4.289  0.49 20.21 ? 1357 ILE A N   1 
ATOM   370  C CA  . ILE A 1 66  ? -12.640 8.856   -4.001  0.49 19.13 ? 1357 ILE A CA  1 
ATOM   371  C C   . ILE A 1 66  ? -11.918 10.151  -4.386  0.49 19.78 ? 1357 ILE A C   1 
ATOM   372  O O   . ILE A 1 66  ? -11.622 10.343  -5.578  0.49 19.56 ? 1357 ILE A O   1 
ATOM   373  C CB  . ILE A 1 66  ? -12.028 7.645   -4.734  0.49 18.56 ? 1357 ILE A CB  1 
ATOM   374  C CG1 . ILE A 1 66  ? -12.683 6.336   -4.283  0.49 18.06 ? 1357 ILE A CG1 1 
ATOM   375  C CG2 . ILE A 1 66  ? -10.512 7.628   -4.584  0.49 18.47 ? 1357 ILE A CG2 1 
ATOM   376  C CD1 . ILE A 1 66  ? -12.701 6.136   -2.791  0.49 17.38 ? 1357 ILE A CD1 1 
ATOM   377  N N   . ASP A 1 67  ? -11.509 10.919  -3.375  0.49 20.09 ? 1358 ASP A N   1 
ATOM   378  C CA  . ASP A 1 67  ? -10.826 12.230  -3.534  0.49 21.73 ? 1358 ASP A CA  1 
ATOM   379  C C   . ASP A 1 67  ? -9.342  12.022  -3.845  0.49 20.47 ? 1358 ASP A C   1 
ATOM   380  O O   . ASP A 1 67  ? -8.785  12.838  -4.603  0.49 21.92 ? 1358 ASP A O   1 
ATOM   381  C CB  . ASP A 1 67  ? -10.951 13.092  -2.274  0.49 23.41 ? 1358 ASP A CB  1 
ATOM   382  C CG  . ASP A 1 67  ? -12.298 13.770  -2.123  0.49 26.01 ? 1358 ASP A CG  1 
ATOM   383  O OD1 . ASP A 1 67  ? -13.109 13.700  -3.079  0.49 28.73 ? 1358 ASP A OD1 1 
ATOM   384  O OD2 . ASP A 1 67  ? -12.516 14.363  -1.051  0.49 28.76 ? 1358 ASP A OD2 1 
ATOM   385  N N   . THR A 1 68  ? -8.722  10.997  -3.250  0.49 20.07 ? 1359 THR A N   1 
ATOM   386  C CA  . THR A 1 68  ? -7.250  10.861  -3.137  0.49 20.82 ? 1359 THR A CA  1 
ATOM   387  C C   . THR A 1 68  ? -6.849  9.494   -3.679  0.49 19.01 ? 1359 THR A C   1 
ATOM   388  O O   . THR A 1 68  ? -6.639  8.558   -2.905  0.49 19.27 ? 1359 THR A O   1 
ATOM   389  C CB  . THR A 1 68  ? -6.814  11.120  -1.688  0.49 22.47 ? 1359 THR A CB  1 
ATOM   390  O OG1 . THR A 1 68  ? -7.483  12.301  -1.235  0.49 24.46 ? 1359 THR A OG1 1 
ATOM   391  C CG2 . THR A 1 68  ? -5.320  11.302  -1.553  0.49 23.11 ? 1359 THR A CG2 1 
ATOM   392  N N   . PRO A 1 69  ? -6.729  9.339   -5.015  0.49 18.71 ? 1360 PRO A N   1 
ATOM   393  C CA  . PRO A 1 69  ? -6.362  8.059   -5.602  0.49 18.08 ? 1360 PRO A CA  1 
ATOM   394  C C   . PRO A 1 69  ? -4.987  7.609   -5.102  0.49 17.62 ? 1360 PRO A C   1 
ATOM   395  O O   . PRO A 1 69  ? -4.116  8.429   -4.887  0.49 16.76 ? 1360 PRO A O   1 
ATOM   396  C CB  . PRO A 1 69  ? -6.319  8.281   -7.118  0.49 18.69 ? 1360 PRO A CB  1 
ATOM   397  C CG  . PRO A 1 69  ? -6.966  9.626   -7.355  0.49 19.18 ? 1360 PRO A CG  1 
ATOM   398  C CD  . PRO A 1 69  ? -6.940  10.369  -6.039  0.49 18.17 ? 1360 PRO A CD  1 
ATOM   399  N N   . MET A 1 70  ? -4.828  6.303   -4.936  0.49 16.27 ? 1361 MET A N   1 
ATOM   400  C CA  . MET A 1 70  ? -3.500  5.708   -4.689  0.49 16.22 ? 1361 MET A CA  1 
ATOM   401  C C   . MET A 1 70  ? -3.487  4.330   -5.328  0.49 15.51 ? 1361 MET A C   1 
ATOM   402  O O   . MET A 1 70  ? -4.485  3.605   -5.235  0.49 15.29 ? 1361 MET A O   1 
ATOM   403  C CB  . MET A 1 70  ? -3.190  5.622   -3.192  0.49 16.63 ? 1361 MET A CB  1 
ATOM   404  C CG  . MET A 1 70  ? -1.792  5.190   -2.861  0.49 17.89 ? 1361 MET A CG  1 
ATOM   405  S SD  . MET A 1 70  ? -0.496  6.105   -3.675  0.49 18.26 ? 1361 MET A SD  1 
ATOM   406  C CE  . MET A 1 70  ? -1.036  7.789   -3.420  0.49 18.73 ? 1361 MET A CE  1 
ATOM   407  N N   . ASP A 1 71  ? -2.372  4.002   -5.963  0.49 14.58 ? 1362 ASP A N   1 
ATOM   408  C CA  . ASP A 1 71  ? -2.118  2.645   -6.488  0.49 15.24 ? 1362 ASP A CA  1 
ATOM   409  C C   . ASP A 1 71  ? -0.677  2.258   -6.174  0.49 15.21 ? 1362 ASP A C   1 
ATOM   410  O O   . ASP A 1 71  ? 0.133   3.117   -5.747  0.49 16.09 ? 1362 ASP A O   1 
ATOM   411  C CB  . ASP A 1 71  ? -2.428  2.560   -7.980  0.49 15.72 ? 1362 ASP A CB  1 
ATOM   412  C CG  . ASP A 1 71  ? -1.603  3.503   -8.837  0.49 15.99 ? 1362 ASP A CG  1 
ATOM   413  O OD1 . ASP A 1 71  ? -2.178  4.067   -9.759  0.49 15.50 ? 1362 ASP A OD1 1 
ATOM   414  O OD2 . ASP A 1 71  ? -0.386  3.644   -8.578  0.49 16.36 ? 1362 ASP A OD2 1 
ATOM   415  N N   . PHE A 1 72  ? -0.371  0.981   -6.340  1.00 15.37 ? 1363 PHE A N   1 
ATOM   416  C CA  . PHE A 1 72  ? 0.953   0.471   -5.974  1.00 15.47 ? 1363 PHE A CA  1 
ATOM   417  C C   . PHE A 1 72  ? 2.022   1.016   -6.908  1.00 17.04 ? 1363 PHE A C   1 
ATOM   418  O O   . PHE A 1 72  ? 3.204   1.020   -6.443  1.00 16.33 ? 1363 PHE A O   1 
ATOM   419  C CB  . PHE A 1 72  ? 0.931   -1.041  -5.957  1.00 15.94 ? 1363 PHE A CB  1 
ATOM   420  C CG  . PHE A 1 72  ? 0.276   -1.590  -4.729  1.00 14.63 ? 1363 PHE A CG  1 
ATOM   421  C CD1 . PHE A 1 72  ? 0.911   -1.481  -3.499  1.00 15.13 ? 1363 PHE A CD1 1 
ATOM   422  C CD2 . PHE A 1 72  ? -0.977  -2.133  -4.784  1.00 16.26 ? 1363 PHE A CD2 1 
ATOM   423  C CE1 . PHE A 1 72  ? 0.285   -1.916  -2.357  1.00 15.96 ? 1363 PHE A CE1 1 
ATOM   424  C CE2 . PHE A 1 72  ? -1.576  -2.617  -3.652  1.00 14.97 ? 1363 PHE A CE2 1 
ATOM   425  C CZ  . PHE A 1 72  ? -0.958  -2.480  -2.446  1.00 16.51 ? 1363 PHE A CZ  1 
ATOM   426  N N   . ALA A 1 73  ? 1.706   1.373   -8.134  1.00 15.42 ? 1364 ALA A N   1 
ATOM   427  C CA  . ALA A 1 73  ? 2.767   1.952   -8.993  1.00 17.77 ? 1364 ALA A CA  1 
ATOM   428  C C   . ALA A 1 73  ? 3.173   3.303   -8.439  1.00 16.95 ? 1364 ALA A C   1 
ATOM   429  O O   . ALA A 1 73  ? 4.370   3.597   -8.427  1.00 17.85 ? 1364 ALA A O   1 
ATOM   430  C CB  . ALA A 1 73  ? 2.303   2.072   -10.394 1.00 17.91 ? 1364 ALA A CB  1 
ATOM   431  N N   . THR A 1 74  ? 2.228   4.111   -7.990  1.00 16.70 ? 1365 THR A N   1 
ATOM   432  C CA  . THR A 1 74  ? 2.520   5.425   -7.380  1.00 15.94 ? 1365 THR A CA  1 
ATOM   433  C C   . THR A 1 74  ? 3.333   5.203   -6.109  1.00 16.56 ? 1365 THR A C   1 
ATOM   434  O O   . THR A 1 74  ? 4.335   5.900   -5.892  1.00 16.86 ? 1365 THR A O   1 
ATOM   435  C CB  . THR A 1 74  ? 1.242   6.177   -7.045  1.00 18.12 ? 1365 THR A CB  1 
ATOM   436  O OG1 . THR A 1 74  ? 0.542   6.417   -8.273  1.00 19.78 ? 1365 THR A OG1 1 
ATOM   437  C CG2 . THR A 1 74  ? 1.501   7.447   -6.277  1.00 19.99 ? 1365 THR A CG2 1 
ATOM   438  N N   . VAL A 1 75  ? 2.967   4.242   -5.295  1.00 16.03 ? 1366 VAL A N   1 
ATOM   439  C CA  . VAL A 1 75  ? 3.757   3.937   -4.070  1.00 15.74 ? 1366 VAL A CA  1 
ATOM   440  C C   . VAL A 1 75  ? 5.187   3.558   -4.444  1.00 16.94 ? 1366 VAL A C   1 
ATOM   441  O O   . VAL A 1 75  ? 6.146   4.097   -3.879  1.00 15.95 ? 1366 VAL A O   1 
ATOM   442  C CB  . VAL A 1 75  ? 3.097   2.878   -3.176  1.00 15.24 ? 1366 VAL A CB  1 
ATOM   443  C CG1 . VAL A 1 75  ? 3.947   2.528   -2.009  1.00 15.84 ? 1366 VAL A CG1 1 
ATOM   444  C CG2 . VAL A 1 75  ? 1.733   3.342   -2.699  1.00 16.08 ? 1366 VAL A CG2 1 
ATOM   445  N N   . ARG A 1 76  ? 5.368   2.591   -5.335  1.00 16.37 ? 1367 ARG A N   1 
ATOM   446  C CA  . ARG A 1 76  ? 6.709   2.171   -5.749  1.00 18.55 ? 1367 ARG A CA  1 
ATOM   447  C C   . ARG A 1 76  ? 7.499   3.350   -6.292  1.00 19.13 ? 1367 ARG A C   1 
ATOM   448  O O   . ARG A 1 76  ? 8.682   3.488   -5.937  1.00 18.68 ? 1367 ARG A O   1 
ATOM   449  C CB  . ARG A 1 76  ? 6.575   1.109   -6.824  1.00 18.83 ? 1367 ARG A CB  1 
ATOM   450  C CG  . ARG A 1 76  ? 7.917   0.527   -7.227  1.00 20.86 ? 1367 ARG A CG  1 
ATOM   451  C CD  . ARG A 1 76  ? 7.586   -0.521  -8.275  1.00 22.76 ? 1367 ARG A CD  1 
ATOM   452  N NE  . ARG A 1 76  ? 7.678   -1.857  -7.804  1.00 24.67 ? 1367 ARG A NE  1 
ATOM   453  C CZ  . ARG A 1 76  ? 7.281   -2.899  -8.533  1.00 22.33 ? 1367 ARG A CZ  1 
ATOM   454  N NH1 . ARG A 1 76  ? 6.652   -2.688  -9.685  1.00 23.18 ? 1367 ARG A NH1 1 
ATOM   455  N NH2 . ARG A 1 76  ? 7.560   -4.106  -8.081  1.00 26.03 ? 1367 ARG A NH2 1 
ATOM   456  N N   . GLU A 1 77  ? 6.874   4.148   -7.169  0.50 18.60 ? 1368 GLU A N   1 
ATOM   457  C CA  . GLU A 1 77  ? 7.473   5.355   -7.796  0.50 20.57 ? 1368 GLU A CA  1 
ATOM   458  C C   . GLU A 1 77  ? 7.955   6.291   -6.687  0.50 18.65 ? 1368 GLU A C   1 
ATOM   459  O O   . GLU A 1 77  ? 9.134   6.710   -6.748  0.50 18.35 ? 1368 GLU A O   1 
ATOM   460  C CB  . GLU A 1 77  ? 6.472   6.057   -8.724  0.50 23.49 ? 1368 GLU A CB  1 
ATOM   461  C CG  . GLU A 1 77  ? 7.101   6.710   -9.948  0.50 26.71 ? 1368 GLU A CG  1 
ATOM   462  C CD  . GLU A 1 77  ? 6.162   6.924   -11.131 0.50 28.92 ? 1368 GLU A CD  1 
ATOM   463  O OE1 . GLU A 1 77  ? 5.356   7.861   -11.074 0.50 30.35 ? 1368 GLU A OE1 1 
ATOM   464  O OE2 . GLU A 1 77  ? 6.258   6.163   -12.126 0.50 33.04 ? 1368 GLU A OE2 1 
ATOM   465  N N   . THR A 1 78  ? 7.081   6.606   -5.723  1.00 17.36 ? 1369 THR A N   1 
ATOM   466  C CA  . THR A 1 78  ? 7.385   7.532   -4.619  1.00 17.11 ? 1369 THR A CA  1 
ATOM   467  C C   . THR A 1 78  ? 8.569   6.976   -3.850  1.00 16.67 ? 1369 THR A C   1 
ATOM   468  O O   . THR A 1 78  ? 9.508   7.787   -3.515  1.00 17.26 ? 1369 THR A O   1 
ATOM   469  C CB  . THR A 1 78  ? 6.148   7.692   -3.744  1.00 17.76 ? 1369 THR A CB  1 
ATOM   470  O OG1 . THR A 1 78  ? 5.075   8.215   -4.502  1.00 17.89 ? 1369 THR A OG1 1 
ATOM   471  C CG2 . THR A 1 78  ? 6.421   8.618   -2.603  1.00 17.25 ? 1369 THR A CG2 1 
ATOM   472  N N   . LEU A 1 79  ? 8.556   5.693   -3.543  1.00 17.12 ? 1370 LEU A N   1 
ATOM   473  C CA  . LEU A 1 79  ? 9.671   5.044   -2.841  1.00 16.47 ? 1370 LEU A CA  1 
ATOM   474  C C   . LEU A 1 79  ? 10.967  5.207   -3.650  1.00 17.73 ? 1370 LEU A C   1 
ATOM   475  O O   . LEU A 1 79  ? 12.048  5.586   -3.080  1.00 17.56 ? 1370 LEU A O   1 
ATOM   476  C CB  . LEU A 1 79  ? 9.327   3.574   -2.605  1.00 16.89 ? 1370 LEU A CB  1 
ATOM   477  C CG  . LEU A 1 79  ? 10.364  2.771   -1.814  1.00 17.15 ? 1370 LEU A CG  1 
ATOM   478  C CD1 . LEU A 1 79  ? 10.461  3.274   -0.387  1.00 16.25 ? 1370 LEU A CD1 1 
ATOM   479  C CD2 . LEU A 1 79  ? 10.013  1.298   -1.863  1.00 19.78 ? 1370 LEU A CD2 1 
ATOM   480  N N   . GLU A 1 80  ? 10.931  4.813   -4.915  1.00 20.42 ? 1371 GLU A N   1 
ATOM   481  C CA  . GLU A 1 80  ? 12.153  4.779   -5.760  1.00 20.68 ? 1371 GLU A CA  1 
ATOM   482  C C   . GLU A 1 80  ? 12.652  6.190   -6.056  1.00 19.56 ? 1371 GLU A C   1 
ATOM   483  O O   . GLU A 1 80  ? 13.905  6.290   -6.282  1.00 21.14 ? 1371 GLU A O   1 
ATOM   484  C CB  . GLU A 1 80  ? 11.876  3.975   -7.028  1.00 20.77 ? 1371 GLU A CB  1 
ATOM   485  C CG  . GLU A 1 80  ? 11.632  2.504   -6.722  1.00 24.73 ? 1371 GLU A CG  1 
ATOM   486  C CD  . GLU A 1 80  ? 12.747  1.907   -5.882  1.00 32.10 ? 1371 GLU A CD  1 
ATOM   487  O OE1 . GLU A 1 80  ? 13.776  1.586   -6.490  1.00 37.88 ? 1371 GLU A OE1 1 
ATOM   488  O OE2 . GLU A 1 80  ? 12.660  1.901   -4.625  1.00 31.53 ? 1371 GLU A OE2 1 
ATOM   489  N N   . ALA A 1 81  ? 11.835  7.220   -6.000  1.00 18.88 ? 1372 ALA A N   1 
ATOM   490  C CA  . ALA A 1 81  ? 12.214  8.645   -6.150  1.00 20.23 ? 1372 ALA A CA  1 
ATOM   491  C C   . ALA A 1 81  ? 12.923  9.168   -4.896  1.00 19.76 ? 1372 ALA A C   1 
ATOM   492  O O   . ALA A 1 81  ? 13.409  10.309  -4.956  1.00 22.46 ? 1372 ALA A O   1 
ATOM   493  C CB  . ALA A 1 81  ? 11.021  9.483   -6.426  1.00 20.83 ? 1372 ALA A CB  1 
ATOM   494  N N   . GLY A 1 82  ? 12.901  8.413   -3.778  1.00 19.46 ? 1373 GLY A N   1 
ATOM   495  C CA  . GLY A 1 82  ? 13.372  8.922   -2.483  1.00 16.80 ? 1373 GLY A CA  1 
ATOM   496  C C   . GLY A 1 82  ? 12.441  9.941   -1.898  1.00 17.78 ? 1373 GLY A C   1 
ATOM   497  O O   . GLY A 1 82  ? 12.893  10.887  -1.281  1.00 18.83 ? 1373 GLY A O   1 
ATOM   498  N N   . ASN A 1 83  ? 11.127  9.763   -2.031  1.00 15.98 ? 1374 ASN A N   1 
ATOM   499  C CA  . ASN A 1 83  ? 10.154  10.735  -1.501  1.00 16.93 ? 1374 ASN A CA  1 
ATOM   500  C C   . ASN A 1 83  ? 9.338   10.154  -0.342  1.00 16.17 ? 1374 ASN A C   1 
ATOM   501  O O   . ASN A 1 83  ? 8.408   10.802  0.042   1.00 17.13 ? 1374 ASN A O   1 
ATOM   502  C CB  . ASN A 1 83  ? 9.229   11.236  -2.583  1.00 17.92 ? 1374 ASN A CB  1 
ATOM   503  C CG  . ASN A 1 83  ? 9.963   12.103  -3.604  1.00 22.38 ? 1374 ASN A CG  1 
ATOM   504  O OD1 . ASN A 1 83  ? 11.121  12.558  -3.463  1.00 21.98 ? 1374 ASN A OD1 1 
ATOM   505  N ND2 . ASN A 1 83  ? 9.266   12.314  -4.689  1.00 22.03 ? 1374 ASN A ND2 1 
ATOM   506  N N   . TYR A 1 84  ? 9.745   9.016   0.158   1.00 17.10 ? 1375 TYR A N   1 
ATOM   507  C CA  . TYR A 1 84  ? 9.281   8.622   1.505   1.00 15.98 ? 1375 TYR A CA  1 
ATOM   508  C C   . TYR A 1 84  ? 10.452  8.815   2.453   1.00 16.11 ? 1375 TYR A C   1 
ATOM   509  O O   . TYR A 1 84  ? 11.536  8.404   2.142   1.00 17.54 ? 1375 TYR A O   1 
ATOM   510  C CB  . TYR A 1 84  ? 8.835   7.153   1.524   1.00 16.33 ? 1375 TYR A CB  1 
ATOM   511  C CG  . TYR A 1 84  ? 7.523   6.903   0.828   1.00 15.64 ? 1375 TYR A CG  1 
ATOM   512  C CD1 . TYR A 1 84  ? 6.361   7.592   1.136   1.00 15.51 ? 1375 TYR A CD1 1 
ATOM   513  C CD2 . TYR A 1 84  ? 7.457   5.916   -0.137  1.00 16.13 ? 1375 TYR A CD2 1 
ATOM   514  C CE1 . TYR A 1 84  ? 5.174   7.336   0.490   1.00 15.08 ? 1375 TYR A CE1 1 
ATOM   515  C CE2 . TYR A 1 84  ? 6.266   5.618   -0.761  1.00 15.08 ? 1375 TYR A CE2 1 
ATOM   516  C CZ  . TYR A 1 84  ? 5.127   6.343   -0.466  1.00 15.83 ? 1375 TYR A CZ  1 
ATOM   517  O OH  . TYR A 1 84  ? 3.972   6.035   -1.095  1.00 16.79 ? 1375 TYR A OH  1 
ATOM   518  N N   . GLU A 1 85  ? 10.164  9.357   3.618   1.00 18.90 ? 1376 GLU A N   1 
ATOM   519  C CA  . GLU A 1 85  ? 11.206  9.514   4.650   1.00 20.21 ? 1376 GLU A CA  1 
ATOM   520  C C   . GLU A 1 85  ? 11.188  8.339   5.621   1.00 20.98 ? 1376 GLU A C   1 
ATOM   521  O O   . GLU A 1 85  ? 12.156  8.151   6.374   1.00 23.34 ? 1376 GLU A O   1 
ATOM   522  C CB  . GLU A 1 85  ? 10.990  10.790  5.439   1.00 22.89 ? 1376 GLU A CB  1 
ATOM   523  C CG  . GLU A 1 85  ? 12.173  11.003  6.353   1.00 29.98 ? 1376 GLU A CG  1 
ATOM   524  C CD  . GLU A 1 85  ? 12.253  12.341  7.036   1.00 34.76 ? 1376 GLU A CD  1 
ATOM   525  O OE1 . GLU A 1 85  ? 11.175  12.980  7.180   1.00 39.36 ? 1376 GLU A OE1 1 
ATOM   526  O OE2 . GLU A 1 85  ? 13.428  12.718  7.404   1.00 33.81 ? 1376 GLU A OE2 1 
ATOM   527  N N   . SER A 1 86  ? 10.098  7.593   5.674   1.00 18.23 ? 1377 SER A N   1 
ATOM   528  C CA  . SER A 1 86  ? 9.966   6.466   6.616   1.00 17.86 ? 1377 SER A CA  1 
ATOM   529  C C   . SER A 1 86  ? 9.029   5.420   6.045   1.00 16.49 ? 1377 SER A C   1 
ATOM   530  O O   . SER A 1 86  ? 8.197   5.743   5.191   1.00 16.50 ? 1377 SER A O   1 
ATOM   531  C CB  . SER A 1 86  ? 9.416   6.948   7.898   1.00 18.17 ? 1377 SER A CB  1 
ATOM   532  O OG  . SER A 1 86  ? 8.060   7.328   7.756   1.00 18.48 ? 1377 SER A OG  1 
ATOM   533  N N   . PRO A 1 87  ? 9.093   4.172   6.546   1.00 16.58 ? 1378 PRO A N   1 
ATOM   534  C CA  . PRO A 1 87  ? 8.131   3.179   6.106   1.00 16.90 ? 1378 PRO A CA  1 
ATOM   535  C C   . PRO A 1 87  ? 6.717   3.536   6.569   1.00 14.35 ? 1378 PRO A C   1 
ATOM   536  O O   . PRO A 1 87  ? 5.817   3.050   5.994   1.00 15.47 ? 1378 PRO A O   1 
ATOM   537  C CB  . PRO A 1 87  ? 8.593   1.878   6.769   1.00 16.95 ? 1378 PRO A CB  1 
ATOM   538  C CG  . PRO A 1 87  ? 9.413   2.377   7.978   1.00 17.27 ? 1378 PRO A CG  1 
ATOM   539  C CD  . PRO A 1 87  ? 10.099  3.637   7.485   1.00 16.59 ? 1378 PRO A CD  1 
ATOM   540  N N   . MET A 1 88  ? 6.539   4.305   7.640   1.00 14.63 ? 1379 MET A N   1 
ATOM   541  C CA  . MET A 1 88  ? 5.210   4.740   8.082   1.00 14.93 ? 1379 MET A CA  1 
ATOM   542  C C   . MET A 1 88  ? 4.520   5.521   6.971   1.00 14.77 ? 1379 MET A C   1 
ATOM   543  O O   . MET A 1 88  ? 3.332   5.365   6.797   1.00 15.11 ? 1379 MET A O   1 
ATOM   544  C CB  . MET A 1 88  ? 5.286   5.606   9.338   1.00 15.51 ? 1379 MET A CB  1 
ATOM   545  C CG  . MET A 1 88  ? 5.790   4.819   10.547  1.00 16.40 ? 1379 MET A CG  1 
ATOM   546  S SD  . MET A 1 88  ? 7.593   4.633   10.695  1.00 19.88 ? 1379 MET A SD  1 
ATOM   547  C CE  . MET A 1 88  ? 8.020   6.198   11.428  1.00 22.86 ? 1379 MET A CE  1 
ATOM   548  N N   . GLU A 1 89  ? 5.260   6.391   6.279   1.00 14.31 ? 1380 GLU A N   1 
ATOM   549  C CA  . GLU A 1 89  ? 4.631   7.184   5.214   1.00 14.75 ? 1380 GLU A CA  1 
ATOM   550  C C   . GLU A 1 89  ? 4.202   6.249   4.080   1.00 13.69 ? 1380 GLU A C   1 
ATOM   551  O O   . GLU A 1 89  ? 3.115   6.447   3.490   1.00 14.12 ? 1380 GLU A O   1 
ATOM   552  C CB  . GLU A 1 89  ? 5.641   8.172   4.651   1.00 15.85 ? 1380 GLU A CB  1 
ATOM   553  C CG  . GLU A 1 89  ? 5.937   9.326   5.577   1.00 17.66 ? 1380 GLU A CG  1 
ATOM   554  C CD  . GLU A 1 89  ? 6.956   10.290  5.011   1.00 18.97 ? 1380 GLU A CD  1 
ATOM   555  O OE1 . GLU A 1 89  ? 7.525   10.000  3.994   1.00 18.59 ? 1380 GLU A OE1 1 
ATOM   556  O OE2 . GLU A 1 89  ? 7.134   11.343  5.617   1.00 23.98 ? 1380 GLU A OE2 1 
ATOM   557  N N   . LEU A 1 90  ? 5.051   5.279   3.750   1.00 14.22 ? 1381 LEU A N   1 
ATOM   558  C CA  . LEU A 1 90  ? 4.680   4.309   2.691   1.00 15.03 ? 1381 LEU A CA  1 
ATOM   559  C C   . LEU A 1 90  ? 3.417   3.559   3.131   1.00 15.57 ? 1381 LEU A C   1 
ATOM   560  O O   . LEU A 1 90  ? 2.508   3.312   2.349   1.00 14.17 ? 1381 LEU A O   1 
ATOM   561  C CB  . LEU A 1 90  ? 5.843   3.360   2.405   1.00 15.10 ? 1381 LEU A CB  1 
ATOM   562  C CG  . LEU A 1 90  ? 5.543   2.232   1.411   1.00 15.13 ? 1381 LEU A CG  1 
ATOM   563  C CD1 . LEU A 1 90  ? 6.753   1.962   0.532   1.00 16.21 ? 1381 LEU A CD1 1 
ATOM   564  C CD2 . LEU A 1 90  ? 5.095   0.965   2.125   1.00 16.47 ? 1381 LEU A CD2 1 
ATOM   565  N N   A CYS A 1 91  ? 3.395   3.172   4.397   0.25 14.34 ? 1382 CYS A N   1 
ATOM   566  N N   B CYS A 1 91  ? 3.365   3.135   4.387   0.25 14.76 ? 1382 CYS A N   1 
ATOM   567  C CA  A CYS A 1 91  ? 2.291   2.385   4.978   0.25 14.72 ? 1382 CYS A CA  1 
ATOM   568  C CA  B CYS A 1 91  ? 2.180   2.418   4.918   0.25 15.38 ? 1382 CYS A CA  1 
ATOM   569  C C   A CYS A 1 91  ? 0.997   3.217   4.907   0.25 14.82 ? 1382 CYS A C   1 
ATOM   570  C C   B CYS A 1 91  ? 0.938   3.268   4.771   0.25 15.12 ? 1382 CYS A C   1 
ATOM   571  O O   A CYS A 1 91  ? -0.055  2.630   4.641   0.25 15.23 ? 1382 CYS A O   1 
ATOM   572  O O   B CYS A 1 91  ? -0.135  2.734   4.463   0.25 15.58 ? 1382 CYS A O   1 
ATOM   573  C CB  A CYS A 1 91  ? 2.692   1.932   6.373   0.25 14.95 ? 1382 CYS A CB  1 
ATOM   574  C CB  B CYS A 1 91  ? 2.303   2.156   6.398   0.25 16.40 ? 1382 CYS A CB  1 
ATOM   575  S SG  A CYS A 1 91  ? 1.505   0.786   7.110   0.25 15.36 ? 1382 CYS A SG  1 
ATOM   576  S SG  B CYS A 1 91  ? 3.342   0.718   6.677   0.25 17.48 ? 1382 CYS A SG  1 
ATOM   577  N N   . LYS A 1 92  ? 1.068   4.542   5.113   1.00 14.32 ? 1383 LYS A N   1 
ATOM   578  C CA  . LYS A 1 92  ? -0.105  5.410   5.009   1.00 14.77 ? 1383 LYS A CA  1 
ATOM   579  C C   . LYS A 1 92  ? -0.658  5.342   3.588   1.00 13.51 ? 1383 LYS A C   1 
ATOM   580  O O   . LYS A 1 92  ? -1.881  5.219   3.392   1.00 14.89 ? 1383 LYS A O   1 
ATOM   581  C CB  . LYS A 1 92  ? 0.264   6.824   5.417   1.00 15.85 ? 1383 LYS A CB  1 
ATOM   582  C CG  . LYS A 1 92  ? -0.840  7.835   5.332   1.00 18.80 ? 1383 LYS A CG  1 
ATOM   583  C CD  . LYS A 1 92  ? -0.429  9.120   6.006   1.00 21.90 ? 1383 LYS A CD  1 
ATOM   584  C CE  . LYS A 1 92  ? -1.330  10.273  5.599   1.00 26.72 ? 1383 LYS A CE  1 
ATOM   585  N NZ  . LYS A 1 92  ? -0.993  11.543  6.317   1.00 27.81 ? 1383 LYS A NZ  1 
ATOM   586  N N   . ASP A 1 93  ? 0.208   5.393   2.592   1.00 14.45 ? 1384 ASP A N   1 
ATOM   587  C CA  . ASP A 1 93  ? -0.256  5.411   1.187   1.00 15.01 ? 1384 ASP A CA  1 
ATOM   588  C C   . ASP A 1 93  ? -0.836  4.026   0.847   1.00 13.33 ? 1384 ASP A C   1 
ATOM   589  O O   . ASP A 1 93  ? -1.866  3.948   0.179   1.00 14.09 ? 1384 ASP A O   1 
ATOM   590  C CB  . ASP A 1 93  ? 0.830   5.834   0.206   1.00 14.16 ? 1384 ASP A CB  1 
ATOM   591  C CG  . ASP A 1 93  ? 1.081   7.324   0.209   1.00 16.65 ? 1384 ASP A CG  1 
ATOM   592  O OD1 . ASP A 1 93  ? 0.313   8.069   0.868   1.00 18.67 ? 1384 ASP A OD1 1 
ATOM   593  O OD2 . ASP A 1 93  ? 2.097   7.694   -0.410  1.00 17.29 ? 1384 ASP A OD2 1 
ATOM   594  N N   . VAL A 1 94  ? -0.170  2.952   1.226   1.00 13.19 ? 1385 VAL A N   1 
ATOM   595  C CA  . VAL A 1 94  ? -0.721  1.610   0.960   1.00 12.30 ? 1385 VAL A CA  1 
ATOM   596  C C   . VAL A 1 94  ? -2.087  1.473   1.626   1.00 12.91 ? 1385 VAL A C   1 
ATOM   597  O O   . VAL A 1 94  ? -3.000  0.926   0.994   1.00 13.72 ? 1385 VAL A O   1 
ATOM   598  C CB  . VAL A 1 94  ? 0.276   0.529   1.377   1.00 13.03 ? 1385 VAL A CB  1 
ATOM   599  C CG1 . VAL A 1 94  ? -0.353  -0.839  1.265   1.00 14.10 ? 1385 VAL A CG1 1 
ATOM   600  C CG2 . VAL A 1 94  ? 1.533   0.548   0.512   1.00 14.49 ? 1385 VAL A CG2 1 
ATOM   601  N N   . ARG A 1 95  ? -2.193  1.912   2.863   1.00 12.80 ? 1386 ARG A N   1 
ATOM   602  C CA  . ARG A 1 95  ? -3.481  1.760   3.548   1.00 14.04 ? 1386 ARG A CA  1 
ATOM   603  C C   . ARG A 1 95  ? -4.557  2.568   2.850   1.00 13.57 ? 1386 ARG A C   1 
ATOM   604  O O   . ARG A 1 95  ? -5.728  2.155   2.893   1.00 13.43 ? 1386 ARG A O   1 
ATOM   605  C CB  . ARG A 1 95  ? -3.354  2.159   5.001   1.00 13.60 ? 1386 ARG A CB  1 
ATOM   606  C CG  . ARG A 1 95  ? -2.659  1.031   5.752   1.00 14.70 ? 1386 ARG A CG  1 
ATOM   607  C CD  . ARG A 1 95  ? -2.230  1.493   7.135   1.00 16.40 ? 1386 ARG A CD  1 
ATOM   608  N NE  . ARG A 1 95  ? -1.496  0.445   7.780   1.00 18.15 ? 1386 ARG A NE  1 
ATOM   609  C CZ  . ARG A 1 95  ? -0.815  0.576   8.908   1.00 26.78 ? 1386 ARG A CZ  1 
ATOM   610  N NH1 . ARG A 1 95  ? -0.718  1.761   9.502   1.00 25.61 ? 1386 ARG A NH1 1 
ATOM   611  N NH2 . ARG A 1 95  ? -0.160  -0.464  9.389   1.00 29.26 ? 1386 ARG A NH2 1 
ATOM   612  N N   . LEU A 1 96  ? -4.190  3.667   2.197   1.00 13.39 ? 1387 LEU A N   1 
ATOM   613  C CA  . LEU A 1 96  ? -5.143  4.476   1.409   1.00 13.60 ? 1387 LEU A CA  1 
ATOM   614  C C   . LEU A 1 96  ? -5.648  3.661   0.211   1.00 12.81 ? 1387 LEU A C   1 
ATOM   615  O O   . LEU A 1 96  ? -6.816  3.754   -0.153  1.00 14.43 ? 1387 LEU A O   1 
ATOM   616  C CB  . LEU A 1 96  ? -4.487  5.768   0.957   1.00 14.56 ? 1387 LEU A CB  1 
ATOM   617  C CG  . LEU A 1 96  ? -5.308  6.709   0.094   1.00 15.46 ? 1387 LEU A CG  1 
ATOM   618  C CD1 . LEU A 1 96  ? -6.552  7.149   0.812   1.00 15.82 ? 1387 LEU A CD1 1 
ATOM   619  C CD2 . LEU A 1 96  ? -4.467  7.918   -0.268  1.00 16.09 ? 1387 LEU A CD2 1 
ATOM   620  N N   . ILE A 1 97  ? -4.774  2.849   -0.388  1.00 14.16 ? 1388 ILE A N   1 
ATOM   621  C CA  . ILE A 1 97  ? -5.273  1.999   -1.489  1.00 13.61 ? 1388 ILE A CA  1 
ATOM   622  C C   . ILE A 1 97  ? -6.419  1.159   -0.942  1.00 12.32 ? 1388 ILE A C   1 
ATOM   623  O O   . ILE A 1 97  ? -7.456  1.018   -1.649  1.00 13.62 ? 1388 ILE A O   1 
ATOM   624  C CB  . ILE A 1 97  ? -4.140  1.126   -2.026  1.00 12.99 ? 1388 ILE A CB  1 
ATOM   625  C CG1 . ILE A 1 97  ? -3.003  1.953   -2.603  1.00 14.09 ? 1388 ILE A CG1 1 
ATOM   626  C CG2 . ILE A 1 97  ? -4.674  0.105   -3.019  1.00 13.71 ? 1388 ILE A CG2 1 
ATOM   627  C CD1 . ILE A 1 97  ? -1.749  1.170   -2.971  1.00 14.71 ? 1388 ILE A CD1 1 
ATOM   628  N N   . PHE A 1 98  ? -6.229  0.586   0.238   1.00 13.25 ? 1389 PHE A N   1 
ATOM   629  C CA  . PHE A 1 98  ? -7.241  -0.345  0.787   1.00 13.73 ? 1389 PHE A CA  1 
ATOM   630  C C   . PHE A 1 98  ? -8.472  0.434   1.232   1.00 13.70 ? 1389 PHE A C   1 
ATOM   631  O O   . PHE A 1 98  ? -9.591  -0.039  1.031   1.00 14.62 ? 1389 PHE A O   1 
ATOM   632  C CB  . PHE A 1 98  ? -6.622  -1.222  1.865   1.00 14.18 ? 1389 PHE A CB  1 
ATOM   633  C CG  . PHE A 1 98  ? -5.476  -2.022  1.321   1.00 15.53 ? 1389 PHE A CG  1 
ATOM   634  C CD1 . PHE A 1 98  ? -5.628  -2.753  0.149   1.00 16.47 ? 1389 PHE A CD1 1 
ATOM   635  C CD2 . PHE A 1 98  ? -4.281  -2.088  2.017   1.00 16.04 ? 1389 PHE A CD2 1 
ATOM   636  C CE1 . PHE A 1 98  ? -4.571  -3.519  -0.348  1.00 19.35 ? 1389 PHE A CE1 1 
ATOM   637  C CE2 . PHE A 1 98  ? -3.247  -2.884  1.531   1.00 16.62 ? 1389 PHE A CE2 1 
ATOM   638  C CZ  . PHE A 1 98  ? -3.390  -3.522  0.336   1.00 17.81 ? 1389 PHE A CZ  1 
ATOM   639  N N   . SER A 1 99  ? -8.303  1.552   1.919   1.00 14.45 ? 1390 SER A N   1 
ATOM   640  C CA  . SER A 1 99  ? -9.489  2.264   2.400   1.00 15.05 ? 1390 SER A CA  1 
ATOM   641  C C   . SER A 1 99  ? -10.265 2.794   1.201   1.00 14.68 ? 1390 SER A C   1 
ATOM   642  O O   . SER A 1 99  ? -11.515 2.869   1.256   1.00 15.69 ? 1390 SER A O   1 
ATOM   643  C CB  . SER A 1 99  ? -9.109  3.379   3.332   1.00 15.46 ? 1390 SER A CB  1 
ATOM   644  O OG  . SER A 1 99  ? -8.272  4.337   2.758   1.00 17.81 ? 1390 SER A OG  1 
ATOM   645  N N   . ASN A 1 100 ? -9.618  3.203   0.140   1.00 13.96 ? 1391 ASN A N   1 
ATOM   646  C CA  . ASN A 1 100 ? -10.328 3.657   -1.079  1.00 14.71 ? 1391 ASN A CA  1 
ATOM   647  C C   . ASN A 1 100 ? -11.164 2.478   -1.602  1.00 14.70 ? 1391 ASN A C   1 
ATOM   648  O O   . ASN A 1 100 ? -12.295 2.678   -2.030  1.00 15.20 ? 1391 ASN A O   1 
ATOM   649  C CB  . ASN A 1 100 ? -9.377  4.145   -2.152  1.00 15.59 ? 1391 ASN A CB  1 
ATOM   650  C CG  . ASN A 1 100 ? -8.803  5.508   -1.870  1.00 16.15 ? 1391 ASN A CG  1 
ATOM   651  O OD1 . ASN A 1 100 ? -9.322  6.243   -1.028  1.00 16.45 ? 1391 ASN A OD1 1 
ATOM   652  N ND2 . ASN A 1 100 ? -7.799  5.880   -2.631  1.00 16.10 ? 1391 ASN A ND2 1 
ATOM   653  N N   . SER A 1 101 ? -10.611 1.264   -1.645  1.00 14.12 ? 1392 SER A N   1 
ATOM   654  C CA  . SER A 1 101 ? -11.394 0.117   -2.155  1.00 14.48 ? 1392 SER A CA  1 
ATOM   655  C C   . SER A 1 101 ? -12.626 -0.106  -1.269  1.00 15.46 ? 1392 SER A C   1 
ATOM   656  O O   . SER A 1 101 ? -13.714 -0.411  -1.782  1.00 16.38 ? 1392 SER A O   1 
ATOM   657  C CB  . SER A 1 101 ? -10.520 -1.105  -2.232  1.00 13.67 ? 1392 SER A CB  1 
ATOM   658  O OG  . SER A 1 101 ? -11.192 -2.151  -2.901  1.00 15.40 ? 1392 SER A OG  1 
ATOM   659  N N   . LYS A 1 102 ? -12.452 -0.005  0.030   1.00 15.51 ? 1393 LYS A N   1 
ATOM   660  C CA  . LYS A 1 102 ? -13.578 -0.200  0.997   1.00 15.48 ? 1393 LYS A CA  1 
ATOM   661  C C   . LYS A 1 102 ? -14.609 0.918   0.828   1.00 16.30 ? 1393 LYS A C   1 
ATOM   662  O O   . LYS A 1 102 ? -15.791 0.624   0.932   1.00 17.11 ? 1393 LYS A O   1 
ATOM   663  C CB  . LYS A 1 102 ? -13.047 -0.177  2.409   1.00 16.25 ? 1393 LYS A CB  1 
ATOM   664  C CG  . LYS A 1 102 ? -14.080 -0.557  3.456   1.00 18.59 ? 1393 LYS A CG  1 
ATOM   665  C CD  . LYS A 1 102 ? -13.422 -0.839  4.751   1.00 20.55 ? 1393 LYS A CD  1 
ATOM   666  C CE  . LYS A 1 102 ? -14.424 -1.352  5.765   1.00 21.19 ? 1393 LYS A CE  1 
ATOM   667  N NZ  . LYS A 1 102 ? -13.785 -1.544  7.075   1.00 23.36 ? 1393 LYS A NZ  1 
ATOM   668  N N   . ALA A 1 103 ? -14.194 2.127   0.512   1.00 16.68 ? 1394 ALA A N   1 
ATOM   669  C CA  . ALA A 1 103 ? -15.146 3.242   0.297   1.00 17.45 ? 1394 ALA A CA  1 
ATOM   670  C C   . ALA A 1 103 ? -15.851 3.072   -1.030  1.00 18.01 ? 1394 ALA A C   1 
ATOM   671  O O   . ALA A 1 103 ? -17.050 3.402   -1.165  1.00 18.86 ? 1394 ALA A O   1 
ATOM   672  C CB  . ALA A 1 103 ? -14.448 4.567   0.387   1.00 17.78 ? 1394 ALA A CB  1 
ATOM   673  N N   . TYR A 1 104 ? -15.181 2.528   -2.040  1.00 17.01 ? 1395 TYR A N   1 
ATOM   674  C CA  . TYR A 1 104 ? -15.735 2.559   -3.409  1.00 15.85 ? 1395 TYR A CA  1 
ATOM   675  C C   . TYR A 1 104 ? -16.629 1.339   -3.609  1.00 15.61 ? 1395 TYR A C   1 
ATOM   676  O O   . TYR A 1 104 ? -17.553 1.364   -4.441  1.00 16.46 ? 1395 TYR A O   1 
ATOM   677  C CB  . TYR A 1 104 ? -14.679 2.609   -4.496  1.00 16.73 ? 1395 TYR A CB  1 
ATOM   678  C CG  . TYR A 1 104 ? -15.315 2.757   -5.835  1.00 17.70 ? 1395 TYR A CG  1 
ATOM   679  C CD1 . TYR A 1 104 ? -16.004 3.907   -6.194  1.00 18.13 ? 1395 TYR A CD1 1 
ATOM   680  C CD2 . TYR A 1 104 ? -15.310 1.703   -6.722  1.00 18.67 ? 1395 TYR A CD2 1 
ATOM   681  C CE1 . TYR A 1 104 ? -16.659 4.010   -7.412  1.00 18.16 ? 1395 TYR A CE1 1 
ATOM   682  C CE2 . TYR A 1 104 ? -15.942 1.792   -7.944  1.00 17.78 ? 1395 TYR A CE2 1 
ATOM   683  C CZ  . TYR A 1 104 ? -16.588 2.953   -8.312  1.00 17.68 ? 1395 TYR A CZ  1 
ATOM   684  O OH  . TYR A 1 104 ? -17.275 3.022   -9.491  1.00 20.98 ? 1395 TYR A OH  1 
ATOM   685  N N   . THR A 1 105 ? -16.412 0.247   -2.873  1.00 15.46 ? 1396 THR A N   1 
ATOM   686  C CA  . THR A 1 105 ? -17.116 -1.015  -3.158  1.00 15.56 ? 1396 THR A CA  1 
ATOM   687  C C   . THR A 1 105 ? -18.618 -0.833  -2.917  1.00 18.15 ? 1396 THR A C   1 
ATOM   688  O O   . THR A 1 105 ? -19.051 -0.232  -1.914  1.00 18.97 ? 1396 THR A O   1 
ATOM   689  C CB  . THR A 1 105 ? -16.513 -2.161  -2.348  1.00 17.03 ? 1396 THR A CB  1 
ATOM   690  O OG1 . THR A 1 105 ? -17.119 -3.340  -2.858  1.00 17.14 ? 1396 THR A OG1 1 
ATOM   691  C CG2 . THR A 1 105 ? -16.766 -2.012  -0.867  1.00 17.40 ? 1396 THR A CG2 1 
ATOM   692  N N   . PRO A 1 106 ? -19.459 -1.393  -3.805  1.00 17.70 ? 1397 PRO A N   1 
ATOM   693  C CA  . PRO A 1 106 ? -20.906 -1.326  -3.591  1.00 18.78 ? 1397 PRO A CA  1 
ATOM   694  C C   . PRO A 1 106 ? -21.343 -2.386  -2.582  1.00 20.63 ? 1397 PRO A C   1 
ATOM   695  O O   . PRO A 1 106 ? -22.520 -2.400  -2.197  1.00 21.38 ? 1397 PRO A O   1 
ATOM   696  C CB  . PRO A 1 106 ? -21.471 -1.661  -4.958  1.00 19.39 ? 1397 PRO A CB  1 
ATOM   697  C CG  . PRO A 1 106 ? -20.416 -2.595  -5.582  1.00 19.64 ? 1397 PRO A CG  1 
ATOM   698  C CD  . PRO A 1 106 ? -19.096 -2.057  -5.065  1.00 19.25 ? 1397 PRO A CD  1 
ATOM   699  N N   . SER A 1 107 ? -20.476 -3.342  -2.241  1.00 19.38 ? 1398 SER A N   1 
ATOM   700  C CA  . SER A 1 107 ? -20.818 -4.472  -1.362  1.00 19.57 ? 1398 SER A CA  1 
ATOM   701  C C   . SER A 1 107 ? -19.567 -5.012  -0.673  1.00 20.65 ? 1398 SER A C   1 
ATOM   702  O O   . SER A 1 107 ? -18.448 -4.937  -1.269  1.00 20.03 ? 1398 SER A O   1 
ATOM   703  C CB  . SER A 1 107 ? -21.460 -5.511  -2.220  1.00 23.85 ? 1398 SER A CB  1 
ATOM   704  O OG  . SER A 1 107 ? -21.278 -6.766  -1.677  1.00 26.51 ? 1398 SER A OG  1 
ATOM   705  N N   . LYS A 1 108 ? -19.697 -5.509  0.532   1.00 20.45 ? 1399 LYS A N   1 
ATOM   706  C CA  . LYS A 1 108 ? -18.560 -6.083  1.274   1.00 22.61 ? 1399 LYS A CA  1 
ATOM   707  C C   . LYS A 1 108 ? -18.229 -7.443  0.684   1.00 22.08 ? 1399 LYS A C   1 
ATOM   708  O O   . LYS A 1 108 ? -17.255 -8.027  1.102   1.00 22.83 ? 1399 LYS A O   1 
ATOM   709  C CB  . LYS A 1 108 ? -18.856 -5.992  2.775   1.00 27.88 ? 1399 LYS A CB  1 
ATOM   710  C CG  . LYS A 1 108 ? -18.565 -4.564  3.241   1.00 31.55 ? 1399 LYS A CG  1 
ATOM   711  C CD  . LYS A 1 108 ? -18.758 -4.272  4.691   1.00 34.22 ? 1399 LYS A CD  1 
ATOM   712  C CE  . LYS A 1 108 ? -18.349 -2.868  5.051   1.00 39.96 ? 1399 LYS A CE  1 
ATOM   713  N NZ  . LYS A 1 108 ? -18.300 -2.728  6.523   1.00 43.08 ? 1399 LYS A NZ  1 
ATOM   714  N N   . ARG A 1 109 ? -18.959 -7.893  -0.328  1.00 20.33 ? 1400 ARG A N   1 
ATOM   715  C CA  . ARG A 1 109 ? -18.696 -9.217  -0.909  1.00 23.08 ? 1400 ARG A CA  1 
ATOM   716  C C   . ARG A 1 109 ? -18.208 -9.069  -2.343  1.00 19.67 ? 1400 ARG A C   1 
ATOM   717  O O   . ARG A 1 109 ? -18.110 -10.084 -3.020  1.00 23.96 ? 1400 ARG A O   1 
ATOM   718  C CB  . ARG A 1 109 ? -19.972 -10.059 -0.896  1.00 28.04 ? 1400 ARG A CB  1 
ATOM   719  C CG  . ARG A 1 109 ? -20.489 -10.331 0.513   1.00 32.93 ? 1400 ARG A CG  1 
ATOM   720  C CD  . ARG A 1 109 ? -21.872 -10.970 0.513   1.00 37.72 ? 1400 ARG A CD  1 
ATOM   721  N NE  . ARG A 1 109 ? -21.910 -12.258 -0.165  1.00 43.92 ? 1400 ARG A NE  1 
ATOM   722  C CZ  . ARG A 1 109 ? -22.287 -12.478 -1.426  1.00 48.60 ? 1400 ARG A CZ  1 
ATOM   723  N NH1 . ARG A 1 109 ? -22.654 -11.485 -2.227  1.00 52.23 ? 1400 ARG A NH1 1 
ATOM   724  N NH2 . ARG A 1 109 ? -22.276 -13.717 -1.889  1.00 51.00 ? 1400 ARG A NH2 1 
ATOM   725  N N   . SER A 1 110 ? -17.938 -7.851  -2.804  0.49 17.52 ? 1401 SER A N   1 
ATOM   726  C CA  . SER A 1 110 ? -17.528 -7.635  -4.211  0.49 16.39 ? 1401 SER A CA  1 
ATOM   727  C C   . SER A 1 110 ? -16.200 -8.350  -4.470  0.49 16.26 ? 1401 SER A C   1 
ATOM   728  O O   . SER A 1 110 ? -15.405 -8.572  -3.534  0.49 17.09 ? 1401 SER A O   1 
ATOM   729  C CB  . SER A 1 110 ? -17.475 -6.189  -4.595  0.49 15.72 ? 1401 SER A CB  1 
ATOM   730  O OG  . SER A 1 110 ? -16.215 -5.630  -4.303  0.49 15.18 ? 1401 SER A OG  1 
ATOM   731  N N   . ARG A 1 111 ? -15.998 -8.753  -5.713  0.49 15.94 ? 1402 ARG A N   1 
ATOM   732  C CA  . ARG A 1 111 ? -14.747 -9.413  -6.145  0.49 15.54 ? 1402 ARG A CA  1 
ATOM   733  C C   . ARG A 1 111 ? -13.543 -8.564  -5.731  0.49 15.31 ? 1402 ARG A C   1 
ATOM   734  O O   . ARG A 1 111 ? -12.678 -9.063  -4.975  0.49 15.56 ? 1402 ARG A O   1 
ATOM   735  C CB  . ARG A 1 111 ? -14.779 -9.581  -7.662  0.49 15.65 ? 1402 ARG A CB  1 
ATOM   736  C CG  . ARG A 1 111 ? -13.461 -10.056 -8.245  0.49 15.56 ? 1402 ARG A CG  1 
ATOM   737  C CD  . ARG A 1 111 ? -13.009 -11.406 -7.734  0.49 15.77 ? 1402 ARG A CD  1 
ATOM   738  N NE  . ARG A 1 111 ? -11.722 -11.782 -8.301  0.49 15.69 ? 1402 ARG A NE  1 
ATOM   739  C CZ  . ARG A 1 111 ? -11.528 -12.571 -9.348  0.49 16.95 ? 1402 ARG A CZ  1 
ATOM   740  N NH1 . ARG A 1 111 ? -12.547 -13.127 -9.985  0.49 17.47 ? 1402 ARG A NH1 1 
ATOM   741  N NH2 . ARG A 1 111 ? -10.291 -12.811 -9.749  0.49 17.66 ? 1402 ARG A NH2 1 
ATOM   742  N N   . ILE A 1 112 ? -13.483 -7.332  -6.218  0.49 14.62 ? 1403 ILE A N   1 
ATOM   743  C CA  . ILE A 1 112 ? -12.262 -6.481  -6.083  0.49 14.55 ? 1403 ILE A CA  1 
ATOM   744  C C   . ILE A 1 112 ? -12.089 -6.104  -4.608  0.49 14.85 ? 1403 ILE A C   1 
ATOM   745  O O   . ILE A 1 112 ? -10.993 -6.256  -4.078  0.49 14.14 ? 1403 ILE A O   1 
ATOM   746  C CB  . ILE A 1 112 ? -12.325 -5.272  -7.033  0.49 15.08 ? 1403 ILE A CB  1 
ATOM   747  C CG1 . ILE A 1 112 ? -12.233 -5.729  -8.491  0.49 16.01 ? 1403 ILE A CG1 1 
ATOM   748  C CG2 . ILE A 1 112 ? -11.225 -4.281  -6.689  0.49 15.04 ? 1403 ILE A CG2 1 
ATOM   749  C CD1 . ILE A 1 112 ? -12.794 -4.758  -9.486  0.49 16.56 ? 1403 ILE A CD1 1 
ATOM   750  N N   . TYR A 1 113 ? -13.161 -5.737  -3.918  1.00 14.66 ? 1404 TYR A N   1 
ATOM   751  C CA  . TYR A 1 113 ? -12.996 -5.453  -2.487  1.00 15.52 ? 1404 TYR A CA  1 
ATOM   752  C C   . TYR A 1 113 ? -12.421 -6.675  -1.775  1.00 16.04 ? 1404 TYR A C   1 
ATOM   753  O O   . TYR A 1 113 ? -11.574 -6.551  -0.920  1.00 15.61 ? 1404 TYR A O   1 
ATOM   754  C CB  . TYR A 1 113 ? -14.308 -5.029  -1.869  1.00 16.20 ? 1404 TYR A CB  1 
ATOM   755  C CG  . TYR A 1 113 ? -14.230 -4.782  -0.385  1.00 15.24 ? 1404 TYR A CG  1 
ATOM   756  C CD1 . TYR A 1 113 ? -13.391 -3.840  0.180   1.00 15.78 ? 1404 TYR A CD1 1 
ATOM   757  C CD2 . TYR A 1 113 ? -15.021 -5.547  0.459   1.00 16.13 ? 1404 TYR A CD2 1 
ATOM   758  C CE1 . TYR A 1 113 ? -13.356 -3.666  1.553   1.00 15.68 ? 1404 TYR A CE1 1 
ATOM   759  C CE2 . TYR A 1 113 ? -14.987 -5.381  1.830   1.00 17.10 ? 1404 TYR A CE2 1 
ATOM   760  C CZ  . TYR A 1 113 ? -14.185 -4.402  2.371   1.00 16.79 ? 1404 TYR A CZ  1 
ATOM   761  O OH  . TYR A 1 113 ? -14.101 -4.186  3.730   1.00 19.45 ? 1404 TYR A OH  1 
ATOM   762  N N   A SER A 1 114 ? -12.904 -7.872  -2.123  0.24 15.55 ? 1405 SER A N   1 
ATOM   763  N N   B SER A 1 114 ? -12.903 -7.875  -2.101  0.25 15.25 ? 1405 SER A N   1 
ATOM   764  C CA  A SER A 1 114 ? -12.442 -9.135  -1.500  0.24 16.09 ? 1405 SER A CA  1 
ATOM   765  C CA  B SER A 1 114 ? -12.406 -9.113  -1.460  0.25 15.59 ? 1405 SER A CA  1 
ATOM   766  C C   A SER A 1 114 ? -10.945 -9.327  -1.781  0.24 16.01 ? 1405 SER A C   1 
ATOM   767  C C   B SER A 1 114 ? -10.913 -9.287  -1.763  0.25 15.68 ? 1405 SER A C   1 
ATOM   768  O O   A SER A 1 114 ? -10.239 -9.830  -0.901  0.24 15.55 ? 1405 SER A O   1 
ATOM   769  O O   B SER A 1 114 ? -10.169 -9.708  -0.877  0.25 15.42 ? 1405 SER A O   1 
ATOM   770  C CB  A SER A 1 114 ? -13.259 -10.320 -1.962  0.24 17.12 ? 1405 SER A CB  1 
ATOM   771  C CB  B SER A 1 114 ? -13.203 -10.298 -1.896  0.25 16.37 ? 1405 SER A CB  1 
ATOM   772  O OG  A SER A 1 114 ? -12.903 -10.730 -3.273  0.24 18.51 ? 1405 SER A OG  1 
ATOM   773  O OG  B SER A 1 114 ? -14.546 -10.150 -1.470  0.25 17.38 ? 1405 SER A OG  1 
ATOM   774  N N   . MET A 1 115 ? -10.491 -8.952  -2.976  1.00 15.57 ? 1406 MET A N   1 
ATOM   775  C CA  . MET A 1 115 ? -9.053  -8.983  -3.308  1.00 15.66 ? 1406 MET A CA  1 
ATOM   776  C C   . MET A 1 115 ? -8.311  -7.970  -2.413  1.00 16.00 ? 1406 MET A C   1 
ATOM   777  O O   . MET A 1 115 ? -7.254  -8.296  -1.896  1.00 15.03 ? 1406 MET A O   1 
ATOM   778  C CB  . MET A 1 115 ? -8.863  -8.639  -4.757  1.00 15.44 ? 1406 MET A CB  1 
ATOM   779  C CG  . MET A 1 115 ? -9.403  -9.696  -5.714  1.00 16.65 ? 1406 MET A CG  1 
ATOM   780  S SD  . MET A 1 115 ? -9.679  -9.139  -7.394  1.00 18.78 ? 1406 MET A SD  1 
ATOM   781  C CE  . MET A 1 115 ? -7.997  -9.204  -7.962  1.00 18.42 ? 1406 MET A CE  1 
ATOM   782  N N   . SER A 1 116 ? -8.891  -6.795  -2.212  1.00 15.23 ? 1407 SER A N   1 
ATOM   783  C CA  . SER A 1 116 ? -8.245  -5.763  -1.369  1.00 14.24 ? 1407 SER A CA  1 
ATOM   784  C C   . SER A 1 116 ? -8.066  -6.333  0.027   1.00 15.16 ? 1407 SER A C   1 
ATOM   785  O O   . SER A 1 116 ? -7.043  -6.055  0.630   1.00 15.19 ? 1407 SER A O   1 
ATOM   786  C CB  . SER A 1 116 ? -9.020  -4.460  -1.389  1.00 15.13 ? 1407 SER A CB  1 
ATOM   787  O OG  . SER A 1 116 ? -10.077 -4.427  -0.477  1.00 15.87 ? 1407 SER A OG  1 
ATOM   788  N N   . LEU A 1 117 ? -9.045  -7.060  0.576   1.00 14.14 ? 1408 LEU A N   1 
ATOM   789  C CA  . LEU A 1 117 ? -8.931  -7.477  1.992   1.00 15.23 ? 1408 LEU A CA  1 
ATOM   790  C C   . LEU A 1 117 ? -7.821  -8.520  2.112   1.00 13.99 ? 1408 LEU A C   1 
ATOM   791  O O   . LEU A 1 117 ? -7.081  -8.480  3.088   1.00 15.28 ? 1408 LEU A O   1 
ATOM   792  C CB  . LEU A 1 117 ? -10.261 -8.028  2.481   1.00 16.12 ? 1408 LEU A CB  1 
ATOM   793  C CG  . LEU A 1 117 ? -11.387 -7.016  2.631   1.00 17.88 ? 1408 LEU A CG  1 
ATOM   794  C CD1 . LEU A 1 117 ? -12.637 -7.703  3.126   1.00 20.19 ? 1408 LEU A CD1 1 
ATOM   795  C CD2 . LEU A 1 117 ? -10.959 -5.893  3.558   1.00 19.60 ? 1408 LEU A CD2 1 
ATOM   796  N N   . ARG A 1 118 ? -7.718  -9.440  1.158   1.00 15.24 ? 1409 ARG A N   1 
ATOM   797  C CA  . ARG A 1 118 ? -6.624  -10.415 1.248   1.00 16.26 ? 1409 ARG A CA  1 
ATOM   798  C C   . ARG A 1 118 ? -5.286  -9.722  1.124   1.00 14.85 ? 1409 ARG A C   1 
ATOM   799  O O   . ARG A 1 118 ? -4.339  -10.055 1.867   1.00 15.34 ? 1409 ARG A O   1 
ATOM   800  C CB  . ARG A 1 118 ? -6.806  -11.451 0.154   1.00 16.18 ? 1409 ARG A CB  1 
ATOM   801  C CG  . ARG A 1 118 ? -7.969  -12.402 0.391   1.00 18.02 ? 1409 ARG A CG  1 
ATOM   802  C CD  . ARG A 1 118 ? -7.947  -13.562 -0.593  1.00 17.51 ? 1409 ARG A CD  1 
ATOM   803  N NE  . ARG A 1 118 ? -8.083  -13.142 -1.947  1.00 17.44 ? 1409 ARG A NE  1 
ATOM   804  C CZ  . ARG A 1 118 ? -9.199  -13.160 -2.654  1.00 18.75 ? 1409 ARG A CZ  1 
ATOM   805  N NH1 . ARG A 1 118 ? -10.326 -13.577 -2.120  1.00 20.26 ? 1409 ARG A NH1 1 
ATOM   806  N NH2 . ARG A 1 118 ? -9.171  -12.773 -3.913  1.00 19.63 ? 1409 ARG A NH2 1 
ATOM   807  N N   . LEU A 1 119 ? -5.203  -8.815  0.168   1.00 14.44 ? 1410 LEU A N   1 
ATOM   808  C CA  . LEU A 1 119 ? -3.912  -8.151  -0.056  1.00 14.91 ? 1410 LEU A CA  1 
ATOM   809  C C   . LEU A 1 119 ? -3.523  -7.298  1.158   1.00 15.12 ? 1410 LEU A C   1 
ATOM   810  O O   . LEU A 1 119 ? -2.343  -7.239  1.509   1.00 15.30 ? 1410 LEU A O   1 
ATOM   811  C CB  . LEU A 1 119 ? -3.978  -7.337  -1.335  1.00 15.24 ? 1410 LEU A CB  1 
ATOM   812  C CG  . LEU A 1 119 ? -2.657  -6.881  -1.912  1.00 16.92 ? 1410 LEU A CG  1 
ATOM   813  C CD1 . LEU A 1 119 ? -1.855  -8.069  -2.435  1.00 19.00 ? 1410 LEU A CD1 1 
ATOM   814  C CD2 . LEU A 1 119 ? -2.920  -5.912  -3.014  1.00 16.53 ? 1410 LEU A CD2 1 
ATOM   815  N N   . SER A 1 120 ? -4.502  -6.671  1.782   1.00 14.31 ? 1411 SER A N   1 
ATOM   816  C CA  . SER A 1 120 ? -4.277  -5.860  2.987   1.00 14.40 ? 1411 SER A CA  1 
ATOM   817  C C   . SER A 1 120 ? -3.730  -6.776  4.085   1.00 15.82 ? 1411 SER A C   1 
ATOM   818  O O   . SER A 1 120 ? -2.784  -6.398  4.764   1.00 14.64 ? 1411 SER A O   1 
ATOM   819  C CB  . SER A 1 120 ? -5.545  -5.201  3.398   1.00 15.36 ? 1411 SER A CB  1 
ATOM   820  O OG  . SER A 1 120 ? -5.365  -4.575  4.681   1.00 16.41 ? 1411 SER A OG  1 
ATOM   821  N N   . ALA A 1 121 ? -4.338  -7.944  4.302   1.00 14.32 ? 1412 ALA A N   1 
ATOM   822  C CA  . ALA A 1 121 ? -3.852  -8.877  5.339   1.00 16.70 ? 1412 ALA A CA  1 
ATOM   823  C C   . ALA A 1 121 ? -2.411  -9.258  5.036   1.00 15.95 ? 1412 ALA A C   1 
ATOM   824  O O   . ALA A 1 121 ? -1.573  -9.271  5.941   1.00 16.51 ? 1412 ALA A O   1 
ATOM   825  C CB  . ALA A 1 121 ? -4.738  -10.090 5.408   1.00 16.62 ? 1412 ALA A CB  1 
ATOM   826  N N   . PHE A 1 122 ? -2.117  -9.587  3.781   1.00 16.01 ? 1413 PHE A N   1 
ATOM   827  C CA  . PHE A 1 122 ? -0.736  -9.931  3.358   1.00 16.42 ? 1413 PHE A CA  1 
ATOM   828  C C   . PHE A 1 122 ? 0.213   -8.767  3.652   1.00 16.45 ? 1413 PHE A C   1 
ATOM   829  O O   . PHE A 1 122 ? 1.298   -8.920  4.219   1.00 16.84 ? 1413 PHE A O   1 
ATOM   830  C CB  . PHE A 1 122 ? -0.741  -10.321 1.892   1.00 17.15 ? 1413 PHE A CB  1 
ATOM   831  C CG  . PHE A 1 122 ? 0.620   -10.645 1.334   1.00 19.00 ? 1413 PHE A CG  1 
ATOM   832  C CD1 . PHE A 1 122 ? 1.221   -11.872 1.568   1.00 21.88 ? 1413 PHE A CD1 1 
ATOM   833  C CD2 . PHE A 1 122 ? 1.359   -9.676  0.692   1.00 20.53 ? 1413 PHE A CD2 1 
ATOM   834  C CE1 . PHE A 1 122 ? 2.471   -12.165 1.049   1.00 24.45 ? 1413 PHE A CE1 1 
ATOM   835  C CE2 . PHE A 1 122 ? 2.607   -9.978  0.154   1.00 20.96 ? 1413 PHE A CE2 1 
ATOM   836  C CZ  . PHE A 1 122 ? 3.181   -11.200 0.389   1.00 25.04 ? 1413 PHE A CZ  1 
ATOM   837  N N   . PHE A 1 123 ? -0.169  -7.572  3.237   1.00 15.90 ? 1414 PHE A N   1 
ATOM   838  C CA  . PHE A 1 123 ? 0.672   -6.381  3.449   1.00 14.94 ? 1414 PHE A CA  1 
ATOM   839  C C   . PHE A 1 123 ? 0.900   -6.166  4.937   1.00 15.45 ? 1414 PHE A C   1 
ATOM   840  O O   . PHE A 1 123 ? 2.063   -5.960  5.347   1.00 15.94 ? 1414 PHE A O   1 
ATOM   841  C CB  . PHE A 1 123 ? -0.009  -5.163  2.811   1.00 14.37 ? 1414 PHE A CB  1 
ATOM   842  C CG  . PHE A 1 123 ? 0.715   -3.896  3.165   1.00 14.40 ? 1414 PHE A CG  1 
ATOM   843  C CD1 . PHE A 1 123 ? 1.903   -3.590  2.541   1.00 14.69 ? 1414 PHE A CD1 1 
ATOM   844  C CD2 . PHE A 1 123 ? 0.244   -3.041  4.158   1.00 15.39 ? 1414 PHE A CD2 1 
ATOM   845  C CE1 . PHE A 1 123 ? 2.621   -2.456  2.894   1.00 15.40 ? 1414 PHE A CE1 1 
ATOM   846  C CE2 . PHE A 1 123 ? 0.965   -1.902  4.474   1.00 16.10 ? 1414 PHE A CE2 1 
ATOM   847  C CZ  . PHE A 1 123 ? 2.140   -1.624  3.870   1.00 16.31 ? 1414 PHE A CZ  1 
ATOM   848  N N   . GLU A 1 124 ? -0.143  -6.193  5.772   1.00 14.96 ? 1415 GLU A N   1 
ATOM   849  C CA  . GLU A 1 124 ? 0.013   -5.900  7.211   1.00 16.73 ? 1415 GLU A CA  1 
ATOM   850  C C   . GLU A 1 124 ? 0.914   -6.955  7.833   1.00 18.29 ? 1415 GLU A C   1 
ATOM   851  O O   . GLU A 1 124 ? 1.703   -6.600  8.689   1.00 19.41 ? 1415 GLU A O   1 
ATOM   852  C CB  . GLU A 1 124 ? -1.344  -5.812  7.908   1.00 17.52 ? 1415 GLU A CB  1 
ATOM   853  C CG  . GLU A 1 124 ? -2.148  -4.612  7.425   1.00 18.67 ? 1415 GLU A CG  1 
ATOM   854  C CD  . GLU A 1 124 ? -1.541  -3.239  7.722   1.00 18.13 ? 1415 GLU A CD  1 
ATOM   855  O OE1 . GLU A 1 124 ? -0.720  -3.110  8.682   1.00 20.61 ? 1415 GLU A OE1 1 
ATOM   856  O OE2 . GLU A 1 124 ? -1.845  -2.283  7.018   1.00 17.64 ? 1415 GLU A OE2 1 
ATOM   857  N N   . GLU A 1 125 ? 0.793   -8.205  7.392   1.00 17.19 ? 1416 GLU A N   1 
ATOM   858  C CA  . GLU A 1 125 ? 1.580   -9.321  7.982   1.00 19.09 ? 1416 GLU A CA  1 
ATOM   859  C C   . GLU A 1 125 ? 3.036   -9.059  7.703   1.00 18.55 ? 1416 GLU A C   1 
ATOM   860  O O   . GLU A 1 125 ? 3.863   -9.372  8.577   1.00 20.29 ? 1416 GLU A O   1 
ATOM   861  C CB  . GLU A 1 125 ? 1.077   -10.625 7.369   1.00 20.42 ? 1416 GLU A CB  1 
ATOM   862  C CG  . GLU A 1 125 ? 1.846   -11.898 7.648   1.00 23.62 ? 1416 GLU A CG  1 
ATOM   863  C CD  . GLU A 1 125 ? 1.167   -13.028 6.865   1.00 25.29 ? 1416 GLU A CD  1 
ATOM   864  O OE1 . GLU A 1 125 ? 0.001   -13.359 7.250   1.00 24.46 ? 1416 GLU A OE1 1 
ATOM   865  O OE2 . GLU A 1 125 ? 1.708   -13.490 5.810   1.00 24.44 ? 1416 GLU A OE2 1 
ATOM   866  N N   . HIS A 1 126 ? 3.369   -8.522  6.538   1.00 18.41 ? 1417 HIS A N   1 
ATOM   867  C CA  . HIS A 1 126 ? 4.769   -8.348  6.086   1.00 19.69 ? 1417 HIS A CA  1 
ATOM   868  C C   . HIS A 1 126 ? 5.330   -6.996  6.552   1.00 18.42 ? 1417 HIS A C   1 
ATOM   869  O O   . HIS A 1 126 ? 6.576   -6.929  6.846   1.00 20.31 ? 1417 HIS A O   1 
ATOM   870  C CB  . HIS A 1 126 ? 4.876   -8.553  4.584   1.00 19.85 ? 1417 HIS A CB  1 
ATOM   871  C CG  . HIS A 1 126 ? 4.785   -9.976  4.145   1.00 25.07 ? 1417 HIS A CG  1 
ATOM   872  N ND1 . HIS A 1 126 ? 3.626   -10.716 4.270   1.00 26.54 ? 1417 HIS A ND1 1 
ATOM   873  C CD2 . HIS A 1 126 ? 5.693   -10.777 3.533   1.00 28.80 ? 1417 HIS A CD2 1 
ATOM   874  C CE1 . HIS A 1 126 ? 3.856   -11.945 3.840   1.00 29.16 ? 1417 HIS A CE1 1 
ATOM   875  N NE2 . HIS A 1 126 ? 5.088   -11.985 3.314   1.00 33.32 ? 1417 HIS A NE2 1 
ATOM   876  N N   . ILE A 1 127 ? 4.532   -5.940  6.625   1.00 17.70 ? 1418 ILE A N   1 
ATOM   877  C CA  . ILE A 1 127 ? 5.048   -4.596  6.964   1.00 17.46 ? 1418 ILE A CA  1 
ATOM   878  C C   . ILE A 1 127 ? 5.347   -4.470  8.448   1.00 18.41 ? 1418 ILE A C   1 
ATOM   879  O O   . ILE A 1 127 ? 6.152   -3.630  8.824   1.00 17.01 ? 1418 ILE A O   1 
ATOM   880  C CB  . ILE A 1 127 ? 4.081   -3.495  6.505   1.00 17.15 ? 1418 ILE A CB  1 
ATOM   881  C CG1 . ILE A 1 127 ? 4.831   -2.167  6.300   1.00 18.80 ? 1418 ILE A CG1 1 
ATOM   882  C CG2 . ILE A 1 127 ? 2.913   -3.317  7.446   1.00 18.23 ? 1418 ILE A CG2 1 
ATOM   883  C CD1 . ILE A 1 127 ? 5.862   -2.214  5.248   1.00 20.33 ? 1418 ILE A CD1 1 
ATOM   884  N N   A SER A 1 128 ? 4.719   -5.298  9.284   0.25 18.22 ? 1419 SER A N   1 
ATOM   885  N N   B SER A 1 128 ? 4.719   -5.297  9.286   0.25 18.23 ? 1419 SER A N   1 
ATOM   886  C CA  A SER A 1 128 ? 4.810   -5.207  10.763  0.25 18.27 ? 1419 SER A CA  1 
ATOM   887  C CA  B SER A 1 128 ? 4.827   -5.186  10.763  0.25 18.31 ? 1419 SER A CA  1 
ATOM   888  C C   A SER A 1 128 ? 6.276   -5.228  11.229  0.25 18.18 ? 1419 SER A C   1 
ATOM   889  C C   B SER A 1 128 ? 6.298   -5.196  11.202  0.25 18.22 ? 1419 SER A C   1 
ATOM   890  O O   A SER A 1 128 ? 6.622   -4.418  12.122  0.25 19.01 ? 1419 SER A O   1 
ATOM   891  O O   B SER A 1 128 ? 6.672   -4.346  12.033  0.25 19.47 ? 1419 SER A O   1 
ATOM   892  C CB  A SER A 1 128 ? 4.008   -6.310  11.396  0.25 18.80 ? 1419 SER A CB  1 
ATOM   893  C CB  B SER A 1 128 ? 4.052   -6.265  11.459  0.25 18.99 ? 1419 SER A CB  1 
ATOM   894  O OG  A SER A 1 128 ? 4.386   -7.560  10.854  0.25 20.90 ? 1419 SER A OG  1 
ATOM   895  O OG  B SER A 1 128 ? 4.258   -6.162  12.862  0.25 20.93 ? 1419 SER A OG  1 
ATOM   896  N N   . SER A 1 129 ? 7.092   -6.127  10.669  1.00 17.39 ? 1420 SER A N   1 
ATOM   897  C CA  . SER A 1 129 ? 8.512   -6.260  11.062  1.00 19.24 ? 1420 SER A CA  1 
ATOM   898  C C   . SER A 1 129 ? 9.293   -5.060  10.527  1.00 18.19 ? 1420 SER A C   1 
ATOM   899  O O   . SER A 1 129 ? 10.250  -4.622  11.189  1.00 17.45 ? 1420 SER A O   1 
ATOM   900  C CB  . SER A 1 129 ? 9.114   -7.569  10.675  1.00 20.60 ? 1420 SER A CB  1 
ATOM   901  O OG  . SER A 1 129 ? 9.111   -7.778  9.287   1.00 25.56 ? 1420 SER A OG  1 
ATOM   902  N N   . VAL A 1 130 ? 8.956   -4.608  9.329   1.00 17.30 ? 1421 VAL A N   1 
ATOM   903  C CA  . VAL A 1 130 ? 9.658   -3.465  8.696   1.00 16.18 ? 1421 VAL A CA  1 
ATOM   904  C C   . VAL A 1 130 ? 9.489   -2.260  9.600   1.00 17.71 ? 1421 VAL A C   1 
ATOM   905  O O   . VAL A 1 130 ? 10.478  -1.563  9.863   1.00 17.13 ? 1421 VAL A O   1 
ATOM   906  C CB  . VAL A 1 130 ? 9.106   -3.220  7.296   1.00 16.48 ? 1421 VAL A CB  1 
ATOM   907  C CG1 . VAL A 1 130 ? 9.768   -1.996  6.676   1.00 17.48 ? 1421 VAL A CG1 1 
ATOM   908  C CG2 . VAL A 1 130 ? 9.296   -4.421  6.411   1.00 16.42 ? 1421 VAL A CG2 1 
ATOM   909  N N   . LEU A 1 131 ? 8.268   -1.968  10.043  1.00 15.87 ? 1422 LEU A N   1 
ATOM   910  C CA  . LEU A 1 131 ? 8.012   -0.838  10.943  1.00 16.32 ? 1422 LEU A CA  1 
ATOM   911  C C   . LEU A 1 131 ? 8.749   -1.039  12.268  1.00 17.31 ? 1422 LEU A C   1 
ATOM   912  O O   . LEU A 1 131 ? 9.355   -0.090  12.762  1.00 17.51 ? 1422 LEU A O   1 
ATOM   913  C CB  . LEU A 1 131 ? 6.510   -0.701  11.182  1.00 16.71 ? 1422 LEU A CB  1 
ATOM   914  C CG  . LEU A 1 131 ? 5.701   -0.370  9.941   1.00 17.60 ? 1422 LEU A CG  1 
ATOM   915  C CD1 . LEU A 1 131 ? 4.219   -0.519  10.207  1.00 18.95 ? 1422 LEU A CD1 1 
ATOM   916  C CD2 . LEU A 1 131 ? 6.072   1.008   9.412   1.00 19.90 ? 1422 LEU A CD2 1 
ATOM   917  N N   . SER A 1 132 ? 8.616   -2.211  12.862  1.00 18.39 ? 1423 SER A N   1 
ATOM   918  C CA  . SER A 1 132 ? 9.259   -2.493  14.170  1.00 17.83 ? 1423 SER A CA  1 
ATOM   919  C C   . SER A 1 132 ? 10.756  -2.250  14.036  1.00 16.68 ? 1423 SER A C   1 
ATOM   920  O O   . SER A 1 132 ? 11.345  -1.573  14.906  1.00 18.28 ? 1423 SER A O   1 
ATOM   921  C CB  . SER A 1 132 ? 8.980   -3.912  14.614  1.00 17.63 ? 1423 SER A CB  1 
ATOM   922  O OG  . SER A 1 132 ? 7.609   -4.051  14.902  1.00 23.65 ? 1423 SER A OG  1 
ATOM   923  N N   . ASP A 1 133 ? 11.377  -2.815  13.014  1.00 16.32 ? 1424 ASP A N   1 
ATOM   924  C CA  . ASP A 1 133 ? 12.855  -2.712  12.877  1.00 17.29 ? 1424 ASP A CA  1 
ATOM   925  C C   . ASP A 1 133 ? 13.236  -1.253  12.664  1.00 17.04 ? 1424 ASP A C   1 
ATOM   926  O O   . ASP A 1 133 ? 14.235  -0.757  13.232  1.00 17.08 ? 1424 ASP A O   1 
ATOM   927  C CB  . ASP A 1 133 ? 13.380  -3.524  11.708  1.00 18.67 ? 1424 ASP A CB  1 
ATOM   928  C CG  . ASP A 1 133 ? 13.396  -5.018  11.927  1.00 23.08 ? 1424 ASP A CG  1 
ATOM   929  O OD1 . ASP A 1 133 ? 13.040  -5.435  13.040  1.00 24.29 ? 1424 ASP A OD1 1 
ATOM   930  O OD2 . ASP A 1 133 ? 13.777  -5.733  10.957  1.00 27.48 ? 1424 ASP A OD2 1 
ATOM   931  N N   . TYR A 1 134 ? 12.499  -0.511  11.849  1.00 16.84 ? 1425 TYR A N   1 
ATOM   932  C CA  . TYR A 1 134 ? 12.818  0.917   11.623  1.00 15.88 ? 1425 TYR A CA  1 
ATOM   933  C C   . TYR A 1 134 ? 12.712  1.685   12.928  1.00 16.83 ? 1425 TYR A C   1 
ATOM   934  O O   . TYR A 1 134 ? 13.607  2.506   13.279  1.00 16.45 ? 1425 TYR A O   1 
ATOM   935  C CB  . TYR A 1 134 ? 11.878  1.532   10.578  1.00 15.98 ? 1425 TYR A CB  1 
ATOM   936  C CG  . TYR A 1 134 ? 12.092  3.004   10.375  1.00 16.19 ? 1425 TYR A CG  1 
ATOM   937  C CD1 . TYR A 1 134 ? 13.186  3.437   9.663   1.00 16.93 ? 1425 TYR A CD1 1 
ATOM   938  C CD2 . TYR A 1 134 ? 11.246  3.948   10.917  1.00 17.07 ? 1425 TYR A CD2 1 
ATOM   939  C CE1 . TYR A 1 134 ? 13.419  4.772   9.447   1.00 17.29 ? 1425 TYR A CE1 1 
ATOM   940  C CE2 . TYR A 1 134 ? 11.465  5.285   10.714  1.00 17.76 ? 1425 TYR A CE2 1 
ATOM   941  C CZ  . TYR A 1 134 ? 12.572  5.688   10.006  1.00 18.66 ? 1425 TYR A CZ  1 
ATOM   942  O OH  . TYR A 1 134 ? 12.791  6.997   9.749   1.00 23.00 ? 1425 TYR A OH  1 
ATOM   943  N N   . LYS A 1 135 ? 11.622  1.489   13.661  1.00 17.73 ? 1426 LYS A N   1 
ATOM   944  C CA  . LYS A 1 135 ? 11.420  2.296   14.877  1.00 17.02 ? 1426 LYS A CA  1 
ATOM   945  C C   . LYS A 1 135 ? 12.484  1.913   15.907  1.00 16.49 ? 1426 LYS A C   1 
ATOM   946  O O   . LYS A 1 135 ? 12.973  2.813   16.613  1.00 17.31 ? 1426 LYS A O   1 
ATOM   947  C CB  . LYS A 1 135 ? 9.999   2.056   15.384  1.00 19.01 ? 1426 LYS A CB  1 
ATOM   948  C CG  . LYS A 1 135 ? 8.946   2.706   14.470  1.00 19.73 ? 1426 LYS A CG  1 
ATOM   949  C CD  . LYS A 1 135 ? 7.516   2.515   14.931  1.00 24.37 ? 1426 LYS A CD  1 
ATOM   950  C CE  . LYS A 1 135 ? 6.457   2.781   13.891  1.00 26.75 ? 1426 LYS A CE  1 
ATOM   951  N NZ  . LYS A 1 135 ? 5.320   1.858   14.130  1.00 31.75 ? 1426 LYS A NZ  1 
ATOM   952  N N   . SER A 1 136 ? 12.858  0.641   15.943  1.00 17.69 ? 1427 SER A N   1 
ATOM   953  C CA  . SER A 1 136 ? 13.953  0.133   16.816  1.00 18.42 ? 1427 SER A CA  1 
ATOM   954  C C   . SER A 1 136 ? 15.254  0.847   16.454  1.00 18.46 ? 1427 SER A C   1 
ATOM   955  O O   . SER A 1 136 ? 16.021  1.309   17.327  1.00 18.88 ? 1427 SER A O   1 
ATOM   956  C CB  . SER A 1 136 ? 14.123  -1.353  16.661  1.00 19.39 ? 1427 SER A CB  1 
ATOM   957  O OG  . SER A 1 136 ? 15.299  -1.764  17.367  1.00 25.13 ? 1427 SER A OG  1 
ATOM   958  N N   . ALA A 1 137 ? 15.500  0.957   15.170  1.00 17.07 ? 1428 ALA A N   1 
ATOM   959  C CA  . ALA A 1 137 ? 16.750  1.560   14.677  1.00 17.63 ? 1428 ALA A CA  1 
ATOM   960  C C   . ALA A 1 137 ? 16.795  3.025   15.046  1.00 17.58 ? 1428 ALA A C   1 
ATOM   961  O O   . ALA A 1 137 ? 17.840  3.538   15.446  1.00 18.82 ? 1428 ALA A O   1 
ATOM   962  C CB  . ALA A 1 137 ? 16.863  1.368   13.194  1.00 17.31 ? 1428 ALA A CB  1 
ATOM   963  N N   . LEU A 1 138 ? 15.670  3.734   14.903  0.50 18.48 ? 1429 LEU A N   1 
ATOM   964  C CA  . LEU A 1 138 ? 15.587  5.172   15.258  0.50 19.79 ? 1429 LEU A CA  1 
ATOM   965  C C   . LEU A 1 138 ? 15.805  5.349   16.759  0.50 18.61 ? 1429 LEU A C   1 
ATOM   966  O O   . LEU A 1 138 ? 16.480  6.313   17.139  0.50 18.00 ? 1429 LEU A O   1 
ATOM   967  C CB  . LEU A 1 138 ? 14.229  5.749   14.856  0.50 22.11 ? 1429 LEU A CB  1 
ATOM   968  C CG  . LEU A 1 138 ? 14.144  6.285   13.431  0.50 23.92 ? 1429 LEU A CG  1 
ATOM   969  C CD1 . LEU A 1 138 ? 12.994  7.271   13.324  0.50 24.25 ? 1429 LEU A CD1 1 
ATOM   970  C CD2 . LEU A 1 138 ? 15.451  6.936   12.995  0.50 24.62 ? 1429 LEU A CD2 1 
ATOM   971  N N   . ARG A 1 139 ? 15.223  4.471   17.585  1.00 17.26 ? 1430 ARG A N   1 
ATOM   972  C CA  . ARG A 1 139 ? 15.387  4.603   19.058  1.00 18.38 ? 1430 ARG A CA  1 
ATOM   973  C C   . ARG A 1 139 ? 16.858  4.358   19.411  1.00 16.61 ? 1430 ARG A C   1 
ATOM   974  O O   . ARG A 1 139 ? 17.358  5.092   20.262  1.00 18.39 ? 1430 ARG A O   1 
ATOM   975  C CB  . ARG A 1 139 ? 14.503  3.613   19.805  1.00 19.52 ? 1430 ARG A CB  1 
ATOM   976  C CG  . ARG A 1 139 ? 13.027  3.926   19.664  1.00 22.36 ? 1430 ARG A CG  1 
ATOM   977  C CD  . ARG A 1 139 ? 12.206  3.101   20.632  1.00 23.99 ? 1430 ARG A CD  1 
ATOM   978  N NE  . ARG A 1 139 ? 12.100  1.702   20.271  1.00 23.51 ? 1430 ARG A NE  1 
ATOM   979  C CZ  . ARG A 1 139 ? 11.157  1.137   19.509  1.00 20.93 ? 1430 ARG A CZ  1 
ATOM   980  N NH1 . ARG A 1 139 ? 10.234  1.856   18.877  1.00 22.34 ? 1430 ARG A NH1 1 
ATOM   981  N NH2 . ARG A 1 139 ? 11.189  -0.163  19.351  1.00 22.36 ? 1430 ARG A NH2 1 
ATOM   982  N N   . PHE A 1 140 ? 17.503  3.389   18.760  1.00 16.30 ? 1431 PHE A N   1 
ATOM   983  C CA  . PHE A 1 140 ? 18.917  3.084   19.070  1.00 16.80 ? 1431 PHE A CA  1 
ATOM   984  C C   . PHE A 1 140 ? 19.769  4.292   18.694  1.00 17.02 ? 1431 PHE A C   1 
ATOM   985  O O   . PHE A 1 140 ? 20.668  4.729   19.404  1.00 17.27 ? 1431 PHE A O   1 
ATOM   986  C CB  . PHE A 1 140 ? 19.371  1.847   18.323  1.00 18.40 ? 1431 PHE A CB  1 
ATOM   987  C CG  . PHE A 1 140 ? 20.761  1.450   18.696  1.00 18.22 ? 1431 PHE A CG  1 
ATOM   988  C CD1 . PHE A 1 140 ? 21.038  0.847   19.925  1.00 20.90 ? 1431 PHE A CD1 1 
ATOM   989  C CD2 . PHE A 1 140 ? 21.798  1.671   17.822  1.00 19.13 ? 1431 PHE A CD2 1 
ATOM   990  C CE1 . PHE A 1 140 ? 22.339  0.510   20.243  1.00 20.54 ? 1431 PHE A CE1 1 
ATOM   991  C CE2 . PHE A 1 140 ? 23.090  1.302   18.139  1.00 22.08 ? 1431 PHE A CE2 1 
ATOM   992  C CZ  . PHE A 1 140 ? 23.350  0.728   19.353  1.00 20.86 ? 1431 PHE A CZ  1 
ATOM   993  N N   . HIS A 1 141 ? 19.425  4.888   17.558  1.00 17.66 ? 1432 HIS A N   1 
ATOM   994  C CA  . HIS A 1 141 ? 20.149  6.114   17.121  1.00 18.91 ? 1432 HIS A CA  1 
ATOM   995  C C   . HIS A 1 141 ? 20.022  7.216   18.165  1.00 21.39 ? 1432 HIS A C   1 
ATOM   996  O O   . HIS A 1 141 ? 21.023  7.892   18.429  1.00 24.77 ? 1432 HIS A O   1 
ATOM   997  C CB  . HIS A 1 141 ? 19.648  6.512   15.757  1.00 19.22 ? 1432 HIS A CB  1 
ATOM   998  C CG  . HIS A 1 141 ? 20.509  7.543   15.128  1.00 19.06 ? 1432 HIS A CG  1 
ATOM   999  N ND1 . HIS A 1 141 ? 21.704  7.199   14.594  1.00 17.37 ? 1432 HIS A ND1 1 
ATOM   1000 C CD2 . HIS A 1 141 ? 20.349  8.868   14.992  1.00 20.55 ? 1432 HIS A CD2 1 
ATOM   1001 C CE1 . HIS A 1 141 ? 22.266  8.299   14.080  1.00 19.38 ? 1432 HIS A CE1 1 
ATOM   1002 N NE2 . HIS A 1 141 ? 21.464  9.350   14.325  1.00 20.89 ? 1432 HIS A NE2 1 
ATOM   1003 N N   . LYS A 1 142 ? 18.816  7.479   18.648  1.00 19.66 ? 1433 LYS A N   1 
ATOM   1004 C CA  . LYS A 1 142 ? 18.508  8.536   19.638  1.00 25.26 ? 1433 LYS A CA  1 
ATOM   1005 C C   . LYS A 1 142 ? 19.081  8.183   20.998  1.00 26.86 ? 1433 LYS A C   1 
ATOM   1006 O O   . LYS A 1 142 ? 19.276  9.152   21.764  1.00 33.49 ? 1433 LYS A O   1 
ATOM   1007 C CB  . LYS A 1 142 ? 16.991  8.777   19.654  1.00 28.43 ? 1433 LYS A CB  1 
ATOM   1008 C CG  . LYS A 1 142 ? 16.527  9.524   18.412  1.00 39.19 ? 1433 LYS A CG  1 
ATOM   1009 C CD  . LYS A 1 142 ? 15.100  9.209   17.975  1.00 43.54 ? 1433 LYS A CD  1 
ATOM   1010 C CE  . LYS A 1 142 ? 14.809  9.650   16.553  1.00 50.41 ? 1433 LYS A CE  1 
ATOM   1011 N NZ  . LYS A 1 142 ? 15.938  9.307   15.646  1.00 52.92 ? 1433 LYS A NZ  1 
ATOM   1012 N N   . ARG A 1 143 ? 19.419  6.918   21.272  1.00 26.36 ? 1434 ARG A N   1 
ATOM   1013 C CA  . ARG A 1 143 ? 19.625  6.364   22.647  1.00 30.79 ? 1434 ARG A CA  1 
ATOM   1014 C C   . ARG A 1 143 ? 20.422  7.338   23.513  1.00 35.11 ? 1434 ARG A C   1 
ATOM   1015 O O   . ARG A 1 143 ? 21.492  7.756   23.201  1.00 35.48 ? 1434 ARG A O   1 
ATOM   1016 C CB  . ARG A 1 143 ? 20.259  4.971   22.598  1.00 27.30 ? 1434 ARG A CB  1 
ATOM   1017 C CG  . ARG A 1 143 ? 21.697  4.950   22.085  1.00 30.76 ? 1434 ARG A CG  1 
ATOM   1018 C CD  . ARG A 1 143 ? 22.123  3.587   21.602  1.00 29.72 ? 1434 ARG A CD  1 
ATOM   1019 N NE  . ARG A 1 143 ? 23.526  3.527   21.278  1.00 30.44 ? 1434 ARG A NE  1 
ATOM   1020 C CZ  . ARG A 1 143 ? 24.140  3.943   20.195  1.00 33.86 ? 1434 ARG A CZ  1 
ATOM   1021 N NH1 . ARG A 1 143 ? 23.474  4.468   19.191  1.00 32.74 ? 1434 ARG A NH1 1 
ATOM   1022 N NH2 . ARG A 1 143 ? 25.458  3.775   20.092  1.00 34.91 ? 1434 ARG A NH2 1 
HETATM 1023 N N1  . Y1S B 2 .   ? -10.157 -0.202  -9.922  0.49 13.75 ? 1501 Y1S A N1  1 
HETATM 1024 C C4  . Y1S B 2 .   ? -10.051 0.366   -7.568  0.49 13.15 ? 1501 Y1S A C4  1 
HETATM 1025 C C5  . Y1S B 2 .   ? -11.913 -0.558  -6.324  0.49 12.67 ? 1501 Y1S A C5  1 
HETATM 1026 C C6  . Y1S B 2 .   ? -13.234 -1.251  -6.300  0.49 11.71 ? 1501 Y1S A C6  1 
HETATM 1027 C C7  . Y1S B 2 .   ? -13.969 -1.698  -5.250  0.49 11.72 ? 1501 Y1S A C7  1 
HETATM 1028 C C8  . Y1S B 2 .   ? -15.099 -2.352  -5.802  0.49 11.78 ? 1501 Y1S A C8  1 
HETATM 1029 C C10 . Y1S B 2 .   ? -12.193 0.374   -8.674  0.49 13.46 ? 1501 Y1S A C10 1 
HETATM 1030 N N   . Y1S B 2 .   ? -8.210  -0.264  -11.183 0.49 15.62 ? 1501 Y1S A N   1 
HETATM 1031 C C   . Y1S B 2 .   ? -9.554  -0.100  -11.135 0.49 14.84 ? 1501 Y1S A C   1 
HETATM 1032 O O   . Y1S B 2 .   ? -10.204 0.125   -12.152 0.49 15.00 ? 1501 Y1S A O   1 
HETATM 1033 C C1  . Y1S B 2 .   ? -7.454  0.056   -12.379 0.49 17.84 ? 1501 Y1S A C1  1 
HETATM 1034 C C11 . Y1S B 2 .   ? -11.614 -0.396  -9.849  0.49 13.73 ? 1501 Y1S A C11 1 
HETATM 1035 C C2  . Y1S B 2 .   ? -7.196  -1.146  -13.224 0.49 18.74 ? 1501 Y1S A C2  1 
HETATM 1036 C C3  . Y1S B 2 .   ? -9.446  -0.468  -8.667  0.49 13.07 ? 1501 Y1S A C3  1 
HETATM 1037 C C9  . Y1S B 2 .   ? -14.989 -2.272  -7.116  0.49 12.04 ? 1501 Y1S A C9  1 
HETATM 1038 F F   . Y1S B 2 .   ? -6.490  -0.849  -14.313 0.49 20.06 ? 1501 Y1S A F   1 
HETATM 1039 F F1  . Y1S B 2 .   ? -6.544  -2.075  -12.568 0.49 21.63 ? 1501 Y1S A F1  1 
HETATM 1040 F F2  . Y1S B 2 .   ? -8.301  -1.706  -13.649 0.49 19.78 ? 1501 Y1S A F2  1 
HETATM 1041 N N2  . Y1S B 2 .   ? -11.467 0.027   -7.449  0.49 13.06 ? 1501 Y1S A N2  1 
HETATM 1042 O O1  . Y1S B 2 .   ? -11.246 -0.582  -5.296  0.49 11.70 ? 1501 Y1S A O1  1 
HETATM 1043 O O2  . Y1S B 2 .   ? -13.852 -1.593  -7.470  0.49 12.49 ? 1501 Y1S A O2  1 
HETATM 1044 O O   . HOH C 3 .   ? -11.801 -11.936 -4.800  1.00 33.09 ? 1601 HOH A O   1 
HETATM 1045 O O   . HOH C 3 .   ? -16.163 13.221  -10.185 1.00 48.88 ? 1602 HOH A O   1 
HETATM 1046 O O   . HOH C 3 .   ? 13.998  14.273  9.062   1.00 41.73 ? 1603 HOH A O   1 
HETATM 1047 O O   . HOH C 3 .   ? -11.579 -2.961  -13.210 1.00 35.81 ? 1604 HOH A O   1 
HETATM 1048 O O   . HOH C 3 .   ? 8.508   -8.394  6.575   1.00 35.98 ? 1605 HOH A O   1 
HETATM 1049 O O   . HOH C 3 .   ? -15.989 -9.362  2.709   1.00 36.95 ? 1606 HOH A O   1 
HETATM 1050 O O   . HOH C 3 .   ? 23.151  8.463   17.344  1.00 39.53 ? 1607 HOH A O   1 
HETATM 1051 O O   . HOH C 3 .   ? -0.986  -12.779 9.442   1.00 35.47 ? 1608 HOH A O   1 
HETATM 1052 O O   . HOH C 3 .   ? -19.335 -1.866  8.619   1.00 44.33 ? 1609 HOH A O   1 
HETATM 1053 O O   . HOH C 3 .   ? -21.762 3.567   -9.435  1.00 43.32 ? 1610 HOH A O   1 
HETATM 1054 O O   . HOH C 3 .   ? -12.023 3.067   -21.517 1.00 51.99 ? 1611 HOH A O   1 
HETATM 1055 O O   . HOH C 3 .   ? -18.539 -0.271  6.988   1.00 42.98 ? 1612 HOH A O   1 
HETATM 1056 O O   . HOH C 3 .   ? -5.875  2.696   -15.779 1.00 41.82 ? 1613 HOH A O   1 
HETATM 1057 O O   . HOH C 3 .   ? 3.115   -13.669 -11.851 1.00 24.51 ? 1614 HOH A O   1 
HETATM 1058 O O   . HOH C 3 .   ? 14.260  9.449   6.904   1.00 35.28 ? 1615 HOH A O   1 
HETATM 1059 O O   . HOH C 3 .   ? -18.217 5.195   0.182   1.00 22.04 ? 1616 HOH A O   1 
HETATM 1060 O O   . HOH C 3 .   ? 14.131  11.545  -7.053  1.00 32.25 ? 1617 HOH A O   1 
HETATM 1061 O O   . HOH C 3 .   ? -3.510  10.879  -5.204  1.00 33.32 ? 1618 HOH A O   1 
HETATM 1062 O O   . HOH C 3 .   ? -7.421  4.488   -5.463  1.00 17.92 ? 1619 HOH A O   1 
HETATM 1063 O O   . HOH C 3 .   ? 15.728  6.506   -4.498  1.00 23.62 ? 1620 HOH A O   1 
HETATM 1064 O O   . HOH C 3 .   ? 4.942   -3.169  13.614  1.00 24.63 ? 1621 HOH A O   1 
HETATM 1065 O O   . HOH C 3 .   ? -19.560 3.409   -11.686 1.00 62.12 ? 1622 HOH A O   1 
HETATM 1066 O O   . HOH C 3 .   ? 3.881   -14.672 6.640   1.00 33.03 ? 1623 HOH A O   1 
HETATM 1067 O O   . HOH C 3 .   ? -15.145 -5.886  5.414   1.00 32.60 ? 1624 HOH A O   1 
HETATM 1068 O O   . HOH C 3 .   ? -17.121 9.465   -0.673  1.00 55.18 ? 1625 HOH A O   1 
HETATM 1069 O O   . HOH C 3 .   ? 0.902   -4.400  10.282  1.00 22.68 ? 1626 HOH A O   1 
HETATM 1070 O O   . HOH C 3 .   ? -18.796 1.077   0.349   1.00 21.78 ? 1627 HOH A O   1 
HETATM 1071 O O   . HOH C 3 .   ? -3.791  -2.375  5.250   1.00 20.81 ? 1628 HOH A O   1 
HETATM 1072 O O   . HOH C 3 .   ? 7.580   9.324   9.411   1.00 36.23 ? 1629 HOH A O   1 
HETATM 1073 O O   . HOH C 3 .   ? -10.119 1.164   -14.578 0.49 18.13 ? 1630 HOH A O   1 
HETATM 1074 O O   . HOH C 3 .   ? -24.161 -3.756  -0.634  1.00 23.10 ? 1631 HOH A O   1 
HETATM 1075 O O   . HOH C 3 .   ? 7.045   -8.542  -8.845  1.00 25.86 ? 1632 HOH A O   1 
HETATM 1076 O O   . HOH C 3 .   ? 7.382   10.903  -5.895  1.00 37.54 ? 1633 HOH A O   1 
HETATM 1077 O O   . HOH C 3 .   ? -7.709  -3.784  5.622   1.00 30.29 ? 1634 HOH A O   1 
HETATM 1078 O O   . HOH C 3 .   ? 17.468  -4.532  19.896  1.00 37.24 ? 1635 HOH A O   1 
HETATM 1079 O O   . HOH C 3 .   ? 16.062  6.066   22.367  1.00 33.88 ? 1636 HOH A O   1 
HETATM 1080 O O   . HOH C 3 .   ? -12.250 13.577  -6.249  1.00 41.94 ? 1637 HOH A O   1 
HETATM 1081 O O   . HOH C 3 .   ? -7.113  -14.270 -9.314  1.00 41.90 ? 1638 HOH A O   1 
HETATM 1082 O O   . HOH C 3 .   ? 15.308  -4.195  -3.892  1.00 50.54 ? 1639 HOH A O   1 
HETATM 1083 O O   . HOH C 3 .   ? -10.328 1.875   -4.780  1.00 17.51 ? 1640 HOH A O   1 
HETATM 1084 O O   . HOH C 3 .   ? 11.119  8.808   10.785  1.00 33.68 ? 1641 HOH A O   1 
HETATM 1085 O O   . HOH C 3 .   ? -0.520  -5.965  -14.429 1.00 28.36 ? 1642 HOH A O   1 
HETATM 1086 O O   . HOH C 3 .   ? -3.734  -12.666 1.987   1.00 28.65 ? 1643 HOH A O   1 
HETATM 1087 O O   . HOH C 3 .   ? 20.347  2.867   14.744  1.00 18.47 ? 1644 HOH A O   1 
HETATM 1088 O O   . HOH C 3 .   ? 22.431  4.616   14.861  1.00 18.01 ? 1645 HOH A O   1 
HETATM 1089 O O   . HOH C 3 .   ? 6.789   -6.605  14.613  1.00 25.61 ? 1646 HOH A O   1 
HETATM 1090 O O   . HOH C 3 .   ? -9.994  6.084   1.629   1.00 20.58 ? 1647 HOH A O   1 
HETATM 1091 O O   . HOH C 3 .   ? 17.086  -3.876  3.771   1.00 29.19 ? 1648 HOH A O   1 
HETATM 1092 O O   . HOH C 3 .   ? 1.704   4.845   8.896   1.00 24.64 ? 1649 HOH A O   1 
HETATM 1093 O O   . HOH C 3 .   ? 11.460  5.057   16.694  1.00 25.80 ? 1650 HOH A O   1 
HETATM 1094 O O   . HOH C 3 .   ? -7.641  -12.537 -10.253 1.00 40.72 ? 1651 HOH A O   1 
HETATM 1095 O O   . HOH C 3 .   ? 17.329  -0.193  2.197   1.00 19.16 ? 1652 HOH A O   1 
HETATM 1096 O O   . HOH C 3 .   ? -6.564  5.273   4.647   1.00 18.19 ? 1653 HOH A O   1 
HETATM 1097 O O   . HOH C 3 .   ? 10.558  -7.366  2.419   1.00 29.89 ? 1654 HOH A O   1 
HETATM 1098 O O   . HOH C 3 .   ? 0.941   4.432   -12.977 1.00 47.38 ? 1655 HOH A O   1 
HETATM 1099 O O   . HOH C 3 .   ? -12.708 -13.517 -3.427  1.00 26.08 ? 1656 HOH A O   1 
HETATM 1100 O O   . HOH C 3 .   ? 10.132  -1.651  17.338  1.00 25.41 ? 1657 HOH A O   1 
HETATM 1101 O O   . HOH C 3 .   ? 6.475   -8.764  9.589   1.00 26.02 ? 1658 HOH A O   1 
HETATM 1102 O O   . HOH C 3 .   ? 15.104  8.041   8.763   1.00 40.70 ? 1659 HOH A O   1 
HETATM 1103 O O   . HOH C 3 .   ? -3.992  6.041   4.903   1.00 18.12 ? 1660 HOH A O   1 
HETATM 1104 O O   . HOH C 3 .   ? -6.844  0.990   5.089   1.00 19.13 ? 1661 HOH A O   1 
HETATM 1105 O O   . HOH C 3 .   ? -21.730 9.704   -7.870  1.00 36.55 ? 1662 HOH A O   1 
HETATM 1106 O O   . HOH C 3 .   ? 2.693   -7.382  -11.815 1.00 26.41 ? 1663 HOH A O   1 
HETATM 1107 O O   . HOH C 3 .   ? 1.962   10.267  -1.345  1.00 30.63 ? 1664 HOH A O   1 
HETATM 1108 O O   . HOH C 3 .   ? -7.643  1.757   -4.286  1.00 19.80 ? 1665 HOH A O   1 
HETATM 1109 O O   . HOH C 3 .   ? -9.951  -2.687  1.668   1.00 16.27 ? 1666 HOH A O   1 
HETATM 1110 O O   . HOH C 3 .   ? 13.113  -1.751  8.684   1.00 18.19 ? 1667 HOH A O   1 
HETATM 1111 O O   . HOH C 3 .   ? 9.383   -2.723  -5.827  1.00 27.58 ? 1668 HOH A O   1 
HETATM 1112 O O   . HOH C 3 .   ? -6.200  -10.473 -10.923 1.00 31.99 ? 1669 HOH A O   1 
HETATM 1113 O O   . HOH C 3 .   ? -5.814  1.403   -6.238  1.00 19.11 ? 1670 HOH A O   1 
HETATM 1114 O O   . HOH C 3 .   ? -15.791 -4.195  -11.683 1.00 42.17 ? 1671 HOH A O   1 
HETATM 1115 O O   . HOH C 3 .   ? 9.674   4.558   18.687  1.00 28.97 ? 1672 HOH A O   1 
HETATM 1116 O O   . HOH C 3 .   ? 10.493  -5.356  -9.688  1.00 34.52 ? 1673 HOH A O   1 
HETATM 1117 O O   . HOH C 3 .   ? -2.572  -9.525  8.517   1.00 26.88 ? 1674 HOH A O   1 
HETATM 1118 O O   . HOH C 3 .   ? 3.172   10.160  -3.964  1.00 28.54 ? 1675 HOH A O   1 
HETATM 1119 O O   . HOH C 3 .   ? 15.499  7.054   -8.425  1.00 52.42 ? 1676 HOH A O   1 
HETATM 1120 O O   . HOH C 3 .   ? 10.427  -9.729  -3.615  1.00 35.65 ? 1677 HOH A O   1 
HETATM 1121 O O   . HOH C 3 .   ? -15.972 -4.151  7.066   1.00 35.85 ? 1678 HOH A O   1 
HETATM 1122 O O   . HOH C 3 .   ? -3.467  -11.499 -1.353  1.00 28.43 ? 1679 HOH A O   1 
HETATM 1123 O O   . HOH C 3 .   ? -7.814  -7.689  5.661   1.00 26.57 ? 1680 HOH A O   1 
HETATM 1124 O O   . HOH C 3 .   ? -11.376 -11.257 1.218   1.00 19.10 ? 1681 HOH A O   1 
HETATM 1125 O O   . HOH C 3 .   ? -23.255 -8.840  -2.924  1.00 55.02 ? 1682 HOH A O   1 
HETATM 1126 O O   . HOH C 3 .   ? -9.551  9.029   -0.846  1.00 20.41 ? 1683 HOH A O   1 
HETATM 1127 O O   . HOH C 3 .   ? 22.401  -4.190  20.810  1.00 46.91 ? 1684 HOH A O   1 
HETATM 1128 O O   . HOH C 3 .   ? 0.446   -13.248 -10.873 1.00 28.46 ? 1685 HOH A O   1 
HETATM 1129 O O   . HOH C 3 .   ? 16.564  -2.036  10.691  1.00 26.17 ? 1686 HOH A O   1 
HETATM 1130 O O   . HOH C 3 .   ? 2.186   9.061   3.044   1.00 24.66 ? 1687 HOH A O   1 
HETATM 1131 O O   . HOH C 3 .   ? -2.788  10.675  8.306   1.00 25.13 ? 1688 HOH A O   1 
HETATM 1132 O O   . HOH C 3 .   ? 14.351  0.370   21.336  1.00 29.12 ? 1689 HOH A O   1 
HETATM 1133 O O   . HOH C 3 .   ? -7.940  -12.724 -7.386  1.00 32.70 ? 1690 HOH A O   1 
HETATM 1134 O O   . HOH C 3 .   ? 16.914  1.082   -2.417  1.00 40.61 ? 1691 HOH A O   1 
HETATM 1135 O O   . HOH C 3 .   ? 10.801  6.529   -9.035  1.00 28.97 ? 1692 HOH A O   1 
HETATM 1136 O O   . HOH C 3 .   ? 11.692  6.868   -0.572  1.00 17.68 ? 1693 HOH A O   1 
HETATM 1137 O O   . HOH C 3 .   ? -12.724 3.222   3.802   1.00 25.02 ? 1694 HOH A O   1 
HETATM 1138 O O   . HOH C 3 .   ? -15.469 10.473  -11.170 1.00 36.73 ? 1695 HOH A O   1 
HETATM 1139 O O   . HOH C 3 .   ? 16.325  0.240   19.947  1.00 21.00 ? 1696 HOH A O   1 
HETATM 1140 O O   . HOH C 3 .   ? 15.770  -4.403  9.412   1.00 26.06 ? 1697 HOH A O   1 
HETATM 1141 O O   . HOH C 3 .   ? 18.256  4.795   -1.599  1.00 24.47 ? 1698 HOH A O   1 
HETATM 1142 O O   . HOH C 3 .   ? 16.694  -2.022  13.946  1.00 42.37 ? 1699 HOH A O   1 
HETATM 1143 O O   . HOH C 3 .   ? 2.635   8.696   -3.086  1.00 35.54 ? 1700 HOH A O   1 
HETATM 1144 O O   . HOH C 3 .   ? -1.029  4.402   8.436   1.00 21.33 ? 1701 HOH A O   1 
HETATM 1145 O O   . HOH C 3 .   ? -3.722  -3.432  -13.611 1.00 32.13 ? 1702 HOH A O   1 
HETATM 1146 O O   . HOH C 3 .   ? -6.619  2.103   -8.658  0.49 16.17 ? 1703 HOH A O   1 
HETATM 1147 O O   . HOH C 3 .   ? 3.138   -10.990 10.839  1.00 40.33 ? 1704 HOH A O   1 
HETATM 1148 O O   . HOH C 3 .   ? 5.547   11.090  0.188   1.00 31.22 ? 1705 HOH A O   1 
HETATM 1149 O O   . HOH C 3 .   ? -16.745 10.668  -14.795 1.00 40.88 ? 1706 HOH A O   1 
HETATM 1150 O O   . HOH C 3 .   ? 1.064   1.577   11.772  1.00 41.73 ? 1707 HOH A O   1 
HETATM 1151 O O   . HOH C 3 .   ? -1.131  -14.901 -12.587 1.00 26.10 ? 1708 HOH A O   1 
HETATM 1152 O O   . HOH C 3 .   ? 3.787   -12.828 -4.168  1.00 36.52 ? 1709 HOH A O   1 
HETATM 1153 O O   . HOH C 3 .   ? -2.106  9.213   2.016   1.00 28.95 ? 1710 HOH A O   1 
HETATM 1154 O O   . HOH C 3 .   ? -4.054  5.901   -8.495  1.00 25.23 ? 1711 HOH A O   1 
HETATM 1155 O O   . HOH C 3 .   ? 19.901  -0.139  4.504   1.00 24.35 ? 1712 HOH A O   1 
HETATM 1156 O O   . HOH C 3 .   ? 12.009  -6.158  8.662   1.00 36.65 ? 1713 HOH A O   1 
HETATM 1157 O O   . HOH C 3 .   ? -11.241 -14.026 0.625   1.00 19.47 ? 1714 HOH A O   1 
HETATM 1158 O O   . HOH C 3 .   ? 17.933  7.766   7.027   1.00 28.24 ? 1715 HOH A O   1 
HETATM 1159 O O   . HOH C 3 .   ? -3.752  12.546  6.255   1.00 24.65 ? 1716 HOH A O   1 
HETATM 1160 O O   . HOH C 3 .   ? -10.740 -2.668  -15.515 0.49 16.18 ? 1717 HOH A O   1 
HETATM 1161 O O   . HOH C 3 .   ? -5.727  -6.361  6.998   1.00 25.22 ? 1718 HOH A O   1 
HETATM 1162 O O   . HOH C 3 .   ? -0.495  -11.042 -11.333 1.00 35.55 ? 1719 HOH A O   1 
HETATM 1163 O O   . HOH C 3 .   ? 14.967  0.456   8.680   1.00 17.64 ? 1720 HOH A O   1 
HETATM 1164 O O   . HOH C 3 .   ? 16.669  4.137   3.226   1.00 21.71 ? 1721 HOH A O   1 
HETATM 1165 O O   . HOH C 3 .   ? -0.937  -14.699 -6.953  1.00 33.97 ? 1722 HOH A O   1 
HETATM 1166 O O   . HOH C 3 .   ? -7.632  6.569   -10.045 1.00 24.27 ? 1723 HOH A O   1 
HETATM 1167 O O   . HOH C 3 .   ? -17.211 -1.431  2.582   1.00 29.29 ? 1724 HOH A O   1 
HETATM 1168 O O   . HOH C 3 .   ? 6.234   -9.129  12.642  1.00 29.93 ? 1725 HOH A O   1 
HETATM 1169 O O   . HOH C 3 .   ? 15.288  6.448   6.941   1.00 46.90 ? 1726 HOH A O   1 
HETATM 1170 O O   . HOH C 3 .   ? -15.692 -6.121  -7.883  1.00 20.75 ? 1727 HOH A O   1 
HETATM 1171 O O   . HOH C 3 .   ? -11.505 -3.407  6.363   1.00 31.12 ? 1728 HOH A O   1 
HETATM 1172 O O   . HOH C 3 .   ? 16.197  5.982   5.205   1.00 25.61 ? 1729 HOH A O   1 
HETATM 1173 O O   . HOH C 3 .   ? 1.013   -0.717  12.195  1.00 30.11 ? 1730 HOH A O   1 
HETATM 1174 O O   . HOH C 3 .   ? -19.164 1.021   -10.829 1.00 44.43 ? 1731 HOH A O   1 
HETATM 1175 O O   . HOH C 3 .   ? -1.600  10.389  0.272   1.00 28.58 ? 1732 HOH A O   1 
HETATM 1176 O O   . HOH C 3 .   ? 5.421   -15.441 -8.386  1.00 43.18 ? 1733 HOH A O   1 
HETATM 1177 O O   . HOH C 3 .   ? 19.498  -3.799  10.819  1.00 35.17 ? 1734 HOH A O   1 
HETATM 1178 O O   . HOH C 3 .   ? -23.381 -8.445  -0.112  1.00 39.48 ? 1735 HOH A O   1 
HETATM 1179 O O   . HOH C 3 .   ? 5.442   -0.321  -11.332 1.00 29.92 ? 1736 HOH A O   1 
HETATM 1180 O O   . HOH C 3 .   ? 1.480   9.071   -9.639  1.00 49.74 ? 1737 HOH A O   1 
HETATM 1181 O O   . HOH C 3 .   ? -8.266  15.675  -3.384  1.00 51.40 ? 1738 HOH A O   1 
HETATM 1182 O O   . HOH C 3 .   ? -12.248 9.626   -0.398  1.00 29.88 ? 1739 HOH A O   1 
HETATM 1183 O O   . HOH C 3 .   ? 6.243   1.908   -10.364 1.00 47.03 ? 1740 HOH A O   1 
HETATM 1184 O O   . HOH C 3 .   ? -10.942 -14.682 -12.268 1.00 19.33 ? 1741 HOH A O   1 
HETATM 1185 O O   . HOH C 3 .   ? 16.851  3.660   23.102  1.00 65.06 ? 1742 HOH A O   1 
HETATM 1186 O O   . HOH C 3 .   ? 2.065   5.938   -11.118 1.00 51.56 ? 1743 HOH A O   1 
HETATM 1187 O O   . HOH C 3 .   ? -4.623  -10.750 -11.935 1.00 50.10 ? 1744 HOH A O   1 
HETATM 1188 O O   . HOH C 3 .   ? -4.687  -14.767 -5.588  1.00 40.03 ? 1745 HOH A O   1 
HETATM 1189 O O   . HOH C 3 .   ? -20.467 12.795  -4.950  1.00 37.53 ? 1746 HOH A O   1 
HETATM 1190 O O   . HOH C 3 .   ? -24.701 -6.266  -1.503  1.00 65.70 ? 1747 HOH A O   1 
HETATM 1191 O O   . HOH C 3 .   ? 17.832  1.729   21.783  1.00 21.49 ? 1748 HOH A O   1 
HETATM 1192 O O   . HOH C 3 .   ? 11.722  -1.212  -6.654  1.00 44.33 ? 1749 HOH A O   1 
HETATM 1193 O O   . HOH C 3 .   ? 2.016   -8.987  -13.888 1.00 32.12 ? 1750 HOH A O   1 
HETATM 1194 O O   . HOH C 3 .   ? -9.462  0.055   4.859   1.00 21.24 ? 1751 HOH A O   1 
HETATM 1195 O O   . HOH C 3 .   ? 6.066   9.782   -7.477  1.00 53.70 ? 1752 HOH A O   1 
HETATM 1196 O O   . HOH C 3 .   ? -13.993 -11.072 1.900   1.00 28.81 ? 1753 HOH A O   1 
HETATM 1197 O O   . HOH C 3 .   ? -17.576 -4.150  -7.302  1.00 28.09 ? 1754 HOH A O   1 
HETATM 1198 O O   . HOH C 3 .   ? 3.394   8.617   8.456   1.00 37.72 ? 1755 HOH A O   1 
HETATM 1199 O O   . HOH C 3 .   ? 2.370   -3.114  12.236  1.00 22.44 ? 1756 HOH A O   1 
HETATM 1200 O O   . HOH C 3 .   ? 12.773  7.177   17.813  1.00 41.90 ? 1757 HOH A O   1 
HETATM 1201 O O   . HOH C 3 .   ? -7.958  -11.666 4.752   1.00 38.26 ? 1758 HOH A O   1 
HETATM 1202 O O   . HOH C 3 .   ? 0.764   -8.401  -15.476 1.00 37.73 ? 1759 HOH A O   1 
HETATM 1203 O O   . HOH C 3 .   ? -16.820 7.373   0.673   1.00 37.65 ? 1760 HOH A O   1 
HETATM 1204 O O   . HOH C 3 .   ? 2.662   3.051   10.418  1.00 30.38 ? 1761 HOH A O   1 
HETATM 1205 O O   . HOH C 3 .   ? -6.479  4.855   -8.144  1.00 19.51 ? 1762 HOH A O   1 
HETATM 1206 O O   . HOH C 3 .   ? -2.439  -10.566 -12.931 1.00 52.15 ? 1763 HOH A O   1 
HETATM 1207 O O   . HOH C 3 .   ? 3.346   4.880   12.965  1.00 36.95 ? 1764 HOH A O   1 
HETATM 1208 O O   . HOH C 3 .   ? -22.815 11.959  -7.516  1.00 69.00 ? 1765 HOH A O   1 
HETATM 1209 O O   . HOH C 3 .   ? -4.783  10.845  6.313   1.00 27.30 ? 1766 HOH A O   1 
HETATM 1210 O O   . HOH C 3 .   ? -15.575 2.922   4.065   1.00 37.06 ? 1767 HOH A O   1 
HETATM 1211 O O   . HOH C 3 .   ? 11.678  -9.576  -8.319  1.00 36.66 ? 1768 HOH A O   1 
HETATM 1212 O O   . HOH C 3 .   ? -5.757  -1.061  6.418   1.00 25.19 ? 1769 HOH A O   1 
HETATM 1213 O O   . HOH C 3 .   ? -10.842 -1.851  -22.387 1.00 49.57 ? 1770 HOH A O   1 
HETATM 1214 O O   . HOH C 3 .   ? -9.940  -11.563 3.633   1.00 42.15 ? 1771 HOH A O   1 
HETATM 1215 O O   . HOH C 3 .   ? -15.934 -7.735  4.819   1.00 46.91 ? 1772 HOH A O   1 
HETATM 1216 O O   . HOH C 3 .   ? -12.475 -5.829  7.021   1.00 37.68 ? 1773 HOH A O   1 
HETATM 1217 O O   . HOH C 3 .   ? 22.973  4.871   25.713  1.00 44.72 ? 1774 HOH A O   1 
HETATM 1218 O O   . HOH C 3 .   ? -2.285  -9.456  -15.278 1.00 62.18 ? 1775 HOH A O   1 
HETATM 1219 O O   . HOH C 3 .   ? -4.018  8.700   4.058   1.00 26.39 ? 1776 HOH A O   1 
HETATM 1220 O O   . HOH C 3 .   ? 19.137  -2.374  2.825   1.00 32.94 ? 1777 HOH A O   1 
HETATM 1221 O O   . HOH C 3 .   ? 18.075  1.224   -0.056  1.00 27.49 ? 1778 HOH A O   1 
HETATM 1222 O O   . HOH C 3 .   ? -9.859  -2.616  4.360   1.00 18.37 ? 1779 HOH A O   1 
HETATM 1223 O O   . HOH C 3 .   ? 13.713  7.682   20.243  1.00 45.98 ? 1780 HOH A O   1 
HETATM 1224 O O   . HOH C 3 .   ? 2.294   -2.374  -12.986 1.00 33.62 ? 1781 HOH A O   1 
HETATM 1225 O O   . HOH C 3 .   ? -8.391  -12.014 -15.465 1.00 29.70 ? 1782 HOH A O   1 
HETATM 1226 O O   . HOH C 3 .   ? 10.153  5.903   20.779  1.00 55.59 ? 1783 HOH A O   1 
HETATM 1227 O O   . HOH C 3 .   ? 19.021  4.069   1.394   0.50 16.46 ? 1784 HOH A O   1 
HETATM 1228 O O   . HOH C 3 .   ? -3.459  8.434   -9.584  1.00 40.11 ? 1785 HOH A O   1 
HETATM 1229 O O   . HOH C 3 .   ? -0.120  -3.270  -14.077 1.00 35.29 ? 1786 HOH A O   1 
HETATM 1230 O O   . HOH C 3 .   ? -8.045  -10.511 7.138   1.00 43.33 ? 1787 HOH A O   1 
HETATM 1231 O O   . HOH C 3 .   ? 10.086  8.642   13.133  1.00 30.65 ? 1788 HOH A O   1 
HETATM 1232 O O   . HOH C 3 .   ? -4.633  -7.225  8.995   1.00 36.19 ? 1789 HOH A O   1 
HETATM 1233 O O   . HOH C 3 .   ? 0.870   10.582  -4.292  1.00 47.87 ? 1790 HOH A O   1 
HETATM 1234 O O   . HOH C 3 .   ? -10.097 -7.924  6.872   1.00 48.81 ? 1791 HOH A O   1 
HETATM 1235 O O   . HOH C 3 .   ? 9.635   6.127   14.526  1.00 37.50 ? 1792 HOH A O   1 
# 
